data_5C8T
#
_entry.id   5C8T
#
_cell.length_a   188.797
_cell.length_b   196.840
_cell.length_c   180.100
_cell.angle_alpha   90.000
_cell.angle_beta   90.000
_cell.angle_gamma   90.000
#
_symmetry.space_group_name_H-M   'C 2 2 21'
#
loop_
_entity.id
_entity.type
_entity.pdbx_description
1 polymer 'Non-structural protein 10'
2 polymer 'Guanine-N7 methyltransferase'
3 non-polymer 'ZINC ION'
4 non-polymer 'MAGNESIUM ION'
5 non-polymer S-ADENOSYLMETHIONINE
#
loop_
_entity_poly.entity_id
_entity_poly.type
_entity_poly.pdbx_seq_one_letter_code
_entity_poly.pdbx_strand_id
1 'polypeptide(L)'
;GPLGSAGNATEVPANSTVLSFCAFAVDPAKAYKDYLASGGQPITNCVKMLCTHTGTGQAITVTPEANMDQESFGGASCCL
YCRCHIDHPNPKGFCDLKGKYVQIPTTCANDPVGFTLRNTVCTVCGMWKGYGCSCDQLREPLMQ
;
A,C
2 'polypeptide(L)'
;MAENVTGLFKDCSKIITGLHPTQAPTHLSVDIKFKTEGLCVDIPGIPKDMTYRRLISMMGFKMNYQVNGYPNMFITREEA
IRHVRAWIGFDVEGCHATRDAVGTNLPLQLGFSTGVNLVAVPTGYVDTENNTEFTRVNAKPPPGDQFKHLIPLMYKGLPW
NVVRIKIVQMLSDTLKGLSDRVVFVLWAHGFELTSMKYFVKIGPERTCCLCDKRATCFSTSSDTYACWNHSVGFDYVYNP
FMIDVQQWGFTGNLQSNHDQHCQVHGNAHVASCDAIMTRCLAVHECFVKRVDWSVEYPIIGDELRVNSACRKVQHMVVKS
ALLADKFPVLHDIGNPKAIKCVPQAEVEWKFYDAQPCSDKAYKIEELFYSYATHHDKFTDGVCLFWNCNVDRYPANAIVC
RFDTRVLSNLNLPGCDGGSLYVNKHAFHTPAFDKSAFTNLKQLPFFYYSDSPCESHGKQVVSDIDYVPLKSATCITRCNL
GGAVCRHHANEYRQYLDAYNMMISAGFSLWIYKQFDTYNLWNTFTRLQ
;
B,D
#
# COMPACT_ATOMS: atom_id res chain seq x y z
N GLY A 4 -3.37 -7.12 -38.39
CA GLY A 4 -4.77 -7.13 -38.06
C GLY A 4 -5.50 -8.33 -38.63
N SER A 5 -4.78 -9.14 -39.39
CA SER A 5 -5.33 -10.38 -39.95
C SER A 5 -6.65 -10.16 -40.70
N ALA A 6 -6.63 -9.55 -41.88
CA ALA A 6 -5.43 -9.09 -42.59
C ALA A 6 -4.44 -10.20 -42.94
N GLY A 7 -4.93 -11.31 -43.47
CA GLY A 7 -4.09 -12.42 -43.90
C GLY A 7 -4.85 -13.72 -44.09
N ASN A 8 -4.17 -14.76 -44.56
CA ASN A 8 -4.79 -16.07 -44.75
C ASN A 8 -4.24 -17.10 -43.77
N ALA A 9 -5.12 -17.65 -42.93
CA ALA A 9 -4.71 -18.57 -41.87
C ALA A 9 -4.34 -19.94 -42.42
N THR A 10 -3.10 -20.35 -42.18
CA THR A 10 -2.59 -21.62 -42.70
C THR A 10 -2.67 -22.81 -41.74
N GLU A 11 -3.00 -22.54 -40.48
CA GLU A 11 -2.84 -23.57 -39.47
C GLU A 11 -3.96 -23.68 -38.43
N VAL A 12 -4.22 -24.93 -38.03
CA VAL A 12 -5.16 -25.24 -36.97
C VAL A 12 -4.44 -25.32 -35.61
N PRO A 13 -5.08 -24.80 -34.56
CA PRO A 13 -4.50 -24.73 -33.21
C PRO A 13 -3.94 -26.06 -32.71
N ALA A 14 -4.51 -27.18 -33.15
CA ALA A 14 -4.09 -28.48 -32.64
C ALA A 14 -2.61 -28.77 -32.90
N ASN A 15 -2.05 -28.09 -33.90
CA ASN A 15 -0.65 -28.27 -34.26
C ASN A 15 0.30 -27.22 -33.69
N SER A 16 -0.24 -26.26 -32.95
CA SER A 16 0.55 -25.13 -32.46
C SER A 16 1.81 -25.54 -31.70
N THR A 17 1.63 -26.11 -30.51
CA THR A 17 2.75 -26.42 -29.63
C THR A 17 3.85 -27.23 -30.32
N VAL A 18 3.44 -28.29 -31.01
CA VAL A 18 4.37 -29.15 -31.73
C VAL A 18 5.21 -28.32 -32.70
N LEU A 19 4.54 -27.48 -33.48
CA LEU A 19 5.22 -26.66 -34.47
C LEU A 19 6.07 -25.55 -33.83
N SER A 20 5.57 -24.99 -32.72
CA SER A 20 6.34 -24.03 -31.96
C SER A 20 7.58 -24.70 -31.41
N PHE A 21 7.40 -25.92 -30.92
CA PHE A 21 8.47 -26.70 -30.31
C PHE A 21 9.61 -26.96 -31.29
N CYS A 22 9.27 -27.55 -32.43
CA CYS A 22 10.27 -27.95 -33.43
C CYS A 22 10.91 -26.76 -34.12
N ALA A 23 10.18 -25.65 -34.22
CA ALA A 23 10.74 -24.43 -34.79
C ALA A 23 11.97 -23.97 -34.01
N PHE A 24 11.86 -23.92 -32.69
CA PHE A 24 12.95 -23.41 -31.85
C PHE A 24 14.09 -24.39 -31.65
N ALA A 25 13.80 -25.68 -31.76
CA ALA A 25 14.77 -26.72 -31.46
C ALA A 25 16.01 -26.67 -32.36
N VAL A 26 17.16 -27.04 -31.80
CA VAL A 26 18.40 -27.16 -32.56
C VAL A 26 18.32 -28.38 -33.47
N ASP A 27 17.81 -29.48 -32.93
CA ASP A 27 17.49 -30.64 -33.73
C ASP A 27 15.98 -30.77 -33.73
N PRO A 28 15.35 -30.39 -34.86
CA PRO A 28 13.89 -30.49 -34.99
C PRO A 28 13.44 -31.93 -35.06
N ALA A 29 14.23 -32.76 -35.73
CA ALA A 29 13.88 -34.16 -35.94
C ALA A 29 13.74 -34.88 -34.61
N LYS A 30 14.76 -34.80 -33.77
CA LYS A 30 14.70 -35.39 -32.44
C LYS A 30 13.53 -34.86 -31.65
N ALA A 31 13.41 -33.53 -31.60
CA ALA A 31 12.35 -32.88 -30.83
C ALA A 31 10.98 -33.46 -31.17
N TYR A 32 10.76 -33.77 -32.45
CA TYR A 32 9.50 -34.33 -32.89
C TYR A 32 9.30 -35.75 -32.37
N LYS A 33 10.29 -36.61 -32.60
CA LYS A 33 10.21 -38.00 -32.14
C LYS A 33 10.04 -38.03 -30.63
N ASP A 34 10.79 -37.17 -29.93
CA ASP A 34 10.65 -37.03 -28.49
C ASP A 34 9.23 -36.63 -28.12
N TYR A 35 8.72 -35.61 -28.80
CA TYR A 35 7.38 -35.10 -28.51
C TYR A 35 6.33 -36.20 -28.64
N LEU A 36 6.53 -37.08 -29.61
CA LEU A 36 5.66 -38.23 -29.78
C LEU A 36 5.70 -39.14 -28.55
N ALA A 37 6.91 -39.45 -28.10
CA ALA A 37 7.09 -40.31 -26.94
C ALA A 37 6.35 -39.76 -25.72
N SER A 38 6.37 -38.44 -25.56
CA SER A 38 5.74 -37.80 -24.41
C SER A 38 4.23 -37.99 -24.41
N GLY A 39 3.70 -38.49 -25.53
CA GLY A 39 2.28 -38.74 -25.67
C GLY A 39 1.58 -37.62 -26.43
N GLY A 40 2.36 -36.67 -26.92
CA GLY A 40 1.82 -35.58 -27.71
C GLY A 40 1.31 -36.05 -29.06
N GLN A 41 0.31 -35.37 -29.59
CA GLN A 41 -0.31 -35.79 -30.84
C GLN A 41 0.60 -35.54 -32.04
N PRO A 42 0.56 -36.46 -33.02
CA PRO A 42 1.31 -36.33 -34.27
C PRO A 42 0.71 -35.23 -35.15
N ILE A 43 1.54 -34.59 -35.95
CA ILE A 43 1.08 -33.47 -36.77
C ILE A 43 -0.02 -33.89 -37.75
N THR A 44 -1.09 -33.12 -37.76
CA THR A 44 -2.25 -33.39 -38.61
C THR A 44 -2.43 -32.24 -39.60
N ASN A 45 -3.48 -32.29 -40.40
CA ASN A 45 -3.80 -31.24 -41.37
C ASN A 45 -3.05 -31.37 -42.69
N CYS A 46 -2.18 -32.38 -42.79
CA CYS A 46 -1.46 -32.66 -44.02
C CYS A 46 -2.46 -32.93 -45.15
N VAL A 47 -2.05 -32.62 -46.39
CA VAL A 47 -2.95 -32.70 -47.53
C VAL A 47 -3.12 -34.14 -48.03
N LYS A 48 -4.36 -34.60 -48.02
CA LYS A 48 -4.69 -35.99 -48.32
C LYS A 48 -5.34 -36.11 -49.69
N MET A 49 -4.82 -37.00 -50.51
CA MET A 49 -5.22 -37.08 -51.92
C MET A 49 -6.31 -38.10 -52.22
N LEU A 50 -7.35 -37.66 -52.91
CA LEU A 50 -8.31 -38.60 -53.48
C LEU A 50 -7.64 -39.20 -54.71
N CYS A 51 -7.52 -40.51 -54.73
CA CYS A 51 -6.67 -41.18 -55.71
C CYS A 51 -7.31 -42.42 -56.32
N THR A 52 -6.79 -42.82 -57.47
CA THR A 52 -7.23 -44.03 -58.14
C THR A 52 -6.69 -45.25 -57.41
N HIS A 53 -5.58 -45.07 -56.71
CA HIS A 53 -4.98 -46.11 -55.88
C HIS A 53 -4.39 -47.26 -56.69
N THR A 54 -4.58 -47.21 -58.02
CA THR A 54 -3.77 -48.00 -58.92
C THR A 54 -2.61 -47.15 -59.45
N GLY A 55 -1.39 -47.57 -59.18
CA GLY A 55 -0.20 -46.85 -59.58
C GLY A 55 1.01 -47.41 -58.89
N THR A 56 2.19 -46.89 -59.25
CA THR A 56 3.43 -47.32 -58.62
C THR A 56 3.41 -47.00 -57.13
N GLY A 57 4.14 -47.78 -56.34
CA GLY A 57 4.23 -47.56 -54.92
C GLY A 57 5.32 -46.54 -54.57
N GLN A 58 5.95 -46.00 -55.60
CA GLN A 58 7.09 -45.12 -55.43
C GLN A 58 6.77 -43.95 -54.51
N ALA A 59 7.72 -43.64 -53.61
CA ALA A 59 7.52 -42.61 -52.59
C ALA A 59 7.53 -41.20 -53.17
N ILE A 60 8.51 -40.91 -54.01
CA ILE A 60 8.57 -39.62 -54.69
C ILE A 60 8.00 -39.73 -56.10
N THR A 61 6.91 -39.02 -56.36
CA THR A 61 6.27 -39.05 -57.67
C THR A 61 5.78 -37.67 -58.08
N VAL A 62 5.80 -37.40 -59.39
CA VAL A 62 5.40 -36.11 -59.91
C VAL A 62 3.88 -35.99 -59.95
N THR A 63 3.19 -37.13 -59.99
CA THR A 63 1.75 -37.17 -59.78
C THR A 63 1.45 -38.30 -58.80
N PRO A 64 0.34 -38.18 -58.06
CA PRO A 64 0.02 -39.18 -57.03
C PRO A 64 -0.01 -40.60 -57.59
N GLU A 65 0.71 -41.50 -56.93
CA GLU A 65 0.73 -42.92 -57.27
C GLU A 65 0.57 -43.73 -56.00
N ALA A 66 -0.53 -44.50 -55.93
CA ALA A 66 -0.88 -45.18 -54.69
C ALA A 66 -1.23 -46.65 -54.89
N ASN A 67 -1.35 -47.36 -53.79
CA ASN A 67 -1.76 -48.75 -53.79
C ASN A 67 -2.96 -48.92 -52.88
N MET A 68 -3.64 -50.05 -52.97
CA MET A 68 -4.70 -50.39 -52.03
C MET A 68 -4.17 -50.29 -50.60
N ASP A 69 -2.89 -50.56 -50.44
CA ASP A 69 -2.23 -50.43 -49.14
C ASP A 69 -1.86 -48.98 -48.82
N GLN A 70 -1.27 -48.30 -49.80
CA GLN A 70 -0.81 -46.92 -49.64
C GLN A 70 -1.94 -45.90 -49.64
N GLU A 71 -1.64 -44.72 -49.12
CA GLU A 71 -2.44 -43.52 -49.35
C GLU A 71 -1.50 -42.39 -49.80
N SER A 72 -2.06 -41.38 -50.46
CA SER A 72 -1.24 -40.33 -51.07
C SER A 72 -1.38 -38.97 -50.40
N PHE A 73 -0.26 -38.28 -50.26
CA PHE A 73 -0.22 -36.97 -49.62
C PHE A 73 0.62 -35.98 -50.42
N GLY A 74 0.23 -34.70 -50.40
CA GLY A 74 1.04 -33.66 -50.98
C GLY A 74 2.34 -33.53 -50.22
N GLY A 75 3.46 -33.63 -50.93
CA GLY A 75 4.76 -33.77 -50.30
C GLY A 75 5.09 -32.76 -49.22
N ALA A 76 4.93 -31.47 -49.54
CA ALA A 76 5.34 -30.39 -48.64
C ALA A 76 4.70 -30.49 -47.27
N SER A 77 3.45 -30.95 -47.24
CA SER A 77 2.69 -31.08 -45.99
C SER A 77 3.19 -32.27 -45.17
N CYS A 78 3.85 -33.21 -45.83
CA CYS A 78 4.42 -34.37 -45.14
C CYS A 78 5.86 -34.13 -44.65
N CYS A 79 6.47 -33.02 -45.09
CA CYS A 79 7.85 -32.72 -44.70
C CYS A 79 7.95 -31.77 -43.51
N LEU A 80 8.61 -32.22 -42.45
CA LEU A 80 8.69 -31.44 -41.20
C LEU A 80 9.32 -30.07 -41.37
N TYR A 81 10.42 -30.03 -42.13
CA TYR A 81 11.17 -28.79 -42.34
C TYR A 81 10.38 -27.75 -43.15
N CYS A 82 9.68 -28.23 -44.17
CA CYS A 82 8.74 -27.41 -44.93
C CYS A 82 7.63 -26.90 -44.02
N ARG A 83 7.17 -27.78 -43.13
CA ARG A 83 6.01 -27.52 -42.29
C ARG A 83 6.28 -26.49 -41.20
N CYS A 84 7.47 -26.54 -40.62
CA CYS A 84 7.83 -25.62 -39.54
C CYS A 84 8.54 -24.37 -40.08
N HIS A 85 8.77 -24.35 -41.39
CA HIS A 85 9.47 -23.24 -42.04
C HIS A 85 10.84 -23.00 -41.41
N ILE A 86 11.64 -24.05 -41.33
CA ILE A 86 13.01 -23.96 -40.88
C ILE A 86 13.92 -24.53 -41.96
N ASP A 87 15.21 -24.24 -41.89
CA ASP A 87 16.16 -24.69 -42.90
C ASP A 87 16.18 -26.20 -43.07
N HIS A 88 16.47 -26.65 -44.28
CA HIS A 88 16.46 -28.09 -44.59
C HIS A 88 17.80 -28.77 -44.36
N PRO A 89 17.73 -30.00 -43.83
CA PRO A 89 18.92 -30.79 -43.46
C PRO A 89 19.90 -30.94 -44.61
N ASN A 90 19.40 -30.94 -45.85
CA ASN A 90 20.28 -30.86 -47.01
C ASN A 90 21.01 -29.51 -46.97
N PRO A 91 22.35 -29.56 -46.93
CA PRO A 91 23.15 -28.37 -46.61
C PRO A 91 22.75 -27.18 -47.47
N LYS A 92 22.58 -27.39 -48.77
CA LYS A 92 22.09 -26.33 -49.64
C LYS A 92 21.15 -26.75 -50.77
N GLY A 93 19.99 -26.11 -50.84
CA GLY A 93 19.30 -25.62 -49.65
C GLY A 93 18.00 -26.39 -49.58
N PHE A 94 17.90 -27.38 -50.46
CA PHE A 94 16.63 -27.79 -51.04
C PHE A 94 15.94 -29.00 -50.41
N CYS A 95 14.60 -28.94 -50.40
CA CYS A 95 13.76 -30.04 -49.93
C CYS A 95 13.45 -31.04 -51.05
N ASP A 96 13.39 -32.31 -50.70
CA ASP A 96 13.05 -33.37 -51.66
C ASP A 96 11.55 -33.42 -51.92
N LEU A 97 10.78 -33.41 -50.84
CA LEU A 97 9.35 -33.72 -50.91
C LEU A 97 8.49 -32.63 -51.56
N LYS A 98 8.90 -31.37 -51.43
CA LYS A 98 8.13 -30.27 -51.98
C LYS A 98 8.06 -30.36 -53.51
N GLY A 99 6.86 -30.16 -54.06
CA GLY A 99 6.67 -30.21 -55.49
C GLY A 99 6.34 -31.58 -56.04
N LYS A 100 6.36 -32.58 -55.16
CA LYS A 100 6.03 -33.95 -55.55
C LYS A 100 5.09 -34.57 -54.55
N TYR A 101 4.29 -35.54 -54.99
CA TYR A 101 3.40 -36.25 -54.10
C TYR A 101 4.13 -37.39 -53.39
N VAL A 102 3.73 -37.66 -52.16
CA VAL A 102 4.39 -38.70 -51.35
C VAL A 102 3.38 -39.72 -50.82
N GLN A 103 3.76 -40.99 -50.88
CA GLN A 103 2.86 -42.09 -50.53
C GLN A 103 3.26 -42.79 -49.23
N ILE A 104 2.27 -43.09 -48.40
CA ILE A 104 2.51 -43.74 -47.10
C ILE A 104 1.61 -44.96 -46.92
N PRO A 105 2.15 -46.03 -46.30
CA PRO A 105 1.32 -47.16 -45.90
C PRO A 105 0.19 -46.69 -44.99
N THR A 106 -1.03 -47.13 -45.27
CA THR A 106 -2.21 -46.62 -44.57
C THR A 106 -2.13 -46.79 -43.07
N THR A 107 -1.64 -47.96 -42.63
CA THR A 107 -1.46 -48.21 -41.21
C THR A 107 -0.54 -47.18 -40.58
N CYS A 108 0.48 -46.77 -41.33
CA CYS A 108 1.46 -45.81 -40.81
C CYS A 108 1.07 -44.39 -41.22
N ALA A 109 -0.06 -44.26 -41.89
CA ALA A 109 -0.51 -42.98 -42.44
C ALA A 109 -0.99 -42.00 -41.38
N ASN A 110 -1.20 -42.47 -40.15
CA ASN A 110 -1.62 -41.60 -39.05
C ASN A 110 -0.65 -40.45 -38.85
N ASP A 111 0.64 -40.76 -38.90
CA ASP A 111 1.69 -39.76 -38.74
C ASP A 111 2.57 -39.71 -40.00
N PRO A 112 2.05 -39.07 -41.07
CA PRO A 112 2.79 -38.96 -42.33
C PRO A 112 4.06 -38.15 -42.16
N VAL A 113 4.04 -37.14 -41.31
CA VAL A 113 5.17 -36.24 -41.12
C VAL A 113 6.41 -36.97 -40.61
N GLY A 114 6.25 -37.78 -39.57
CA GLY A 114 7.36 -38.52 -39.00
C GLY A 114 7.88 -39.59 -39.94
N PHE A 115 6.97 -40.24 -40.67
CA PHE A 115 7.32 -41.31 -41.59
C PHE A 115 8.38 -40.85 -42.58
N THR A 116 8.23 -39.62 -43.06
CA THR A 116 9.16 -39.06 -44.02
C THR A 116 10.53 -38.84 -43.38
N LEU A 117 10.53 -38.58 -42.06
CA LEU A 117 11.77 -38.40 -41.32
C LEU A 117 12.50 -39.73 -41.11
N ARG A 118 11.74 -40.74 -40.68
CA ARG A 118 12.32 -41.99 -40.22
C ARG A 118 13.00 -42.81 -41.32
N ASN A 119 12.49 -42.70 -42.54
CA ASN A 119 12.86 -43.62 -43.61
C ASN A 119 13.54 -42.95 -44.80
N THR A 120 14.28 -43.75 -45.57
CA THR A 120 14.93 -43.27 -46.77
C THR A 120 14.57 -44.15 -47.96
N VAL A 121 14.36 -43.51 -49.11
CA VAL A 121 14.04 -44.24 -50.33
C VAL A 121 15.28 -44.89 -50.93
N CYS A 122 15.13 -46.12 -51.41
CA CYS A 122 16.22 -46.83 -52.06
C CYS A 122 16.46 -46.28 -53.46
N THR A 123 17.73 -46.11 -53.82
CA THR A 123 18.09 -45.45 -55.07
C THR A 123 17.81 -46.27 -56.34
N VAL A 124 17.64 -47.57 -56.19
CA VAL A 124 17.50 -48.45 -57.33
C VAL A 124 16.09 -48.40 -57.94
N CYS A 125 15.10 -48.86 -57.19
CA CYS A 125 13.73 -48.85 -57.69
C CYS A 125 12.99 -47.55 -57.39
N GLY A 126 13.58 -46.70 -56.55
CA GLY A 126 12.95 -45.43 -56.19
C GLY A 126 11.71 -45.64 -55.35
N MET A 127 11.78 -46.60 -54.44
CA MET A 127 10.65 -46.99 -53.62
C MET A 127 11.03 -47.05 -52.15
N TRP A 128 10.03 -47.09 -51.27
CA TRP A 128 10.26 -47.19 -49.83
C TRP A 128 11.13 -48.40 -49.50
N LYS A 129 12.05 -48.21 -48.56
CA LYS A 129 12.96 -49.28 -48.13
C LYS A 129 12.39 -50.01 -46.93
N GLY A 130 12.08 -51.29 -47.10
CA GLY A 130 11.61 -52.13 -46.01
C GLY A 130 10.11 -52.19 -45.82
N TYR A 131 9.41 -51.16 -46.33
CA TYR A 131 7.95 -51.09 -46.25
C TYR A 131 7.14 -51.56 -47.47
N GLY A 132 7.76 -52.08 -48.53
CA GLY A 132 9.12 -52.59 -48.51
C GLY A 132 9.78 -52.63 -49.87
N CYS A 133 10.96 -53.26 -49.91
CA CYS A 133 11.83 -53.20 -51.07
C CYS A 133 12.30 -54.59 -51.50
N SER A 134 12.27 -54.86 -52.80
CA SER A 134 12.78 -56.11 -53.35
C SER A 134 14.29 -56.09 -53.36
N CYS A 135 14.84 -54.88 -53.33
CA CYS A 135 16.29 -54.71 -53.32
C CYS A 135 16.85 -55.14 -51.97
N ASP A 136 18.14 -55.48 -51.96
CA ASP A 136 18.86 -55.76 -50.71
C ASP A 136 18.05 -56.65 -49.76
N ALA B 2 -17.08 -24.46 -38.15
CA ALA B 2 -15.81 -25.18 -38.26
C ALA B 2 -15.00 -24.69 -39.45
N GLU B 3 -13.71 -24.48 -39.25
CA GLU B 3 -13.07 -24.79 -37.97
C GLU B 3 -12.16 -23.66 -37.52
N ASN B 4 -11.73 -23.71 -36.26
CA ASN B 4 -10.81 -22.71 -35.73
C ASN B 4 -9.43 -22.73 -36.40
N VAL B 5 -8.76 -21.59 -36.38
CA VAL B 5 -7.41 -21.43 -36.93
C VAL B 5 -6.56 -20.57 -36.01
N THR B 6 -5.24 -20.61 -36.19
CA THR B 6 -4.33 -20.05 -35.19
C THR B 6 -4.43 -18.52 -35.05
N GLY B 7 -4.21 -17.75 -36.11
CA GLY B 7 -3.32 -18.11 -37.19
C GLY B 7 -1.87 -17.96 -36.74
N LEU B 8 -1.10 -19.03 -36.92
CA LEU B 8 0.32 -19.03 -36.62
C LEU B 8 0.92 -19.67 -37.86
N PHE B 9 1.91 -19.00 -38.45
CA PHE B 9 2.30 -19.26 -39.83
C PHE B 9 1.19 -18.84 -40.79
N LYS B 10 0.40 -17.85 -40.39
CA LYS B 10 -0.64 -17.29 -41.24
C LYS B 10 -0.02 -16.73 -42.52
N ASP B 11 -0.60 -17.05 -43.67
CA ASP B 11 -0.01 -16.62 -44.93
C ASP B 11 -0.34 -15.17 -45.16
N CYS B 12 0.69 -14.34 -45.19
CA CYS B 12 0.53 -12.90 -45.21
C CYS B 12 0.67 -12.31 -46.61
N SER B 13 0.89 -13.18 -47.59
CA SER B 13 1.05 -12.75 -48.98
C SER B 13 -0.25 -12.16 -49.49
N LYS B 14 -0.16 -11.33 -50.51
CA LYS B 14 -1.34 -10.69 -51.09
C LYS B 14 -1.89 -11.49 -52.28
N ILE B 15 -1.30 -12.66 -52.50
CA ILE B 15 -1.74 -13.54 -53.58
C ILE B 15 -3.10 -14.14 -53.26
N ILE B 16 -4.02 -14.01 -54.21
CA ILE B 16 -5.17 -14.88 -54.21
C ILE B 16 -4.72 -16.20 -54.80
N THR B 17 -5.42 -17.28 -54.45
CA THR B 17 -5.23 -18.55 -55.11
C THR B 17 -3.82 -19.13 -55.04
N GLY B 18 -3.40 -19.40 -53.81
CA GLY B 18 -2.42 -20.44 -53.57
C GLY B 18 -3.31 -21.58 -53.11
N LEU B 19 -2.79 -22.79 -52.97
CA LEU B 19 -1.43 -23.16 -53.32
C LEU B 19 -1.54 -24.59 -53.83
N HIS B 20 -0.72 -24.96 -54.82
CA HIS B 20 -0.77 -26.32 -55.36
C HIS B 20 -0.59 -27.33 -54.23
N PRO B 21 -1.31 -28.48 -54.31
CA PRO B 21 -1.35 -29.49 -53.23
C PRO B 21 0.01 -30.07 -52.86
N THR B 22 0.96 -30.01 -53.79
CA THR B 22 2.36 -30.13 -53.45
C THR B 22 2.90 -28.71 -53.46
N GLN B 23 3.88 -28.42 -52.61
CA GLN B 23 4.31 -27.06 -52.32
C GLN B 23 3.18 -26.28 -51.64
N ALA B 24 2.29 -27.04 -51.00
CA ALA B 24 1.32 -26.49 -50.06
C ALA B 24 1.62 -27.06 -48.68
N PRO B 25 1.93 -26.18 -47.73
CA PRO B 25 2.35 -26.63 -46.39
C PRO B 25 1.23 -27.31 -45.65
N THR B 26 -0.01 -27.06 -46.07
CA THR B 26 -1.17 -27.47 -45.30
C THR B 26 -2.39 -27.67 -46.19
N HIS B 27 -3.38 -28.39 -45.67
CA HIS B 27 -4.65 -28.57 -46.38
C HIS B 27 -5.42 -27.26 -46.40
N LEU B 28 -5.27 -26.49 -45.33
CA LEU B 28 -5.96 -25.21 -45.19
C LEU B 28 -5.76 -24.33 -46.41
N SER B 29 -4.52 -24.22 -46.87
CA SER B 29 -4.30 -23.57 -48.15
C SER B 29 -3.81 -24.56 -49.21
N VAL B 30 -4.75 -24.92 -50.07
CA VAL B 30 -4.53 -25.43 -51.41
C VAL B 30 -5.74 -24.81 -52.06
N ASP B 31 -5.63 -24.34 -53.30
CA ASP B 31 -6.73 -23.56 -53.86
C ASP B 31 -8.02 -24.38 -53.85
N ILE B 32 -9.15 -23.69 -53.75
CA ILE B 32 -10.46 -24.34 -53.72
C ILE B 32 -10.56 -25.29 -54.89
N LYS B 33 -9.84 -24.96 -55.95
CA LYS B 33 -9.87 -25.70 -57.20
C LYS B 33 -9.37 -27.14 -57.04
N PHE B 34 -8.45 -27.36 -56.12
CA PHE B 34 -7.94 -28.71 -55.87
C PHE B 34 -8.74 -29.46 -54.81
N LYS B 35 -9.62 -28.75 -54.10
CA LYS B 35 -10.39 -29.35 -53.01
C LYS B 35 -11.72 -29.94 -53.45
N THR B 36 -11.96 -31.19 -53.06
CA THR B 36 -13.26 -31.81 -53.23
C THR B 36 -13.52 -32.83 -52.11
N GLU B 37 -14.77 -32.88 -51.66
CA GLU B 37 -15.19 -33.86 -50.66
C GLU B 37 -14.28 -33.94 -49.43
N GLY B 38 -13.84 -32.78 -48.94
CA GLY B 38 -12.99 -32.75 -47.76
C GLY B 38 -11.61 -33.29 -48.05
N LEU B 39 -11.29 -33.40 -49.33
CA LEU B 39 -9.98 -33.88 -49.77
C LEU B 39 -9.32 -32.91 -50.74
N CYS B 40 -8.17 -33.32 -51.24
CA CYS B 40 -7.50 -32.62 -52.34
C CYS B 40 -7.22 -33.63 -53.45
N VAL B 41 -7.11 -33.12 -54.68
CA VAL B 41 -6.85 -34.00 -55.81
C VAL B 41 -5.96 -33.31 -56.84
N ASP B 42 -5.06 -34.08 -57.45
CA ASP B 42 -4.10 -33.53 -58.39
C ASP B 42 -4.69 -33.37 -59.79
N ILE B 43 -4.71 -32.14 -60.28
CA ILE B 43 -5.09 -31.87 -61.65
C ILE B 43 -3.85 -31.40 -62.42
N PRO B 44 -3.32 -32.28 -63.28
CA PRO B 44 -2.12 -31.92 -64.05
C PRO B 44 -2.33 -30.62 -64.84
N GLY B 45 -3.56 -30.39 -65.29
CA GLY B 45 -3.89 -29.23 -66.10
C GLY B 45 -3.65 -27.88 -65.43
N ILE B 46 -3.99 -27.77 -64.16
CA ILE B 46 -3.75 -26.55 -63.40
C ILE B 46 -2.47 -26.70 -62.59
N PRO B 47 -1.40 -26.02 -63.03
CA PRO B 47 -0.01 -26.23 -62.62
C PRO B 47 0.34 -25.63 -61.27
N LYS B 48 1.41 -26.16 -60.68
CA LYS B 48 2.03 -25.55 -59.53
C LYS B 48 2.88 -24.37 -60.00
N ASP B 49 2.99 -23.35 -59.16
CA ASP B 49 3.73 -22.15 -59.54
C ASP B 49 5.23 -22.43 -59.57
N MET B 50 5.89 -21.91 -60.60
CA MET B 50 7.34 -22.04 -60.73
C MET B 50 8.05 -21.09 -59.76
N THR B 51 7.47 -19.92 -59.56
CA THR B 51 8.04 -18.91 -58.66
C THR B 51 6.98 -18.22 -57.81
N TYR B 52 7.15 -18.26 -56.50
CA TYR B 52 6.28 -17.53 -55.58
C TYR B 52 7.00 -17.18 -54.27
N ARG B 53 6.63 -16.04 -53.69
CA ARG B 53 7.18 -15.63 -52.40
C ARG B 53 6.04 -15.29 -51.44
N ARG B 54 5.90 -16.10 -50.39
CA ARG B 54 4.82 -15.92 -49.43
C ARG B 54 5.33 -15.71 -48.03
N LEU B 55 5.08 -14.52 -47.48
CA LEU B 55 5.51 -14.22 -46.12
C LEU B 55 4.72 -15.04 -45.12
N ILE B 56 5.42 -15.72 -44.22
CA ILE B 56 4.79 -16.53 -43.19
C ILE B 56 4.92 -15.85 -41.83
N SER B 57 3.79 -15.63 -41.16
CA SER B 57 3.78 -14.90 -39.90
C SER B 57 4.30 -15.74 -38.74
N MET B 58 5.18 -15.15 -37.93
CA MET B 58 5.77 -15.81 -36.77
C MET B 58 5.03 -15.49 -35.47
N MET B 59 3.93 -14.77 -35.60
CA MET B 59 3.17 -14.31 -34.42
C MET B 59 2.27 -15.39 -33.81
N GLY B 60 2.13 -15.34 -32.48
CA GLY B 60 1.32 -16.32 -31.76
C GLY B 60 2.01 -17.66 -31.57
N PHE B 61 3.25 -17.62 -31.13
CA PHE B 61 4.05 -18.84 -30.97
C PHE B 61 3.50 -19.82 -29.94
N LYS B 62 2.91 -19.31 -28.86
CA LYS B 62 2.11 -20.14 -27.97
C LYS B 62 2.70 -21.51 -27.68
N MET B 63 3.79 -21.55 -26.91
CA MET B 63 4.45 -22.82 -26.65
C MET B 63 4.34 -23.27 -25.19
N ASN B 64 3.53 -24.30 -24.96
CA ASN B 64 3.46 -24.96 -23.67
C ASN B 64 3.51 -26.46 -23.90
N TYR B 65 4.57 -27.10 -23.43
CA TYR B 65 4.83 -28.48 -23.77
C TYR B 65 5.65 -29.16 -22.70
N GLN B 66 5.43 -30.46 -22.51
CA GLN B 66 6.21 -31.22 -21.56
C GLN B 66 6.92 -32.38 -22.26
N VAL B 67 8.24 -32.27 -22.35
CA VAL B 67 9.07 -33.36 -22.83
C VAL B 67 10.19 -33.56 -21.82
N ASN B 68 10.46 -34.81 -21.48
CA ASN B 68 11.37 -35.14 -20.38
C ASN B 68 12.72 -34.44 -20.44
N GLY B 69 13.39 -34.54 -21.58
CA GLY B 69 14.71 -33.95 -21.73
C GLY B 69 14.70 -32.44 -21.85
N TYR B 70 13.54 -31.86 -22.08
CA TYR B 70 13.43 -30.44 -22.39
C TYR B 70 12.83 -29.61 -21.26
N PRO B 71 13.59 -28.60 -20.80
CA PRO B 71 13.20 -27.68 -19.71
C PRO B 71 12.08 -26.73 -20.09
N ASN B 72 11.13 -26.54 -19.18
CA ASN B 72 10.14 -25.48 -19.34
C ASN B 72 10.87 -24.14 -19.34
N MET B 73 10.62 -23.33 -20.36
CA MET B 73 11.29 -22.04 -20.47
C MET B 73 10.52 -20.91 -19.79
N PHE B 74 9.30 -21.20 -19.36
CA PHE B 74 8.57 -20.27 -18.49
C PHE B 74 8.55 -20.80 -17.06
N ILE B 75 8.74 -19.91 -16.10
CA ILE B 75 8.99 -20.32 -14.72
C ILE B 75 8.05 -19.67 -13.71
N THR B 76 7.92 -20.30 -12.54
CA THR B 76 7.07 -19.79 -11.47
C THR B 76 7.67 -18.50 -10.90
N ARG B 77 6.83 -17.68 -10.27
CA ARG B 77 7.31 -16.47 -9.61
C ARG B 77 8.39 -16.82 -8.60
N GLU B 78 8.17 -17.92 -7.88
CA GLU B 78 9.14 -18.43 -6.92
C GLU B 78 10.49 -18.67 -7.60
N GLU B 79 10.49 -19.58 -8.57
CA GLU B 79 11.70 -19.97 -9.27
C GLU B 79 12.41 -18.77 -9.90
N ALA B 80 11.65 -17.71 -10.16
CA ALA B 80 12.20 -16.49 -10.74
C ALA B 80 12.93 -15.66 -9.70
N ILE B 81 12.56 -15.83 -8.42
CA ILE B 81 13.26 -15.18 -7.32
C ILE B 81 14.59 -15.89 -7.06
N ARG B 82 14.54 -17.22 -7.11
CA ARG B 82 15.70 -18.05 -6.86
C ARG B 82 16.86 -17.63 -7.74
N HIS B 83 16.56 -17.40 -9.02
CA HIS B 83 17.54 -16.82 -9.92
C HIS B 83 17.13 -15.37 -10.21
N VAL B 84 17.86 -14.41 -9.63
CA VAL B 84 17.61 -12.99 -9.89
C VAL B 84 18.85 -12.34 -10.50
N ARG B 85 18.63 -11.38 -11.39
CA ARG B 85 19.67 -10.89 -12.28
C ARG B 85 20.40 -12.02 -12.98
N ALA B 86 19.65 -13.07 -13.27
CA ALA B 86 19.78 -13.78 -14.52
C ALA B 86 18.72 -13.00 -15.29
N TRP B 87 18.05 -12.13 -14.52
CA TRP B 87 16.97 -11.28 -14.97
C TRP B 87 17.46 -10.21 -15.92
N ILE B 88 16.84 -10.16 -17.09
CA ILE B 88 17.00 -9.04 -18.02
C ILE B 88 15.64 -8.65 -18.57
N GLY B 89 15.30 -7.37 -18.48
CA GLY B 89 14.06 -6.89 -19.04
C GLY B 89 14.13 -6.93 -20.56
N PHE B 90 13.04 -7.36 -21.20
CA PHE B 90 13.05 -7.50 -22.65
C PHE B 90 11.76 -6.97 -23.29
N ASP B 91 11.91 -6.01 -24.20
CA ASP B 91 10.79 -5.52 -24.99
C ASP B 91 11.24 -5.20 -26.41
N VAL B 92 10.43 -5.57 -27.39
CA VAL B 92 10.74 -5.32 -28.78
C VAL B 92 9.67 -4.46 -29.46
N GLU B 93 10.07 -3.26 -29.88
CA GLU B 93 9.25 -2.46 -30.77
C GLU B 93 9.33 -3.13 -32.13
N GLY B 94 8.34 -2.92 -32.99
CA GLY B 94 8.28 -3.66 -34.24
C GLY B 94 7.63 -2.93 -35.40
N CYS B 95 7.65 -3.57 -36.56
CA CYS B 95 7.13 -2.97 -37.78
C CYS B 95 6.24 -3.93 -38.55
N HIS B 96 5.42 -3.38 -39.43
CA HIS B 96 4.50 -4.18 -40.24
C HIS B 96 5.03 -4.29 -41.67
N ALA B 97 4.74 -5.39 -42.36
CA ALA B 97 5.16 -5.52 -43.75
C ALA B 97 4.04 -5.02 -44.66
N THR B 98 4.31 -3.89 -45.30
CA THR B 98 3.36 -3.16 -46.13
C THR B 98 3.23 -3.56 -47.63
N ARG B 99 4.34 -3.93 -48.26
CA ARG B 99 4.38 -4.00 -49.74
C ARG B 99 3.93 -5.31 -50.41
N ASP B 100 4.75 -6.36 -50.33
CA ASP B 100 4.42 -7.61 -51.02
C ASP B 100 3.66 -8.56 -50.11
N ALA B 101 3.36 -8.10 -48.90
CA ALA B 101 2.61 -8.89 -47.92
C ALA B 101 1.92 -7.98 -46.90
N VAL B 102 0.96 -8.52 -46.15
CA VAL B 102 0.34 -7.81 -45.03
C VAL B 102 0.02 -8.77 -43.87
N GLY B 103 -0.20 -8.21 -42.69
CA GLY B 103 -0.72 -8.96 -41.56
C GLY B 103 0.27 -9.70 -40.68
N THR B 104 1.51 -9.22 -40.61
CA THR B 104 2.47 -9.74 -39.63
C THR B 104 3.38 -8.63 -39.07
N ASN B 105 3.96 -8.86 -37.89
CA ASN B 105 4.86 -7.88 -37.28
C ASN B 105 6.31 -8.34 -37.22
N LEU B 106 7.19 -7.57 -37.85
CA LEU B 106 8.63 -7.81 -37.78
C LEU B 106 9.27 -7.03 -36.63
N PRO B 107 10.33 -7.60 -36.04
CA PRO B 107 11.10 -7.09 -34.89
C PRO B 107 12.09 -5.98 -35.22
N LEU B 108 11.60 -4.74 -35.28
CA LEU B 108 12.43 -3.59 -35.63
C LEU B 108 13.53 -3.27 -34.61
N GLN B 109 13.14 -3.05 -33.35
CA GLN B 109 14.10 -2.62 -32.33
C GLN B 109 13.98 -3.38 -31.02
N LEU B 110 15.09 -3.99 -30.59
CA LEU B 110 15.12 -4.73 -29.33
C LEU B 110 15.78 -3.90 -28.23
N GLY B 111 15.33 -4.09 -27.00
CA GLY B 111 15.86 -3.34 -25.86
C GLY B 111 15.83 -4.14 -24.58
N PHE B 112 16.69 -3.76 -23.65
CA PHE B 112 16.96 -4.57 -22.47
C PHE B 112 17.12 -3.72 -21.22
N SER B 113 17.14 -4.38 -20.06
CA SER B 113 17.39 -3.68 -18.80
C SER B 113 18.71 -2.94 -18.89
N THR B 114 19.69 -3.57 -19.53
CA THR B 114 20.92 -2.89 -19.89
C THR B 114 20.53 -1.78 -20.88
N GLY B 115 21.24 -0.66 -20.84
CA GLY B 115 20.83 0.50 -21.62
C GLY B 115 20.74 0.26 -23.10
N VAL B 116 21.32 -0.85 -23.56
CA VAL B 116 21.48 -1.15 -24.98
C VAL B 116 20.17 -1.25 -25.78
N ASN B 117 20.21 -0.73 -27.00
CA ASN B 117 19.14 -0.92 -27.97
C ASN B 117 19.73 -1.44 -29.27
N LEU B 118 19.24 -2.58 -29.74
CA LEU B 118 19.67 -3.10 -31.02
C LEU B 118 18.55 -2.95 -32.05
N VAL B 119 18.85 -2.23 -33.13
CA VAL B 119 17.90 -2.07 -34.21
C VAL B 119 18.33 -2.94 -35.37
N ALA B 120 17.35 -3.59 -36.00
CA ALA B 120 17.63 -4.53 -37.05
C ALA B 120 16.86 -4.18 -38.31
N VAL B 121 17.32 -4.70 -39.44
CA VAL B 121 16.56 -4.56 -40.68
C VAL B 121 15.32 -5.42 -40.54
N PRO B 122 14.17 -4.93 -41.04
CA PRO B 122 13.01 -5.81 -40.99
C PRO B 122 13.32 -7.05 -41.81
N THR B 123 13.17 -8.22 -41.21
CA THR B 123 13.36 -9.49 -41.93
C THR B 123 12.33 -10.48 -41.44
N GLY B 124 12.02 -11.46 -42.29
CA GLY B 124 10.98 -12.42 -42.00
C GLY B 124 11.23 -13.72 -42.74
N TYR B 125 10.27 -14.62 -42.63
CA TYR B 125 10.37 -15.93 -43.24
C TYR B 125 9.45 -16.04 -44.45
N VAL B 126 10.04 -16.35 -45.61
CA VAL B 126 9.30 -16.36 -46.86
C VAL B 126 9.38 -17.72 -47.53
N ASP B 127 8.22 -18.34 -47.73
CA ASP B 127 8.14 -19.62 -48.40
C ASP B 127 8.31 -19.49 -49.90
N THR B 128 9.12 -20.37 -50.46
CA THR B 128 9.34 -20.40 -51.90
C THR B 128 9.26 -21.82 -52.43
N GLU B 129 9.28 -21.95 -53.76
CA GLU B 129 9.14 -23.23 -54.43
C GLU B 129 10.02 -24.31 -53.83
N ASN B 130 11.31 -24.02 -53.68
CA ASN B 130 12.26 -25.00 -53.16
C ASN B 130 12.31 -25.14 -51.64
N ASN B 131 12.27 -24.02 -50.93
CA ASN B 131 12.50 -24.03 -49.50
C ASN B 131 11.83 -22.87 -48.78
N THR B 132 12.17 -22.71 -47.50
CA THR B 132 11.84 -21.51 -46.75
C THR B 132 13.12 -20.67 -46.62
N GLU B 133 13.03 -19.37 -46.91
CA GLU B 133 14.20 -18.51 -46.75
C GLU B 133 14.00 -17.35 -45.79
N PHE B 134 15.06 -17.04 -45.06
CA PHE B 134 15.07 -16.04 -44.02
C PHE B 134 15.71 -14.81 -44.64
N THR B 135 14.88 -13.78 -44.87
CA THR B 135 15.29 -12.68 -45.74
C THR B 135 14.76 -11.32 -45.30
N ARG B 136 15.36 -10.27 -45.86
CA ARG B 136 14.87 -8.91 -45.68
C ARG B 136 13.49 -8.78 -46.30
N VAL B 137 12.65 -7.96 -45.69
CA VAL B 137 11.31 -7.71 -46.22
C VAL B 137 10.98 -6.23 -46.17
N ASN B 138 10.23 -5.76 -47.17
CA ASN B 138 9.66 -4.42 -47.10
C ASN B 138 8.74 -4.31 -45.90
N ALA B 139 8.83 -3.20 -45.19
CA ALA B 139 8.04 -3.03 -43.98
C ALA B 139 7.78 -1.57 -43.71
N LYS B 140 6.75 -1.28 -42.90
CA LYS B 140 6.42 0.10 -42.56
C LYS B 140 6.23 0.23 -41.05
N PRO B 141 6.33 1.46 -40.53
CA PRO B 141 6.11 1.71 -39.11
C PRO B 141 4.62 1.68 -38.75
N PRO B 142 4.30 1.36 -37.49
CA PRO B 142 2.92 1.43 -36.99
C PRO B 142 2.33 2.82 -37.19
N PRO B 143 1.00 2.91 -37.26
CA PRO B 143 0.29 4.14 -37.69
C PRO B 143 0.42 5.33 -36.75
N GLY B 144 0.35 5.09 -35.44
CA GLY B 144 0.21 6.15 -34.46
C GLY B 144 1.27 7.24 -34.48
N ASP B 145 0.85 8.44 -34.07
CA ASP B 145 1.77 9.58 -33.96
C ASP B 145 2.82 9.31 -32.89
N GLN B 146 2.50 8.41 -31.97
CA GLN B 146 3.43 8.04 -30.92
C GLN B 146 4.49 7.08 -31.46
N PHE B 147 4.19 6.48 -32.61
CA PHE B 147 5.13 5.57 -33.27
C PHE B 147 5.98 6.31 -34.29
N LYS B 148 5.78 7.61 -34.40
CA LYS B 148 6.47 8.42 -35.40
C LYS B 148 7.99 8.36 -35.22
N HIS B 149 8.43 7.92 -34.04
CA HIS B 149 9.86 7.89 -33.72
C HIS B 149 10.57 6.66 -34.30
N LEU B 150 9.79 5.73 -34.82
CA LEU B 150 10.34 4.48 -35.34
C LEU B 150 10.89 4.60 -36.76
N ILE B 151 10.45 5.63 -37.48
CA ILE B 151 10.76 5.75 -38.91
C ILE B 151 12.24 5.62 -39.27
N PRO B 152 13.10 6.45 -38.67
CA PRO B 152 14.52 6.44 -39.03
C PRO B 152 15.18 5.08 -38.81
N LEU B 153 14.67 4.32 -37.84
CA LEU B 153 15.26 3.04 -37.47
C LEU B 153 15.14 1.99 -38.58
N MET B 154 14.28 2.26 -39.55
CA MET B 154 14.12 1.38 -40.70
C MET B 154 15.43 1.25 -41.46
N TYR B 155 16.05 2.39 -41.77
CA TYR B 155 17.28 2.43 -42.55
C TYR B 155 18.49 1.94 -41.77
N LYS B 156 18.60 2.43 -40.55
CA LYS B 156 19.87 2.50 -39.81
C LYS B 156 20.71 1.23 -39.77
N GLY B 157 20.11 0.12 -39.35
CA GLY B 157 20.78 -1.18 -39.29
C GLY B 157 19.71 -2.23 -38.99
N LEU B 158 20.08 -3.48 -38.71
CA LEU B 158 21.41 -4.05 -38.83
C LEU B 158 21.11 -5.51 -39.23
N PRO B 159 22.03 -6.15 -39.96
CA PRO B 159 21.75 -7.55 -40.33
C PRO B 159 21.54 -8.42 -39.09
N TRP B 160 20.62 -9.38 -39.17
CA TRP B 160 20.29 -10.21 -38.01
C TRP B 160 21.42 -11.13 -37.57
N ASN B 161 22.18 -11.64 -38.53
CA ASN B 161 23.36 -12.43 -38.20
C ASN B 161 24.28 -11.65 -37.27
N VAL B 162 24.31 -10.34 -37.48
CA VAL B 162 25.04 -9.44 -36.58
C VAL B 162 24.33 -9.32 -35.24
N VAL B 163 23.04 -9.00 -35.28
CA VAL B 163 22.28 -8.69 -34.08
C VAL B 163 22.21 -9.85 -33.09
N ARG B 164 21.97 -11.05 -33.60
CA ARG B 164 21.87 -12.24 -32.76
C ARG B 164 23.23 -12.61 -32.15
N ILE B 165 24.31 -12.20 -32.81
CA ILE B 165 25.65 -12.38 -32.26
C ILE B 165 25.98 -11.30 -31.24
N LYS B 166 25.54 -10.07 -31.51
CA LYS B 166 25.77 -8.96 -30.59
C LYS B 166 24.95 -9.14 -29.32
N ILE B 167 23.74 -9.67 -29.49
CA ILE B 167 22.86 -9.95 -28.36
C ILE B 167 23.54 -10.86 -27.34
N VAL B 168 24.09 -11.96 -27.81
CA VAL B 168 24.75 -12.92 -26.94
C VAL B 168 25.88 -12.27 -26.14
N GLN B 169 26.81 -11.61 -26.83
CA GLN B 169 27.96 -11.00 -26.15
C GLN B 169 27.51 -9.96 -25.14
N MET B 170 26.53 -9.14 -25.52
CA MET B 170 25.99 -8.12 -24.64
C MET B 170 25.37 -8.75 -23.40
N LEU B 171 24.71 -9.89 -23.58
CA LEU B 171 24.22 -10.67 -22.44
C LEU B 171 25.40 -11.36 -21.77
N SER B 172 26.35 -11.83 -22.58
CA SER B 172 27.46 -12.62 -22.07
C SER B 172 28.26 -11.90 -20.98
N ASP B 173 28.77 -10.72 -21.29
CA ASP B 173 29.62 -10.02 -20.34
C ASP B 173 28.83 -9.42 -19.17
N THR B 174 27.51 -9.35 -19.33
CA THR B 174 26.64 -8.89 -18.25
C THR B 174 26.33 -10.01 -17.25
N LEU B 175 26.04 -11.20 -17.75
CA LEU B 175 25.67 -12.32 -16.89
C LEU B 175 26.81 -13.29 -16.55
N LYS B 176 27.99 -13.06 -17.11
CA LYS B 176 29.10 -14.02 -16.95
C LYS B 176 29.37 -14.40 -15.50
N GLY B 177 29.61 -13.41 -14.65
CA GLY B 177 29.93 -13.66 -13.26
C GLY B 177 28.69 -13.84 -12.41
N LEU B 178 27.60 -13.23 -12.84
CA LEU B 178 26.40 -13.15 -12.03
C LEU B 178 25.63 -14.47 -11.93
N SER B 179 25.37 -15.10 -13.07
CA SER B 179 24.51 -16.29 -13.08
C SER B 179 24.92 -17.35 -14.11
N ASP B 180 24.34 -18.54 -13.95
CA ASP B 180 24.59 -19.66 -14.84
C ASP B 180 23.66 -19.66 -16.05
N ARG B 181 22.65 -18.79 -16.01
CA ARG B 181 21.58 -18.85 -16.98
C ARG B 181 21.04 -17.49 -17.37
N VAL B 182 19.94 -17.49 -18.12
CA VAL B 182 19.21 -16.28 -18.45
C VAL B 182 17.74 -16.45 -18.09
N VAL B 183 17.14 -15.39 -17.57
CA VAL B 183 15.67 -15.28 -17.49
C VAL B 183 15.23 -13.95 -18.08
N PHE B 184 14.25 -14.02 -18.98
CA PHE B 184 13.73 -12.80 -19.58
C PHE B 184 12.49 -12.29 -18.88
N VAL B 185 12.54 -11.02 -18.48
CA VAL B 185 11.44 -10.38 -17.77
C VAL B 185 10.69 -9.45 -18.70
N LEU B 186 9.47 -9.84 -19.06
CA LEU B 186 8.70 -9.06 -20.04
C LEU B 186 7.24 -8.79 -19.62
N TRP B 187 6.73 -7.63 -20.02
CA TRP B 187 5.40 -7.16 -19.65
C TRP B 187 4.21 -7.84 -20.36
N ALA B 188 4.23 -7.80 -21.69
CA ALA B 188 3.26 -8.54 -22.50
C ALA B 188 4.08 -9.38 -23.48
N HIS B 189 4.07 -10.69 -23.27
CA HIS B 189 5.14 -11.55 -23.76
C HIS B 189 5.08 -11.98 -25.22
N GLY B 190 3.95 -11.73 -25.88
CA GLY B 190 3.72 -12.26 -27.20
C GLY B 190 4.79 -11.93 -28.23
N PHE B 191 5.03 -10.65 -28.45
CA PHE B 191 5.94 -10.23 -29.51
C PHE B 191 7.40 -10.58 -29.21
N GLU B 192 7.78 -10.54 -27.93
CA GLU B 192 9.13 -10.87 -27.51
C GLU B 192 9.41 -12.36 -27.68
N LEU B 193 8.39 -13.18 -27.43
CA LEU B 193 8.47 -14.61 -27.72
C LEU B 193 8.72 -14.75 -29.20
N THR B 194 7.95 -14.00 -29.99
CA THR B 194 8.11 -14.02 -31.44
C THR B 194 9.49 -13.54 -31.85
N SER B 195 9.93 -12.44 -31.22
CA SER B 195 11.25 -11.89 -31.50
C SER B 195 12.34 -12.92 -31.19
N MET B 196 12.11 -13.68 -30.12
CA MET B 196 13.05 -14.70 -29.67
C MET B 196 13.40 -15.74 -30.73
N LYS B 197 12.46 -15.98 -31.64
CA LYS B 197 12.66 -16.95 -32.71
C LYS B 197 13.94 -16.71 -33.51
N TYR B 198 14.37 -15.46 -33.56
CA TYR B 198 15.53 -15.09 -34.35
C TYR B 198 16.86 -15.52 -33.70
N PHE B 199 17.07 -15.14 -32.44
CA PHE B 199 18.33 -15.42 -31.77
C PHE B 199 18.35 -16.66 -30.85
N VAL B 200 17.21 -17.34 -30.71
CA VAL B 200 17.14 -18.51 -29.83
C VAL B 200 16.94 -19.84 -30.55
N LYS B 201 17.75 -20.83 -30.18
CA LYS B 201 17.50 -22.25 -30.47
C LYS B 201 17.33 -22.93 -29.13
N ILE B 202 16.55 -24.02 -29.11
CA ILE B 202 16.25 -24.65 -27.83
C ILE B 202 16.49 -26.16 -27.88
N GLY B 203 16.64 -26.75 -26.70
CA GLY B 203 16.88 -28.18 -26.58
C GLY B 203 17.24 -28.62 -25.18
N PRO B 204 17.49 -29.92 -24.99
CA PRO B 204 17.82 -30.47 -23.67
C PRO B 204 19.15 -29.91 -23.15
N GLU B 205 19.30 -29.88 -21.83
CA GLU B 205 20.45 -29.24 -21.20
C GLU B 205 21.79 -29.76 -21.67
N ARG B 206 22.77 -28.87 -21.73
CA ARG B 206 24.11 -29.19 -22.22
C ARG B 206 25.19 -28.47 -21.41
N THR B 207 26.37 -29.07 -21.35
CA THR B 207 27.52 -28.49 -20.65
C THR B 207 28.47 -27.72 -21.60
N CYS B 208 29.04 -26.60 -21.12
CA CYS B 208 29.96 -25.76 -21.94
C CYS B 208 31.12 -26.60 -22.53
N CYS B 209 31.40 -26.43 -23.82
CA CYS B 209 32.55 -27.12 -24.41
C CYS B 209 33.80 -26.69 -23.66
N LEU B 210 34.65 -27.66 -23.31
CA LEU B 210 35.87 -27.42 -22.55
C LEU B 210 35.65 -26.70 -21.22
N CYS B 211 34.44 -26.86 -20.67
CA CYS B 211 34.09 -26.20 -19.42
C CYS B 211 33.06 -27.04 -18.62
N ASP B 212 32.98 -26.80 -17.31
CA ASP B 212 32.13 -27.59 -16.42
C ASP B 212 30.67 -27.15 -16.43
N LYS B 213 30.43 -25.84 -16.43
CA LYS B 213 29.10 -25.28 -16.24
C LYS B 213 28.13 -25.50 -17.41
N ARG B 214 26.84 -25.44 -17.11
CA ARG B 214 25.79 -25.59 -18.10
C ARG B 214 25.92 -24.58 -19.24
N ALA B 215 25.53 -24.98 -20.45
CA ALA B 215 25.72 -24.14 -21.63
C ALA B 215 24.58 -23.14 -21.86
N THR B 216 24.94 -21.87 -21.91
CA THR B 216 23.99 -20.81 -22.27
C THR B 216 23.81 -20.64 -23.77
N CYS B 217 24.89 -20.81 -24.53
CA CYS B 217 24.94 -20.37 -25.93
C CYS B 217 25.13 -21.51 -26.93
N PHE B 218 24.79 -21.23 -28.19
CA PHE B 218 24.95 -22.19 -29.27
C PHE B 218 25.59 -21.52 -30.48
N SER B 219 26.38 -22.28 -31.24
CA SER B 219 27.00 -21.77 -32.45
C SER B 219 26.63 -22.62 -33.65
N THR B 220 26.04 -21.99 -34.66
CA THR B 220 25.74 -22.68 -35.91
C THR B 220 26.98 -22.81 -36.79
N SER B 221 27.90 -21.86 -36.63
CA SER B 221 29.10 -21.80 -37.46
C SER B 221 29.80 -23.16 -37.48
N SER B 222 30.11 -23.66 -36.29
CA SER B 222 30.51 -25.04 -36.09
C SER B 222 29.79 -25.51 -34.83
N ASP B 223 29.07 -26.62 -34.92
CA ASP B 223 28.18 -27.00 -33.83
C ASP B 223 28.95 -27.05 -32.52
N THR B 224 28.51 -26.25 -31.56
CA THR B 224 29.15 -26.17 -30.26
C THR B 224 28.13 -25.67 -29.24
N TYR B 225 28.36 -26.02 -27.97
CA TYR B 225 27.52 -25.54 -26.88
C TYR B 225 28.35 -24.73 -25.91
N ALA B 226 27.92 -23.50 -25.66
CA ALA B 226 28.80 -22.50 -25.06
C ALA B 226 28.47 -22.07 -23.64
N CYS B 227 29.53 -21.80 -22.88
CA CYS B 227 29.46 -21.20 -21.55
C CYS B 227 29.11 -19.71 -21.63
N TRP B 228 28.63 -19.16 -20.52
CA TRP B 228 28.39 -17.72 -20.43
C TRP B 228 29.68 -16.94 -20.59
N ASN B 229 30.69 -17.30 -19.79
CA ASN B 229 32.00 -16.67 -19.87
C ASN B 229 32.80 -16.95 -21.15
N HIS B 230 33.06 -18.24 -21.41
CA HIS B 230 34.10 -18.64 -22.36
C HIS B 230 33.61 -18.72 -23.79
N SER B 231 32.37 -18.34 -24.03
CA SER B 231 31.92 -18.32 -25.40
C SER B 231 32.46 -17.05 -26.04
N VAL B 232 32.63 -17.09 -27.35
CA VAL B 232 32.71 -15.87 -28.14
C VAL B 232 32.33 -16.20 -29.58
N GLY B 233 31.92 -15.19 -30.33
CA GLY B 233 31.46 -15.41 -31.69
C GLY B 233 30.34 -16.42 -31.77
N PHE B 234 29.45 -16.41 -30.78
CA PHE B 234 28.31 -17.31 -30.75
C PHE B 234 27.01 -16.58 -31.08
N ASP B 235 26.28 -17.13 -32.05
CA ASP B 235 25.07 -16.49 -32.57
C ASP B 235 23.82 -16.71 -31.71
N TYR B 236 23.65 -17.92 -31.19
CA TYR B 236 22.36 -18.32 -30.60
C TYR B 236 22.41 -18.64 -29.10
N VAL B 237 21.25 -18.55 -28.47
CA VAL B 237 21.10 -18.74 -27.02
C VAL B 237 20.37 -20.04 -26.73
N TYR B 238 21.10 -21.02 -26.19
CA TYR B 238 20.60 -22.39 -26.14
C TYR B 238 19.36 -22.58 -25.26
N ASN B 239 19.42 -22.15 -24.01
CA ASN B 239 18.28 -22.32 -23.10
C ASN B 239 17.95 -21.13 -22.21
N PRO B 240 17.25 -20.13 -22.78
CA PRO B 240 16.77 -18.97 -22.02
C PRO B 240 15.58 -19.36 -21.16
N PHE B 241 15.32 -18.59 -20.11
CA PHE B 241 14.09 -18.72 -19.35
C PHE B 241 13.40 -17.37 -19.40
N MET B 242 12.10 -17.37 -19.12
CA MET B 242 11.35 -16.13 -19.15
C MET B 242 10.15 -16.17 -18.23
N ILE B 243 9.74 -14.99 -17.79
CA ILE B 243 8.58 -14.85 -16.92
C ILE B 243 7.78 -13.64 -17.33
N ASP B 244 6.48 -13.82 -17.54
CA ASP B 244 5.63 -12.71 -17.93
C ASP B 244 5.03 -12.08 -16.69
N VAL B 245 5.46 -10.85 -16.40
CA VAL B 245 5.03 -10.15 -15.20
C VAL B 245 3.52 -9.94 -15.17
N GLN B 246 2.98 -9.47 -16.28
CA GLN B 246 1.56 -9.18 -16.40
C GLN B 246 0.70 -10.38 -16.03
N GLN B 247 1.30 -11.57 -16.09
CA GLN B 247 0.60 -12.79 -15.73
C GLN B 247 0.25 -12.77 -14.25
N TRP B 248 0.78 -11.77 -13.55
CA TRP B 248 0.63 -11.67 -12.10
C TRP B 248 -0.63 -10.93 -11.67
N GLY B 249 -1.43 -10.50 -12.65
CA GLY B 249 -2.72 -9.92 -12.36
C GLY B 249 -2.74 -8.42 -12.13
N PHE B 250 -1.78 -7.72 -12.72
CA PHE B 250 -1.77 -6.26 -12.67
C PHE B 250 -2.99 -5.67 -13.38
N THR B 251 -3.49 -4.53 -12.88
CA THR B 251 -4.70 -3.92 -13.42
C THR B 251 -4.53 -3.26 -14.79
N GLY B 252 -3.59 -2.32 -14.88
CA GLY B 252 -3.52 -1.44 -16.04
C GLY B 252 -2.42 -1.72 -17.04
N ASN B 253 -2.01 -0.67 -17.73
CA ASN B 253 -0.84 -0.71 -18.60
C ASN B 253 0.44 -0.62 -17.78
N LEU B 254 1.55 -1.10 -18.33
CA LEU B 254 2.82 -1.14 -17.59
C LEU B 254 3.22 0.20 -16.99
N GLN B 255 3.24 1.24 -17.80
CA GLN B 255 3.71 2.55 -17.36
C GLN B 255 3.00 3.02 -16.09
N SER B 256 1.69 2.80 -16.04
CA SER B 256 0.90 3.22 -14.88
C SER B 256 1.42 2.55 -13.62
N ASN B 257 1.54 1.23 -13.67
CA ASN B 257 2.00 0.45 -12.54
C ASN B 257 3.44 0.77 -12.13
N HIS B 258 4.32 0.95 -13.10
CA HIS B 258 5.70 1.30 -12.78
C HIS B 258 5.74 2.64 -12.04
N ASP B 259 5.18 3.66 -12.67
CA ASP B 259 5.21 5.03 -12.14
C ASP B 259 4.55 5.18 -10.78
N GLN B 260 3.70 4.24 -10.41
CA GLN B 260 3.08 4.22 -9.09
C GLN B 260 4.15 4.22 -8.01
N HIS B 261 5.14 3.34 -8.17
CA HIS B 261 6.17 3.15 -7.16
C HIS B 261 7.39 4.02 -7.45
N CYS B 262 8.04 3.76 -8.58
CA CYS B 262 9.37 4.29 -8.86
C CYS B 262 9.39 5.48 -9.83
N GLN B 263 9.93 6.61 -9.38
CA GLN B 263 9.99 7.82 -10.19
C GLN B 263 11.32 8.12 -10.89
N VAL B 264 12.31 7.24 -10.71
CA VAL B 264 13.63 7.48 -11.31
C VAL B 264 13.68 7.12 -12.80
N HIS B 265 12.73 6.32 -13.27
CA HIS B 265 12.62 6.08 -14.71
C HIS B 265 11.44 6.82 -15.31
N GLY B 266 11.74 7.83 -16.11
CA GLY B 266 10.75 8.46 -16.96
C GLY B 266 10.64 7.63 -18.22
N ASN B 267 9.65 7.92 -19.04
CA ASN B 267 9.46 7.11 -20.24
C ASN B 267 9.78 7.80 -21.55
N ALA B 268 10.81 7.30 -22.21
CA ALA B 268 11.00 7.52 -23.63
C ALA B 268 10.64 6.17 -24.24
N HIS B 269 9.95 6.20 -25.37
CA HIS B 269 9.37 4.97 -25.90
C HIS B 269 10.43 3.94 -26.30
N VAL B 270 11.70 4.33 -26.24
CA VAL B 270 12.79 3.45 -26.62
C VAL B 270 12.65 2.09 -25.94
N ALA B 271 12.84 1.03 -26.72
CA ALA B 271 12.60 -0.33 -26.26
C ALA B 271 13.26 -0.67 -24.94
N SER B 272 14.44 -0.10 -24.70
CA SER B 272 15.13 -0.32 -23.44
C SER B 272 14.34 0.27 -22.29
N CYS B 273 13.99 1.55 -22.40
CA CYS B 273 13.30 2.26 -21.34
C CYS B 273 11.99 1.55 -20.99
N ASP B 274 11.50 0.74 -21.93
CA ASP B 274 10.34 -0.10 -21.68
C ASP B 274 10.76 -1.37 -20.95
N ALA B 275 11.89 -1.94 -21.36
CA ALA B 275 12.38 -3.21 -20.80
C ALA B 275 12.97 -3.03 -19.40
N ILE B 276 13.35 -1.81 -19.06
CA ILE B 276 13.79 -1.51 -17.71
C ILE B 276 12.59 -1.45 -16.80
N MET B 277 11.59 -0.67 -17.20
CA MET B 277 10.38 -0.49 -16.43
C MET B 277 9.79 -1.81 -16.02
N THR B 278 9.91 -2.81 -16.88
CA THR B 278 9.40 -4.14 -16.58
C THR B 278 10.12 -4.74 -15.38
N ARG B 279 11.39 -4.38 -15.22
CA ARG B 279 12.23 -4.96 -14.16
C ARG B 279 11.93 -4.34 -12.81
N CYS B 280 11.78 -3.02 -12.79
CA CYS B 280 11.42 -2.31 -11.58
C CYS B 280 10.24 -3.02 -10.94
N LEU B 281 9.19 -3.25 -11.73
CA LEU B 281 7.96 -3.90 -11.27
C LEU B 281 8.20 -5.27 -10.66
N ALA B 282 8.93 -6.11 -11.39
CA ALA B 282 9.31 -7.42 -10.89
C ALA B 282 10.12 -7.26 -9.60
N VAL B 283 11.08 -6.35 -9.62
CA VAL B 283 11.87 -6.07 -8.43
C VAL B 283 10.96 -5.66 -7.29
N HIS B 284 10.30 -4.54 -7.46
CA HIS B 284 9.43 -3.96 -6.44
C HIS B 284 8.42 -4.96 -5.88
N GLU B 285 7.69 -5.61 -6.77
CA GLU B 285 6.62 -6.52 -6.39
C GLU B 285 7.16 -7.65 -5.52
N CYS B 286 8.30 -8.19 -5.91
CA CYS B 286 8.97 -9.25 -5.14
C CYS B 286 9.79 -8.76 -3.94
N PHE B 287 10.67 -7.77 -4.16
CA PHE B 287 11.72 -7.47 -3.19
C PHE B 287 11.53 -6.27 -2.22
N VAL B 288 10.45 -5.52 -2.38
CA VAL B 288 10.16 -4.44 -1.43
C VAL B 288 9.29 -5.00 -0.32
N LYS B 289 8.82 -6.23 -0.52
CA LYS B 289 8.37 -7.07 0.57
C LYS B 289 9.67 -7.45 1.26
N ARG B 290 9.68 -7.45 2.59
CA ARG B 290 10.95 -7.44 3.31
C ARG B 290 11.56 -8.81 3.64
N VAL B 291 12.71 -9.06 3.04
CA VAL B 291 13.69 -10.02 3.53
C VAL B 291 13.19 -11.42 3.89
N ASP B 292 12.54 -12.10 2.96
CA ASP B 292 12.29 -13.52 3.10
C ASP B 292 13.63 -14.21 3.30
N TRP B 293 13.78 -14.93 4.40
CA TRP B 293 15.08 -15.47 4.79
C TRP B 293 15.31 -16.93 4.40
N SER B 294 14.33 -17.54 3.75
CA SER B 294 14.44 -18.94 3.36
C SER B 294 15.11 -19.13 2.00
N VAL B 295 15.44 -18.03 1.34
CA VAL B 295 16.03 -18.08 0.00
C VAL B 295 17.56 -18.03 0.02
N GLU B 296 18.20 -19.07 -0.52
CA GLU B 296 19.65 -19.12 -0.58
C GLU B 296 20.18 -18.95 -2.00
N TYR B 297 20.84 -17.82 -2.24
CA TYR B 297 21.55 -17.60 -3.49
C TYR B 297 23.02 -17.92 -3.26
N PRO B 298 23.57 -18.84 -4.05
CA PRO B 298 25.01 -19.14 -3.94
C PRO B 298 25.82 -17.88 -4.18
N ILE B 299 27.02 -17.82 -3.61
CA ILE B 299 27.82 -16.60 -3.68
C ILE B 299 29.11 -16.73 -4.50
N ILE B 300 29.27 -15.81 -5.45
CA ILE B 300 30.59 -15.46 -5.94
C ILE B 300 30.63 -13.94 -6.22
N GLY B 301 31.62 -13.27 -5.65
CA GLY B 301 32.64 -13.92 -4.85
C GLY B 301 33.14 -13.04 -3.72
N ASP B 302 33.95 -13.65 -2.85
CA ASP B 302 34.57 -12.95 -1.72
C ASP B 302 33.58 -12.10 -0.93
N GLU B 303 32.35 -12.59 -0.82
CA GLU B 303 31.36 -11.97 0.06
C GLU B 303 31.62 -12.42 1.49
N LEU B 304 32.08 -13.66 1.64
CA LEU B 304 32.43 -14.21 2.94
C LEU B 304 33.46 -13.32 3.62
N ARG B 305 34.51 -12.97 2.88
CA ARG B 305 35.51 -12.04 3.39
C ARG B 305 34.86 -10.72 3.75
N VAL B 306 34.05 -10.20 2.83
CA VAL B 306 33.32 -8.96 3.06
C VAL B 306 32.35 -9.09 4.21
N ASN B 307 31.70 -10.25 4.31
CA ASN B 307 30.77 -10.50 5.41
C ASN B 307 31.48 -10.53 6.77
N SER B 308 32.60 -11.25 6.85
CA SER B 308 33.37 -11.32 8.09
C SER B 308 33.89 -9.95 8.44
N ALA B 309 34.56 -9.33 7.49
CA ALA B 309 35.09 -7.98 7.67
C ALA B 309 34.01 -7.02 8.17
N CYS B 310 32.82 -7.12 7.60
CA CYS B 310 31.71 -6.27 7.97
C CYS B 310 31.40 -6.35 9.46
N ARG B 311 31.19 -7.57 9.95
CA ARG B 311 30.91 -7.80 11.35
C ARG B 311 32.10 -7.38 12.21
N LYS B 312 33.30 -7.71 11.72
CA LYS B 312 34.51 -7.41 12.45
C LYS B 312 34.63 -5.92 12.77
N VAL B 313 34.41 -5.09 11.76
CA VAL B 313 34.48 -3.64 11.93
C VAL B 313 33.32 -3.13 12.77
N GLN B 314 32.18 -3.82 12.69
CA GLN B 314 31.02 -3.49 13.52
C GLN B 314 31.39 -3.53 14.99
N HIS B 315 31.93 -4.66 15.43
CA HIS B 315 32.33 -4.86 16.82
C HIS B 315 33.23 -3.73 17.31
N MET B 316 34.29 -3.46 16.56
CA MET B 316 35.28 -2.44 16.92
C MET B 316 34.65 -1.08 17.23
N VAL B 317 33.93 -0.53 16.27
CA VAL B 317 33.35 0.81 16.38
C VAL B 317 32.31 0.95 17.49
N VAL B 318 31.41 -0.02 17.63
CA VAL B 318 30.36 0.06 18.66
C VAL B 318 30.93 -0.19 20.05
N LYS B 319 32.01 -0.95 20.14
CA LYS B 319 32.69 -1.15 21.41
C LYS B 319 33.32 0.15 21.87
N SER B 320 34.04 0.81 20.97
CA SER B 320 34.72 2.06 21.30
C SER B 320 33.71 3.16 21.64
N ALA B 321 32.75 3.35 20.75
CA ALA B 321 31.71 4.37 20.94
C ALA B 321 31.02 4.23 22.28
N LEU B 322 30.95 3.00 22.78
CA LEU B 322 30.40 2.73 24.10
C LEU B 322 31.42 3.15 25.17
N LEU B 323 32.68 2.77 24.98
CA LEU B 323 33.75 3.12 25.89
C LEU B 323 33.88 4.64 26.05
N ALA B 324 34.07 5.31 24.92
CA ALA B 324 34.36 6.74 24.90
C ALA B 324 33.29 7.62 25.56
N ASP B 325 32.06 7.52 25.09
CA ASP B 325 30.98 8.36 25.62
C ASP B 325 30.08 7.72 26.68
N LYS B 326 30.32 6.45 27.00
CA LYS B 326 29.70 5.79 28.15
C LYS B 326 28.17 5.87 28.20
N PHE B 327 27.50 5.43 27.15
CA PHE B 327 26.04 5.48 27.09
C PHE B 327 25.36 4.52 28.05
N PRO B 328 24.33 5.00 28.77
CA PRO B 328 23.55 4.19 29.70
C PRO B 328 22.80 3.04 29.00
N VAL B 329 22.18 3.36 27.87
CA VAL B 329 21.40 2.39 27.13
C VAL B 329 21.77 2.46 25.65
N LEU B 330 21.57 1.36 24.94
CA LEU B 330 21.82 1.32 23.51
C LEU B 330 20.59 0.79 22.80
N HIS B 331 20.02 1.59 21.91
CA HIS B 331 18.89 1.11 21.13
C HIS B 331 19.39 0.53 19.82
N ASP B 332 19.31 -0.77 19.69
CA ASP B 332 19.75 -1.43 18.48
C ASP B 332 18.52 -1.68 17.61
N ILE B 333 18.45 -0.96 16.49
CA ILE B 333 17.30 -1.04 15.61
C ILE B 333 17.66 -1.85 14.36
N GLY B 334 16.74 -2.71 13.95
CA GLY B 334 17.00 -3.64 12.87
C GLY B 334 17.85 -4.82 13.31
N ASN B 335 17.50 -5.41 14.44
CA ASN B 335 18.15 -6.62 14.92
C ASN B 335 17.13 -7.72 15.21
N PRO B 336 16.85 -8.55 14.19
CA PRO B 336 15.82 -9.59 14.26
C PRO B 336 16.17 -10.67 15.28
N LYS B 337 17.45 -10.76 15.61
CA LYS B 337 17.90 -11.72 16.61
C LYS B 337 18.70 -10.99 17.68
N ALA B 338 18.75 -11.58 18.88
CA ALA B 338 19.38 -10.93 20.01
C ALA B 338 20.75 -10.41 19.61
N ILE B 339 21.69 -11.33 19.46
CA ILE B 339 22.98 -11.05 18.80
C ILE B 339 23.58 -9.69 19.13
N LYS B 340 24.01 -9.50 20.37
CA LYS B 340 24.77 -8.31 20.72
C LYS B 340 26.12 -8.34 20.00
N CYS B 341 26.47 -7.24 19.34
CA CYS B 341 27.76 -7.13 18.65
C CYS B 341 28.94 -7.11 19.63
N VAL B 342 28.85 -6.28 20.67
CA VAL B 342 29.75 -6.38 21.80
C VAL B 342 29.07 -7.25 22.84
N PRO B 343 29.53 -8.51 22.98
CA PRO B 343 28.85 -9.46 23.85
C PRO B 343 28.81 -9.01 25.30
N GLN B 344 29.91 -8.47 25.79
CA GLN B 344 30.00 -8.05 27.18
C GLN B 344 30.15 -6.54 27.31
N ALA B 345 29.09 -5.89 27.78
CA ALA B 345 29.09 -4.48 28.09
C ALA B 345 28.07 -4.21 29.20
N GLU B 346 28.40 -3.29 30.10
CA GLU B 346 27.52 -2.91 31.19
C GLU B 346 26.16 -2.38 30.69
N VAL B 347 26.17 -1.87 29.46
CA VAL B 347 25.05 -1.08 28.94
C VAL B 347 23.75 -1.85 28.80
N GLU B 348 22.65 -1.14 29.07
CA GLU B 348 21.31 -1.63 28.74
C GLU B 348 21.21 -1.78 27.23
N TRP B 349 20.80 -2.95 26.78
CA TRP B 349 20.75 -3.24 25.35
C TRP B 349 19.35 -3.61 24.93
N LYS B 350 18.74 -2.76 24.11
CA LYS B 350 17.37 -2.98 23.66
C LYS B 350 17.30 -3.21 22.15
N PHE B 351 16.51 -4.20 21.76
CA PHE B 351 16.40 -4.55 20.35
C PHE B 351 15.08 -4.08 19.74
N TYR B 352 15.13 -3.58 18.52
CA TYR B 352 13.93 -3.20 17.79
C TYR B 352 14.01 -3.69 16.36
N ASP B 353 12.91 -4.22 15.86
CA ASP B 353 12.89 -4.78 14.51
C ASP B 353 11.48 -4.79 13.95
N ALA B 354 11.39 -4.65 12.65
CA ALA B 354 10.09 -4.72 11.98
C ALA B 354 9.67 -6.18 11.80
N GLN B 355 10.64 -7.05 11.55
CA GLN B 355 10.37 -8.45 11.29
C GLN B 355 11.22 -9.34 12.20
N PRO B 356 11.00 -9.25 13.52
CA PRO B 356 11.79 -10.03 14.47
C PRO B 356 11.62 -11.52 14.24
N CYS B 357 12.74 -12.26 14.25
CA CYS B 357 12.68 -13.71 14.14
C CYS B 357 11.81 -14.29 15.25
N SER B 358 10.90 -15.18 14.88
CA SER B 358 9.89 -15.71 15.80
C SER B 358 10.46 -16.22 17.13
N ASP B 359 11.25 -17.27 17.09
CA ASP B 359 12.02 -17.64 18.28
C ASP B 359 12.92 -16.45 18.56
N LYS B 360 13.19 -16.19 19.83
CA LYS B 360 14.01 -15.05 20.19
C LYS B 360 13.27 -13.74 19.87
N ALA B 361 11.96 -13.80 19.80
CA ALA B 361 11.13 -12.60 19.58
C ALA B 361 10.61 -12.01 20.87
N TYR B 362 10.96 -12.61 22.00
CA TYR B 362 10.48 -12.14 23.30
C TYR B 362 11.26 -10.90 23.76
N LYS B 363 12.52 -10.82 23.35
CA LYS B 363 13.37 -9.69 23.70
C LYS B 363 12.98 -8.43 22.92
N ILE B 364 12.62 -8.63 21.65
CA ILE B 364 12.54 -7.54 20.69
C ILE B 364 11.17 -6.87 20.63
N GLU B 365 11.18 -5.54 20.56
CA GLU B 365 9.97 -4.77 20.34
C GLU B 365 9.70 -4.71 18.85
N GLU B 366 8.48 -5.06 18.44
CA GLU B 366 8.14 -4.98 17.03
C GLU B 366 7.90 -3.52 16.69
N LEU B 367 8.72 -2.97 15.81
CA LEU B 367 8.71 -1.54 15.56
C LEU B 367 9.15 -1.22 14.14
N PHE B 368 8.57 -0.18 13.56
CA PHE B 368 9.07 0.36 12.30
C PHE B 368 9.50 1.80 12.50
N TYR B 369 10.80 2.04 12.36
CA TYR B 369 11.36 3.37 12.59
C TYR B 369 11.10 4.35 11.44
N SER B 370 10.55 5.50 11.80
CA SER B 370 10.42 6.63 10.90
C SER B 370 10.76 7.91 11.67
N TYR B 371 11.69 8.69 11.16
CA TYR B 371 12.15 9.89 11.85
C TYR B 371 10.98 10.80 12.18
N ALA B 372 10.03 10.87 11.26
CA ALA B 372 8.84 11.71 11.43
C ALA B 372 8.17 11.42 12.77
N THR B 373 7.89 10.15 13.04
CA THR B 373 7.31 9.73 14.31
C THR B 373 8.31 9.66 15.46
N HIS B 374 9.47 9.06 15.21
CA HIS B 374 10.37 8.64 16.29
C HIS B 374 11.52 9.59 16.66
N HIS B 375 11.59 10.75 16.01
CA HIS B 375 12.67 11.70 16.33
C HIS B 375 12.70 11.99 17.82
N ASP B 376 11.52 12.13 18.43
CA ASP B 376 11.41 12.27 19.87
C ASP B 376 11.89 11.03 20.60
N LYS B 377 11.39 9.89 20.13
CA LYS B 377 11.15 8.73 20.99
C LYS B 377 12.34 8.05 21.66
N PHE B 378 13.51 8.11 21.06
CA PHE B 378 14.70 7.74 21.82
C PHE B 378 15.62 8.95 21.96
N THR B 379 15.59 9.56 23.14
CA THR B 379 16.45 10.70 23.48
C THR B 379 17.68 10.28 24.25
N ASP B 380 17.68 9.02 24.68
CA ASP B 380 18.61 8.59 25.72
C ASP B 380 19.55 7.49 25.25
N GLY B 381 20.83 7.66 25.56
CA GLY B 381 21.83 6.70 25.14
C GLY B 381 22.12 6.86 23.66
N VAL B 382 22.58 5.79 23.03
CA VAL B 382 22.91 5.82 21.62
C VAL B 382 22.09 4.80 20.83
N CYS B 383 21.71 5.17 19.61
CA CYS B 383 20.97 4.28 18.73
C CYS B 383 21.91 3.65 17.69
N LEU B 384 21.70 2.37 17.40
CA LEU B 384 22.50 1.68 16.41
C LEU B 384 21.64 1.14 15.28
N PHE B 385 21.85 1.70 14.09
CA PHE B 385 21.29 1.11 12.88
C PHE B 385 22.46 0.55 12.09
N TRP B 386 22.60 -0.76 12.08
CA TRP B 386 23.66 -1.39 11.31
C TRP B 386 23.03 -2.06 10.11
N ASN B 387 23.27 -1.47 8.94
CA ASN B 387 22.61 -1.90 7.71
C ASN B 387 21.09 -1.95 7.86
N CYS B 388 20.55 -1.04 8.67
CA CYS B 388 19.11 -0.82 8.69
C CYS B 388 18.87 0.54 8.05
N ASN B 389 18.34 0.53 6.84
CA ASN B 389 18.22 1.73 6.00
C ASN B 389 16.90 2.43 6.26
N VAL B 390 16.96 3.69 6.68
CA VAL B 390 15.76 4.35 7.18
C VAL B 390 15.51 5.74 6.66
N ASP B 391 14.43 6.31 7.18
CA ASP B 391 14.16 7.73 7.15
C ASP B 391 15.33 8.34 7.91
N ARG B 392 15.63 9.61 7.66
CA ARG B 392 16.90 10.16 8.11
C ARG B 392 17.20 9.88 9.59
N TYR B 393 18.47 9.60 9.87
CA TYR B 393 18.89 9.11 11.18
C TYR B 393 18.90 10.19 12.24
N PRO B 394 18.64 9.79 13.50
CA PRO B 394 18.64 10.67 14.68
C PRO B 394 20.05 11.17 15.01
N ALA B 395 20.12 12.25 15.79
CA ALA B 395 21.39 12.91 16.10
C ALA B 395 22.38 12.02 16.84
N ASN B 396 21.87 11.15 17.71
CA ASN B 396 22.73 10.22 18.42
C ASN B 396 22.61 8.84 17.80
N ALA B 397 23.63 8.44 17.03
CA ALA B 397 23.57 7.14 16.36
C ALA B 397 24.91 6.62 15.86
N ILE B 398 24.96 5.32 15.63
CA ILE B 398 26.06 4.68 14.91
C ILE B 398 25.44 3.89 13.77
N VAL B 399 25.80 4.23 12.54
CA VAL B 399 25.14 3.62 11.39
C VAL B 399 26.09 3.16 10.29
N CYS B 400 25.81 1.96 9.79
CA CYS B 400 26.44 1.49 8.56
C CYS B 400 25.34 1.41 7.52
N ARG B 401 25.56 2.05 6.38
CA ARG B 401 24.58 2.10 5.31
C ARG B 401 25.24 1.72 4.00
N PHE B 402 24.52 1.04 3.13
CA PHE B 402 25.05 0.70 1.82
C PHE B 402 24.85 1.87 0.87
N ASP B 403 25.91 2.26 0.18
CA ASP B 403 25.80 3.29 -0.81
C ASP B 403 25.52 2.61 -2.13
N THR B 404 24.29 2.75 -2.63
CA THR B 404 23.84 2.02 -3.82
C THR B 404 24.65 2.37 -5.06
N ARG B 405 25.26 3.55 -5.05
CA ARG B 405 25.90 4.08 -6.24
C ARG B 405 27.08 3.23 -6.71
N VAL B 406 27.75 2.59 -5.77
CA VAL B 406 28.84 1.69 -6.11
C VAL B 406 28.29 0.44 -6.79
N LEU B 407 28.97 0.00 -7.85
CA LEU B 407 28.62 -1.25 -8.51
C LEU B 407 29.67 -2.31 -8.23
N SER B 408 29.18 -3.47 -7.80
CA SER B 408 29.98 -4.68 -7.69
C SER B 408 29.00 -5.81 -7.96
N ASN B 409 29.49 -7.00 -8.27
CA ASN B 409 28.61 -8.07 -8.73
C ASN B 409 27.56 -8.44 -7.69
N LEU B 410 27.74 -7.91 -6.48
CA LEU B 410 26.77 -8.12 -5.40
C LEU B 410 25.47 -7.35 -5.62
N ASN B 411 25.57 -6.05 -5.89
CA ASN B 411 24.36 -5.22 -5.96
C ASN B 411 23.80 -5.02 -7.38
N LEU B 412 22.48 -5.16 -7.50
CA LEU B 412 21.79 -5.07 -8.78
C LEU B 412 20.86 -3.87 -8.79
N PRO B 413 20.57 -3.33 -9.98
CA PRO B 413 19.71 -2.15 -10.06
C PRO B 413 18.33 -2.43 -9.46
N GLY B 414 17.62 -1.38 -9.10
CA GLY B 414 16.37 -1.51 -8.41
C GLY B 414 15.52 -0.26 -8.49
N CYS B 415 14.47 -0.23 -7.67
CA CYS B 415 13.51 0.87 -7.70
C CYS B 415 13.34 1.48 -6.31
N ASP B 416 13.34 2.82 -6.24
CA ASP B 416 13.71 3.65 -7.38
C ASP B 416 15.05 4.33 -7.09
N GLY B 417 16.07 3.93 -7.85
CA GLY B 417 17.41 4.46 -7.64
C GLY B 417 18.11 3.66 -6.57
N GLY B 418 17.31 2.89 -5.82
CA GLY B 418 17.85 1.95 -4.87
C GLY B 418 18.38 0.74 -5.60
N SER B 419 19.37 0.07 -5.02
CA SER B 419 19.89 -1.16 -5.58
C SER B 419 19.42 -2.32 -4.74
N LEU B 420 19.06 -3.43 -5.37
CA LEU B 420 18.78 -4.63 -4.60
C LEU B 420 20.11 -5.32 -4.33
N TYR B 421 20.47 -5.43 -3.06
CA TYR B 421 21.79 -5.92 -2.66
C TYR B 421 21.73 -7.40 -2.33
N VAL B 422 22.64 -8.18 -2.91
CA VAL B 422 22.68 -9.60 -2.64
C VAL B 422 24.08 -10.06 -2.19
N ASN B 423 24.16 -10.43 -0.92
CA ASN B 423 25.28 -11.17 -0.37
C ASN B 423 24.73 -12.55 -0.14
N LYS B 424 23.81 -12.62 0.81
CA LYS B 424 22.85 -13.70 0.96
C LYS B 424 21.55 -12.98 1.27
N HIS B 425 20.42 -13.67 1.14
CA HIS B 425 19.14 -13.11 1.57
C HIS B 425 19.02 -11.67 1.08
N ALA B 426 18.81 -11.52 -0.22
CA ALA B 426 18.90 -10.22 -0.88
C ALA B 426 18.07 -9.15 -0.17
N PHE B 427 18.72 -8.02 0.11
CA PHE B 427 18.07 -6.89 0.76
C PHE B 427 17.92 -5.74 -0.24
N HIS B 428 16.70 -5.34 -0.53
CA HIS B 428 16.49 -4.12 -1.31
C HIS B 428 16.75 -2.93 -0.39
N THR B 429 17.61 -2.03 -0.84
CA THR B 429 17.94 -0.85 -0.06
C THR B 429 17.62 0.40 -0.85
N PRO B 430 17.12 1.42 -0.14
CA PRO B 430 16.76 2.72 -0.72
C PRO B 430 17.95 3.44 -1.35
N ALA B 431 17.68 4.38 -2.25
CA ALA B 431 18.74 5.15 -2.89
C ALA B 431 19.55 5.91 -1.83
N PHE B 432 20.86 5.97 -2.02
CA PHE B 432 21.72 6.67 -1.07
C PHE B 432 21.40 8.16 -1.02
N ASP B 433 21.16 8.67 0.18
CA ASP B 433 20.77 10.07 0.37
C ASP B 433 21.56 10.77 1.46
N LYS B 434 22.27 11.83 1.09
CA LYS B 434 23.05 12.62 2.04
C LYS B 434 22.19 13.19 3.15
N SER B 435 21.01 13.68 2.76
CA SER B 435 20.10 14.31 3.71
C SER B 435 19.79 13.39 4.87
N ALA B 436 19.83 12.09 4.64
CA ALA B 436 19.57 11.12 5.70
C ALA B 436 20.60 11.24 6.82
N PHE B 437 21.81 11.64 6.45
CA PHE B 437 22.91 11.73 7.41
C PHE B 437 23.11 13.13 8.00
N THR B 438 22.21 14.05 7.65
CA THR B 438 22.33 15.44 8.07
C THR B 438 22.55 15.63 9.57
N ASN B 439 22.03 14.71 10.38
CA ASN B 439 22.22 14.79 11.82
C ASN B 439 23.57 14.24 12.28
N LEU B 440 24.19 13.42 11.44
CA LEU B 440 25.43 12.73 11.81
C LEU B 440 26.65 13.35 11.15
N LYS B 441 27.80 12.74 11.39
CA LYS B 441 29.05 13.11 10.72
C LYS B 441 29.70 11.84 10.19
N GLN B 442 30.55 11.97 9.18
CA GLN B 442 31.23 10.81 8.63
C GLN B 442 32.19 10.22 9.67
N LEU B 443 32.47 8.93 9.53
CA LEU B 443 33.25 8.22 10.54
C LEU B 443 34.68 7.95 10.06
N PRO B 444 35.65 8.69 10.62
CA PRO B 444 37.07 8.50 10.29
C PRO B 444 37.56 7.13 10.74
N PHE B 445 38.51 6.57 10.01
CA PHE B 445 39.08 5.28 10.38
C PHE B 445 39.89 5.37 11.65
N PHE B 446 39.77 4.35 12.50
CA PHE B 446 40.59 4.25 13.69
C PHE B 446 40.68 2.81 14.17
N TYR B 447 41.69 2.50 14.97
CA TYR B 447 41.81 1.18 15.54
C TYR B 447 41.81 1.26 17.07
N TYR B 448 41.15 0.31 17.72
CA TYR B 448 41.19 0.21 19.17
C TYR B 448 41.42 -1.23 19.63
N SER B 449 42.47 -1.41 20.42
CA SER B 449 42.66 -2.65 21.17
C SER B 449 43.13 -2.33 22.59
N ASP B 450 42.41 -2.84 23.58
CA ASP B 450 42.98 -2.92 24.92
C ASP B 450 43.42 -4.35 25.10
N SER B 451 44.73 -4.55 25.02
CA SER B 451 45.33 -5.86 25.25
C SER B 451 46.74 -5.69 25.77
N PRO B 452 47.21 -6.64 26.59
CA PRO B 452 48.65 -6.76 26.83
C PRO B 452 49.36 -6.96 25.50
N CYS B 453 50.46 -6.24 25.31
CA CYS B 453 51.22 -6.30 24.08
C CYS B 453 52.10 -7.55 24.03
N GLU B 454 52.48 -7.95 22.81
CA GLU B 454 53.51 -8.95 22.65
C GLU B 454 54.63 -8.45 21.74
N TYR B 466 56.21 -7.88 7.21
CA TYR B 466 56.92 -8.19 8.46
C TYR B 466 57.56 -6.96 9.07
N VAL B 467 57.88 -5.97 8.25
CA VAL B 467 58.43 -4.71 8.73
C VAL B 467 57.38 -3.92 9.50
N PRO B 468 57.78 -3.30 10.61
CA PRO B 468 56.88 -2.53 11.47
C PRO B 468 56.51 -1.17 10.86
N LEU B 469 55.34 -0.66 11.23
CA LEU B 469 54.88 0.62 10.69
C LEU B 469 54.18 1.48 11.74
N LYS B 470 54.35 2.80 11.63
CA LYS B 470 53.76 3.72 12.60
C LYS B 470 52.50 4.37 12.03
N SER B 471 51.39 4.17 12.74
CA SER B 471 50.12 4.77 12.33
C SER B 471 49.70 5.87 13.29
N ALA B 472 49.62 7.08 12.77
CA ALA B 472 49.12 8.21 13.56
C ALA B 472 47.67 7.92 13.98
N THR B 473 46.92 7.28 13.10
CA THR B 473 45.51 7.04 13.32
C THR B 473 45.25 5.68 13.95
N CYS B 474 44.88 5.72 15.23
CA CYS B 474 44.47 4.53 15.97
C CYS B 474 44.37 4.95 17.43
N ILE B 475 43.99 4.00 18.27
CA ILE B 475 44.60 3.96 19.59
C ILE B 475 45.44 2.69 19.67
N THR B 476 46.76 2.86 19.69
CA THR B 476 47.63 1.72 19.77
C THR B 476 47.52 1.17 21.18
N ARG B 477 47.85 -0.10 21.36
CA ARG B 477 47.87 -0.60 22.72
C ARG B 477 48.98 0.09 23.49
N CYS B 478 50.09 0.39 22.81
CA CYS B 478 51.16 1.21 23.39
C CYS B 478 51.65 2.35 22.46
N ASN B 479 51.34 3.61 22.81
CA ASN B 479 51.81 4.81 22.08
C ASN B 479 52.98 5.58 22.72
N LEU B 480 53.43 5.13 23.89
CA LEU B 480 54.51 5.80 24.62
C LEU B 480 55.76 5.88 23.75
N GLY B 481 56.05 4.77 23.07
CA GLY B 481 57.18 4.69 22.17
C GLY B 481 56.77 5.13 20.77
N GLY B 482 57.39 4.51 19.76
CA GLY B 482 57.06 4.80 18.37
C GLY B 482 55.56 4.76 18.09
N ALA B 483 54.90 3.66 18.46
CA ALA B 483 55.57 2.48 18.98
C ALA B 483 54.99 1.27 18.28
N VAL B 484 55.82 0.56 17.54
CA VAL B 484 55.37 -0.64 16.86
C VAL B 484 55.44 -1.83 17.81
N CYS B 485 54.26 -2.38 18.12
CA CYS B 485 54.16 -3.50 19.05
C CYS B 485 53.63 -4.70 18.30
N ARG B 486 54.46 -5.74 18.21
CA ARG B 486 54.30 -6.77 17.20
C ARG B 486 52.92 -7.41 17.14
N HIS B 487 52.21 -7.47 18.26
CA HIS B 487 50.86 -8.00 18.24
C HIS B 487 49.91 -7.02 17.56
N HIS B 488 49.98 -5.75 17.97
CA HIS B 488 49.05 -4.71 17.51
C HIS B 488 49.40 -4.28 16.10
N ALA B 489 50.70 -4.12 15.87
CA ALA B 489 51.21 -3.71 14.58
C ALA B 489 50.70 -4.63 13.49
N ASN B 490 50.56 -5.91 13.84
CA ASN B 490 49.97 -6.89 12.93
C ASN B 490 48.44 -6.87 12.92
N GLU B 491 47.84 -6.73 14.11
CA GLU B 491 46.39 -6.71 14.22
C GLU B 491 45.81 -5.45 13.58
N TYR B 492 46.49 -4.33 13.79
CA TYR B 492 46.09 -3.07 13.18
C TYR B 492 46.09 -3.21 11.67
N ARG B 493 47.14 -3.85 11.16
CA ARG B 493 47.30 -4.08 9.72
C ARG B 493 46.16 -4.94 9.16
N GLN B 494 45.80 -5.99 9.90
CA GLN B 494 44.74 -6.91 9.49
C GLN B 494 43.35 -6.28 9.58
N TYR B 495 43.12 -5.46 10.60
CA TYR B 495 41.84 -4.79 10.78
C TYR B 495 41.61 -3.75 9.68
N LEU B 496 42.59 -2.88 9.48
CA LEU B 496 42.53 -1.87 8.43
C LEU B 496 42.22 -2.49 7.07
N ASP B 497 42.79 -3.66 6.81
CA ASP B 497 42.54 -4.36 5.57
C ASP B 497 41.08 -4.79 5.46
N ALA B 498 40.51 -5.20 6.59
CA ALA B 498 39.12 -5.62 6.62
C ALA B 498 38.19 -4.42 6.63
N TYR B 499 38.71 -3.28 7.07
CA TYR B 499 37.97 -2.03 7.03
C TYR B 499 37.96 -1.45 5.61
N ASN B 500 39.12 -1.47 4.96
CA ASN B 500 39.25 -1.00 3.60
C ASN B 500 38.54 -1.92 2.61
N MET B 501 38.32 -3.16 3.03
CA MET B 501 37.60 -4.13 2.22
C MET B 501 36.12 -3.77 2.13
N MET B 502 35.54 -3.45 3.29
CA MET B 502 34.10 -3.19 3.36
C MET B 502 33.74 -1.77 2.92
N ILE B 503 34.72 -0.88 2.95
CA ILE B 503 34.52 0.47 2.43
C ILE B 503 34.59 0.43 0.91
N SER B 504 35.35 -0.53 0.39
CA SER B 504 35.40 -0.79 -1.04
C SER B 504 34.18 -1.61 -1.43
N ALA B 505 33.61 -2.32 -0.46
CA ALA B 505 32.41 -3.10 -0.69
C ALA B 505 31.19 -2.18 -0.86
N GLY B 506 31.41 -0.89 -0.64
CA GLY B 506 30.38 0.11 -0.88
C GLY B 506 29.67 0.58 0.38
N PHE B 507 30.03 0.00 1.53
CA PHE B 507 29.47 0.43 2.79
C PHE B 507 30.13 1.73 3.26
N SER B 508 29.36 2.59 3.93
CA SER B 508 29.90 3.81 4.51
C SER B 508 29.50 3.92 5.98
N LEU B 509 30.41 4.45 6.80
CA LEU B 509 30.17 4.57 8.24
C LEU B 509 29.87 6.00 8.69
N TRP B 510 28.83 6.15 9.50
CA TRP B 510 28.45 7.45 10.02
C TRP B 510 28.24 7.39 11.53
N ILE B 511 28.68 8.44 12.22
CA ILE B 511 28.66 8.47 13.67
C ILE B 511 28.05 9.77 14.18
N TYR B 512 27.51 9.75 15.39
CA TYR B 512 27.13 10.98 16.06
C TYR B 512 28.37 11.86 16.17
N LYS B 513 28.19 13.17 16.02
CA LYS B 513 29.32 14.09 15.97
C LYS B 513 30.04 14.29 17.31
N GLN B 514 29.35 14.02 18.41
CA GLN B 514 29.95 14.18 19.74
C GLN B 514 31.22 13.34 19.84
N PHE B 515 31.20 12.21 19.14
CA PHE B 515 32.28 11.22 19.18
C PHE B 515 33.66 11.81 18.93
N ASP B 516 34.63 11.35 19.72
CA ASP B 516 36.01 11.83 19.56
C ASP B 516 37.02 10.70 19.78
N THR B 517 38.02 10.65 18.90
CA THR B 517 39.08 9.67 18.96
C THR B 517 39.78 9.72 20.33
N TYR B 518 40.00 10.93 20.84
CA TYR B 518 40.75 11.15 22.06
C TYR B 518 40.25 10.33 23.26
N ASN B 519 38.95 10.36 23.49
CA ASN B 519 38.39 9.87 24.75
C ASN B 519 38.73 8.40 25.00
N LEU B 520 39.19 7.71 23.97
CA LEU B 520 39.65 6.34 24.11
C LEU B 520 41.00 6.27 24.82
N TRP B 521 41.75 7.36 24.80
CA TRP B 521 43.04 7.42 25.49
C TRP B 521 42.86 7.32 27.00
N ASN B 522 41.81 7.94 27.52
CA ASN B 522 41.59 8.00 28.96
C ASN B 522 41.29 6.63 29.54
N THR B 523 41.05 5.66 28.65
CA THR B 523 40.88 4.28 29.05
C THR B 523 42.25 3.65 29.24
N PHE B 524 43.28 4.35 28.77
CA PHE B 524 44.67 3.94 28.96
C PHE B 524 45.27 4.57 30.20
N THR B 525 44.44 5.28 30.96
CA THR B 525 44.88 5.86 32.22
C THR B 525 44.99 4.80 33.32
N ARG B 526 45.77 5.11 34.35
CA ARG B 526 45.89 4.26 35.54
C ARG B 526 46.80 4.87 36.59
N GLY C 4 -40.54 21.94 16.92
CA GLY C 4 -41.93 22.30 17.10
C GLY C 4 -42.66 22.36 15.77
N SER C 5 -43.95 22.05 15.80
CA SER C 5 -44.76 22.05 14.58
C SER C 5 -45.18 23.46 14.17
N ALA C 6 -45.43 24.31 15.16
CA ALA C 6 -45.87 25.67 14.90
C ALA C 6 -44.80 26.51 14.23
N GLY C 7 -45.21 27.61 13.61
CA GLY C 7 -44.30 28.47 12.89
C GLY C 7 -44.44 28.28 11.39
N ASN C 8 -43.77 29.12 10.62
CA ASN C 8 -43.88 29.09 9.18
C ASN C 8 -42.55 28.82 8.48
N ALA C 9 -42.43 27.64 7.87
CA ALA C 9 -41.19 27.22 7.25
C ALA C 9 -40.70 28.20 6.18
N THR C 10 -39.46 28.66 6.33
CA THR C 10 -38.93 29.70 5.46
C THR C 10 -38.12 29.21 4.25
N GLU C 11 -37.78 27.92 4.22
CA GLU C 11 -36.80 27.44 3.26
C GLU C 11 -37.11 26.09 2.60
N VAL C 12 -36.34 25.75 1.57
CA VAL C 12 -36.56 24.58 0.74
C VAL C 12 -35.41 23.58 0.87
N PRO C 13 -35.72 22.27 0.79
CA PRO C 13 -34.81 21.14 0.93
C PRO C 13 -33.54 21.21 0.08
N ALA C 14 -33.69 21.63 -1.18
CA ALA C 14 -32.54 21.76 -2.07
C ALA C 14 -31.48 22.69 -1.49
N ASN C 15 -31.94 23.78 -0.88
CA ASN C 15 -31.06 24.82 -0.36
C ASN C 15 -30.29 24.44 0.92
N SER C 16 -30.88 23.57 1.74
CA SER C 16 -30.36 23.29 3.08
C SER C 16 -28.86 23.00 3.15
N THR C 17 -28.37 22.10 2.30
CA THR C 17 -26.96 21.74 2.31
C THR C 17 -26.05 22.97 2.26
N VAL C 18 -26.30 23.81 1.27
CA VAL C 18 -25.46 24.99 1.03
C VAL C 18 -25.47 25.93 2.22
N LEU C 19 -26.67 26.18 2.76
CA LEU C 19 -26.88 27.14 3.83
C LEU C 19 -26.16 26.74 5.11
N SER C 20 -26.41 25.53 5.59
CA SER C 20 -25.76 25.01 6.78
C SER C 20 -24.23 25.07 6.64
N PHE C 21 -23.73 24.66 5.49
CA PHE C 21 -22.30 24.69 5.22
C PHE C 21 -21.73 26.10 5.35
N CYS C 22 -22.50 27.08 4.89
CA CYS C 22 -22.08 28.48 4.95
C CYS C 22 -22.29 29.10 6.34
N ALA C 23 -23.31 28.63 7.05
CA ALA C 23 -23.60 29.16 8.38
C ALA C 23 -22.48 28.85 9.38
N PHE C 24 -21.83 27.70 9.20
CA PHE C 24 -20.76 27.24 10.09
C PHE C 24 -19.37 27.76 9.70
N ALA C 25 -19.25 28.29 8.49
CA ALA C 25 -17.97 28.73 7.96
C ALA C 25 -17.39 29.93 8.68
N VAL C 26 -16.07 30.02 8.73
CA VAL C 26 -15.39 31.21 9.24
C VAL C 26 -15.47 32.31 8.20
N ASP C 27 -15.22 31.93 6.94
CA ASP C 27 -15.49 32.81 5.83
C ASP C 27 -16.66 32.21 5.08
N PRO C 28 -17.85 32.79 5.25
CA PRO C 28 -19.06 32.30 4.58
C PRO C 28 -18.96 32.58 3.09
N ALA C 29 -18.38 33.73 2.77
CA ALA C 29 -18.16 34.11 1.39
C ALA C 29 -17.35 33.04 0.66
N LYS C 30 -16.12 32.83 1.13
CA LYS C 30 -15.25 31.81 0.56
C LYS C 30 -15.98 30.49 0.44
N ALA C 31 -16.69 30.10 1.49
CA ALA C 31 -17.41 28.84 1.53
C ALA C 31 -18.33 28.69 0.31
N TYR C 32 -19.16 29.69 0.08
CA TYR C 32 -20.10 29.66 -1.04
C TYR C 32 -19.39 29.53 -2.38
N LYS C 33 -18.29 30.26 -2.53
CA LYS C 33 -17.51 30.21 -3.77
C LYS C 33 -17.04 28.79 -4.03
N ASP C 34 -16.44 28.18 -3.02
CA ASP C 34 -15.88 26.84 -3.13
C ASP C 34 -16.95 25.77 -3.32
N TYR C 35 -18.11 25.98 -2.70
CA TYR C 35 -19.21 25.03 -2.83
C TYR C 35 -19.71 24.98 -4.28
N LEU C 36 -19.70 26.13 -4.93
CA LEU C 36 -20.04 26.21 -6.35
C LEU C 36 -18.95 25.56 -7.19
N ALA C 37 -17.71 25.84 -6.84
CA ALA C 37 -16.56 25.28 -7.57
C ALA C 37 -16.54 23.76 -7.48
N SER C 38 -17.10 23.22 -6.42
CA SER C 38 -17.17 21.78 -6.26
C SER C 38 -18.37 21.20 -7.03
N GLY C 39 -19.15 22.09 -7.64
CA GLY C 39 -20.29 21.69 -8.45
C GLY C 39 -21.63 21.86 -7.75
N GLY C 40 -21.63 22.57 -6.63
CA GLY C 40 -22.85 22.83 -5.89
C GLY C 40 -23.82 23.71 -6.66
N GLN C 41 -25.10 23.55 -6.38
CA GLN C 41 -26.13 24.38 -7.01
C GLN C 41 -26.34 25.65 -6.19
N PRO C 42 -26.51 26.79 -6.87
CA PRO C 42 -26.73 28.08 -6.22
C PRO C 42 -28.04 28.10 -5.44
N ILE C 43 -28.20 29.08 -4.56
CA ILE C 43 -29.39 29.19 -3.72
C ILE C 43 -30.60 29.50 -4.58
N THR C 44 -31.62 28.65 -4.50
CA THR C 44 -32.76 28.71 -5.42
C THR C 44 -33.92 29.65 -5.06
N ASN C 45 -34.04 30.01 -3.78
CA ASN C 45 -35.31 30.54 -3.27
C ASN C 45 -35.53 32.06 -3.27
N CYS C 46 -34.59 32.81 -3.84
CA CYS C 46 -34.68 34.26 -3.85
C CYS C 46 -35.98 34.79 -4.43
N VAL C 47 -36.44 35.92 -3.90
CA VAL C 47 -37.69 36.53 -4.38
C VAL C 47 -37.48 37.27 -5.70
N LYS C 48 -38.26 36.90 -6.70
CA LYS C 48 -38.15 37.48 -8.04
C LYS C 48 -39.29 38.46 -8.27
N MET C 49 -38.98 39.64 -8.79
CA MET C 49 -40.01 40.65 -8.99
C MET C 49 -40.59 40.61 -10.40
N LEU C 50 -41.92 40.51 -10.48
CA LEU C 50 -42.59 40.69 -11.75
C LEU C 50 -42.50 42.17 -12.10
N CYS C 51 -41.95 42.47 -13.26
CA CYS C 51 -41.60 43.84 -13.63
C CYS C 51 -42.06 44.21 -15.04
N THR C 52 -41.98 45.49 -15.35
CA THR C 52 -42.44 46.02 -16.64
C THR C 52 -41.56 45.67 -17.86
N HIS C 53 -40.24 45.58 -17.69
CA HIS C 53 -39.53 46.08 -16.52
C HIS C 53 -39.37 47.58 -16.67
N THR C 54 -38.85 47.98 -17.82
CA THR C 54 -38.83 49.38 -18.26
C THR C 54 -38.19 50.31 -17.24
N GLY C 55 -37.31 49.77 -16.41
CA GLY C 55 -36.73 50.53 -15.31
C GLY C 55 -35.38 51.13 -15.65
N THR C 56 -34.97 52.12 -14.86
CA THR C 56 -33.60 52.61 -14.93
C THR C 56 -32.72 51.49 -14.41
N GLY C 57 -31.65 51.19 -15.12
CA GLY C 57 -30.87 49.99 -14.88
C GLY C 57 -30.11 49.90 -13.57
N GLN C 58 -29.85 51.05 -12.94
CA GLN C 58 -28.94 51.08 -11.79
C GLN C 58 -29.41 50.26 -10.59
N ALA C 59 -28.44 49.63 -9.94
CA ALA C 59 -28.64 48.94 -8.68
C ALA C 59 -27.96 49.75 -7.58
N ILE C 60 -28.55 49.80 -6.39
CA ILE C 60 -29.77 49.06 -6.10
C ILE C 60 -30.94 49.97 -5.73
N THR C 61 -32.02 49.86 -6.49
CA THR C 61 -33.17 50.74 -6.36
C THR C 61 -34.03 50.45 -5.14
N VAL C 62 -34.80 51.45 -4.71
CA VAL C 62 -35.73 51.28 -3.59
C VAL C 62 -37.07 50.76 -4.09
N THR C 63 -37.27 50.83 -5.41
CA THR C 63 -38.43 50.26 -6.07
C THR C 63 -37.98 49.57 -7.35
N PRO C 64 -38.62 48.44 -7.70
CA PRO C 64 -38.11 47.58 -8.77
C PRO C 64 -37.88 48.34 -10.07
N GLU C 65 -36.68 48.18 -10.62
CA GLU C 65 -36.31 48.78 -11.90
C GLU C 65 -35.48 47.80 -12.67
N ALA C 66 -35.84 47.51 -13.91
CA ALA C 66 -34.98 46.66 -14.73
C ALA C 66 -34.84 47.12 -16.17
N ASN C 67 -33.60 47.25 -16.62
CA ASN C 67 -33.31 47.34 -18.03
C ASN C 67 -33.73 46.00 -18.63
N MET C 68 -34.11 46.00 -19.90
CA MET C 68 -34.72 44.82 -20.48
C MET C 68 -33.91 43.55 -20.20
N ASP C 69 -32.59 43.70 -20.13
CA ASP C 69 -31.71 42.56 -19.91
C ASP C 69 -31.64 42.16 -18.45
N GLN C 70 -31.85 43.13 -17.56
CA GLN C 70 -31.77 42.90 -16.12
C GLN C 70 -32.98 42.12 -15.60
N GLU C 71 -32.80 41.53 -14.42
CA GLU C 71 -33.93 41.03 -13.65
C GLU C 71 -33.88 41.73 -12.30
N SER C 72 -34.99 41.73 -11.56
CA SER C 72 -35.02 42.40 -10.26
C SER C 72 -35.48 41.47 -9.12
N PHE C 73 -34.76 41.54 -8.00
CA PHE C 73 -35.07 40.72 -6.83
C PHE C 73 -35.23 41.60 -5.60
N GLY C 74 -35.79 41.03 -4.53
CA GLY C 74 -35.78 41.69 -3.23
C GLY C 74 -34.40 41.57 -2.64
N GLY C 75 -33.93 42.63 -1.98
CA GLY C 75 -32.56 42.70 -1.52
C GLY C 75 -32.10 41.56 -0.63
N ALA C 76 -32.82 41.31 0.46
CA ALA C 76 -32.42 40.32 1.45
C ALA C 76 -32.21 38.95 0.82
N SER C 77 -33.08 38.60 -0.13
CA SER C 77 -33.04 37.30 -0.79
C SER C 77 -31.77 37.10 -1.61
N CYS C 78 -31.14 38.21 -1.97
CA CYS C 78 -29.86 38.16 -2.67
C CYS C 78 -28.62 38.28 -1.75
N CYS C 79 -28.83 38.51 -0.46
CA CYS C 79 -27.71 38.60 0.51
C CYS C 79 -27.40 37.27 1.21
N LEU C 80 -26.19 36.75 0.97
CA LEU C 80 -25.75 35.51 1.60
C LEU C 80 -25.97 35.58 3.10
N TYR C 81 -25.49 36.66 3.71
CA TYR C 81 -25.55 36.85 5.15
C TYR C 81 -26.99 36.93 5.68
N CYS C 82 -27.90 37.43 4.84
CA CYS C 82 -29.31 37.43 5.18
C CYS C 82 -29.89 36.02 5.12
N ARG C 83 -29.45 35.24 4.15
CA ARG C 83 -29.97 33.89 3.93
C ARG C 83 -29.54 32.92 5.02
N CYS C 84 -28.30 33.06 5.48
CA CYS C 84 -27.75 32.19 6.52
C CYS C 84 -27.91 32.81 7.91
N HIS C 85 -28.46 34.02 7.96
CA HIS C 85 -28.72 34.71 9.23
C HIS C 85 -27.45 34.84 10.06
N ILE C 86 -26.42 35.40 9.44
CA ILE C 86 -25.12 35.59 10.08
C ILE C 86 -24.70 37.06 9.96
N ASP C 87 -23.78 37.50 10.83
CA ASP C 87 -23.39 38.91 10.84
C ASP C 87 -22.98 39.38 9.44
N HIS C 88 -23.34 40.62 9.12
CA HIS C 88 -22.97 41.25 7.85
C HIS C 88 -21.56 41.83 7.94
N PRO C 89 -20.73 41.61 6.91
CA PRO C 89 -19.33 42.07 6.92
C PRO C 89 -19.18 43.56 6.68
N ASN C 90 -19.93 44.35 7.45
CA ASN C 90 -19.71 45.78 7.56
C ASN C 90 -19.36 46.08 9.01
N PRO C 91 -18.49 47.06 9.25
CA PRO C 91 -18.12 47.35 10.65
C PRO C 91 -19.33 47.49 11.56
N LYS C 92 -20.40 48.13 11.09
CA LYS C 92 -21.59 48.27 11.90
C LYS C 92 -22.57 47.11 11.65
N GLY C 93 -22.20 46.23 10.73
CA GLY C 93 -22.99 45.05 10.44
C GLY C 93 -24.42 45.31 10.02
N PHE C 94 -24.63 46.34 9.21
CA PHE C 94 -25.95 46.59 8.64
C PHE C 94 -25.97 46.24 7.15
N CYS C 95 -26.98 45.49 6.75
CA CYS C 95 -27.09 45.01 5.37
C CYS C 95 -27.59 46.11 4.42
N ASP C 96 -26.81 46.39 3.38
CA ASP C 96 -27.15 47.42 2.41
C ASP C 96 -28.13 46.93 1.34
N LEU C 97 -28.29 45.60 1.24
CA LEU C 97 -29.27 45.03 0.33
C LEU C 97 -30.68 44.98 0.91
N LYS C 98 -30.81 44.57 2.17
CA LYS C 98 -32.11 44.35 2.80
C LYS C 98 -32.97 45.61 2.84
N GLY C 99 -34.22 45.47 2.40
CA GLY C 99 -35.17 46.58 2.40
C GLY C 99 -35.20 47.35 1.09
N LYS C 100 -34.41 46.88 0.13
CA LYS C 100 -34.38 47.48 -1.20
C LYS C 100 -34.28 46.38 -2.26
N TYR C 101 -34.75 46.69 -3.47
CA TYR C 101 -34.69 45.74 -4.58
C TYR C 101 -33.32 45.72 -5.23
N VAL C 102 -32.96 44.58 -5.82
CA VAL C 102 -31.64 44.40 -6.41
C VAL C 102 -31.70 44.03 -7.90
N GLN C 103 -30.75 44.57 -8.65
CA GLN C 103 -30.70 44.41 -10.09
C GLN C 103 -29.66 43.40 -10.57
N ILE C 104 -30.14 42.32 -11.20
CA ILE C 104 -29.23 41.32 -11.74
C ILE C 104 -29.49 41.10 -13.23
N PRO C 105 -28.40 40.97 -14.01
CA PRO C 105 -28.47 40.60 -15.42
C PRO C 105 -29.07 39.22 -15.60
N THR C 106 -30.02 39.09 -16.52
CA THR C 106 -30.70 37.82 -16.75
C THR C 106 -29.72 36.68 -16.99
N THR C 107 -28.62 36.98 -17.67
CA THR C 107 -27.59 35.96 -17.90
C THR C 107 -27.08 35.39 -16.58
N CYS C 108 -26.76 36.27 -15.63
CA CYS C 108 -26.22 35.84 -14.35
C CYS C 108 -27.33 35.44 -13.38
N ALA C 109 -28.57 35.59 -13.81
CA ALA C 109 -29.73 35.48 -12.93
C ALA C 109 -29.89 34.10 -12.30
N ASN C 110 -29.09 33.14 -12.76
CA ASN C 110 -29.08 31.81 -12.18
C ASN C 110 -28.63 31.81 -10.72
N ASP C 111 -27.61 32.61 -10.42
CA ASP C 111 -27.04 32.67 -9.09
C ASP C 111 -26.94 34.11 -8.60
N PRO C 112 -28.10 34.72 -8.30
CA PRO C 112 -28.14 36.13 -7.88
C PRO C 112 -27.37 36.35 -6.58
N VAL C 113 -27.57 35.47 -5.61
CA VAL C 113 -26.89 35.56 -4.33
C VAL C 113 -25.38 35.58 -4.49
N GLY C 114 -24.86 34.66 -5.29
CA GLY C 114 -23.45 34.65 -5.62
C GLY C 114 -23.04 35.94 -6.29
N PHE C 115 -23.89 36.43 -7.20
CA PHE C 115 -23.60 37.63 -7.97
C PHE C 115 -23.27 38.81 -7.08
N THR C 116 -24.11 39.05 -6.08
CA THR C 116 -23.94 40.21 -5.20
C THR C 116 -22.58 40.21 -4.50
N LEU C 117 -22.08 39.02 -4.20
CA LEU C 117 -20.75 38.88 -3.63
C LEU C 117 -19.67 39.35 -4.60
N ARG C 118 -19.70 38.80 -5.80
CA ARG C 118 -18.64 39.04 -6.80
C ARG C 118 -18.40 40.51 -7.11
N ASN C 119 -19.47 41.28 -7.18
CA ASN C 119 -19.41 42.64 -7.71
C ASN C 119 -19.74 43.74 -6.70
N THR C 120 -19.27 44.94 -7.00
CA THR C 120 -19.58 46.10 -6.19
C THR C 120 -20.23 47.19 -7.05
N VAL C 121 -21.02 48.03 -6.39
CA VAL C 121 -21.67 49.15 -7.06
C VAL C 121 -20.66 50.26 -7.34
N CYS C 122 -20.79 50.89 -8.51
CA CYS C 122 -19.94 52.00 -8.88
C CYS C 122 -20.53 53.27 -8.30
N THR C 123 -19.79 53.92 -7.41
CA THR C 123 -20.32 55.05 -6.65
C THR C 123 -20.77 56.20 -7.55
N VAL C 124 -20.24 56.21 -8.77
CA VAL C 124 -20.60 57.21 -9.77
C VAL C 124 -22.10 57.22 -10.10
N CYS C 125 -22.57 56.14 -10.71
CA CYS C 125 -23.87 56.13 -11.37
C CYS C 125 -25.08 56.34 -10.46
N GLY C 126 -25.16 55.61 -9.35
CA GLY C 126 -24.35 54.43 -9.11
C GLY C 126 -24.99 53.22 -9.78
N MET C 127 -24.14 52.33 -10.31
CA MET C 127 -24.63 51.19 -11.07
C MET C 127 -23.63 50.05 -11.01
N TRP C 128 -24.06 48.84 -11.34
CA TRP C 128 -23.16 47.69 -11.30
C TRP C 128 -21.90 47.93 -12.10
N LYS C 129 -20.75 47.73 -11.46
CA LYS C 129 -19.47 47.90 -12.11
C LYS C 129 -19.27 46.78 -13.13
N GLY C 130 -18.89 47.14 -14.35
CA GLY C 130 -18.69 46.15 -15.39
C GLY C 130 -19.99 45.61 -15.96
N TYR C 131 -21.11 46.03 -15.35
CA TYR C 131 -22.42 45.71 -15.89
C TYR C 131 -23.30 46.95 -15.95
N GLY C 132 -23.65 47.35 -17.16
CA GLY C 132 -24.47 48.53 -17.38
C GLY C 132 -23.79 49.83 -16.98
N CYS C 133 -22.52 49.74 -16.61
CA CYS C 133 -21.78 50.92 -16.19
C CYS C 133 -20.66 51.29 -17.17
N SER C 134 -20.85 52.40 -17.88
CA SER C 134 -19.78 52.98 -18.67
C SER C 134 -19.18 54.13 -17.86
N CYS C 135 -17.95 53.95 -17.41
CA CYS C 135 -17.36 54.87 -16.43
C CYS C 135 -15.83 54.89 -16.51
N ASP C 136 -15.24 55.90 -15.88
CA ASP C 136 -13.78 55.96 -15.73
C ASP C 136 -13.29 54.85 -14.80
N ALA D 2 -44.51 23.82 -3.76
CA ALA D 2 -44.83 24.26 -2.41
C ALA D 2 -44.52 23.18 -1.38
N GLU D 3 -43.66 22.24 -1.77
CA GLU D 3 -43.28 21.13 -0.90
C GLU D 3 -41.92 20.55 -1.28
N ASN D 4 -41.25 19.90 -0.32
CA ASN D 4 -41.71 19.92 1.07
C ASN D 4 -40.77 20.80 1.89
N VAL D 5 -41.27 21.96 2.31
CA VAL D 5 -40.45 22.93 3.01
C VAL D 5 -39.82 22.29 4.25
N THR D 6 -38.59 22.71 4.55
CA THR D 6 -37.88 22.19 5.71
C THR D 6 -37.95 23.21 6.84
N GLY D 7 -37.99 22.72 8.07
CA GLY D 7 -38.06 23.59 9.23
C GLY D 7 -36.71 24.19 9.57
N LEU D 8 -35.76 24.04 8.66
CA LEU D 8 -34.39 24.48 8.90
C LEU D 8 -34.26 25.92 9.43
N PHE D 9 -34.65 26.90 8.60
CA PHE D 9 -34.66 28.31 8.95
C PHE D 9 -36.03 28.85 9.40
N LYS D 10 -36.96 27.94 9.62
CA LYS D 10 -38.37 28.27 9.82
C LYS D 10 -38.61 29.41 10.81
N ASP D 11 -39.55 30.30 10.45
CA ASP D 11 -39.78 31.52 11.21
C ASP D 11 -40.68 31.22 12.39
N CYS D 12 -40.14 31.40 13.59
CA CYS D 12 -40.83 30.99 14.81
C CYS D 12 -41.61 32.11 15.50
N SER D 13 -41.62 33.29 14.89
CA SER D 13 -42.36 34.41 15.45
C SER D 13 -43.85 34.14 15.40
N LYS D 14 -44.63 34.83 16.22
CA LYS D 14 -46.07 34.84 15.98
C LYS D 14 -46.46 36.17 15.37
N ILE D 15 -46.70 36.14 14.07
CA ILE D 15 -47.30 37.25 13.34
C ILE D 15 -48.09 36.62 12.20
N ILE D 16 -49.29 37.15 11.95
CA ILE D 16 -50.10 36.66 10.84
C ILE D 16 -49.53 37.13 9.51
N THR D 17 -48.97 38.34 9.52
CA THR D 17 -48.53 39.03 8.31
C THR D 17 -47.05 38.83 7.97
N GLY D 18 -46.59 39.57 6.96
CA GLY D 18 -45.19 39.66 6.62
C GLY D 18 -44.69 38.58 5.69
N LEU D 19 -43.65 38.89 4.90
CA LEU D 19 -43.04 40.22 4.91
C LEU D 19 -42.97 40.78 3.49
N HIS D 20 -42.68 42.08 3.41
CA HIS D 20 -42.47 42.79 2.15
C HIS D 20 -41.38 42.07 1.33
N PRO D 21 -41.49 42.10 -0.01
CA PRO D 21 -40.53 41.45 -0.91
C PRO D 21 -39.09 41.88 -0.63
N THR D 22 -38.89 43.16 -0.33
CA THR D 22 -37.62 43.57 0.26
C THR D 22 -37.70 43.25 1.75
N GLN D 23 -36.54 42.97 2.35
CA GLN D 23 -36.43 42.54 3.74
C GLN D 23 -37.14 41.21 4.01
N ALA D 24 -37.30 40.44 2.95
CA ALA D 24 -37.80 39.07 3.04
C ALA D 24 -36.70 38.13 2.57
N PRO D 25 -36.22 37.25 3.48
CA PRO D 25 -35.10 36.37 3.15
C PRO D 25 -35.38 35.49 1.93
N THR D 26 -36.63 35.06 1.78
CA THR D 26 -36.97 34.00 0.83
C THR D 26 -38.40 34.11 0.29
N HIS D 27 -38.65 33.44 -0.84
CA HIS D 27 -39.92 33.55 -1.55
C HIS D 27 -41.14 33.25 -0.67
N LEU D 28 -41.13 32.09 -0.02
CA LEU D 28 -42.23 31.64 0.83
C LEU D 28 -42.36 32.47 2.12
N SER D 29 -41.32 33.24 2.42
CA SER D 29 -41.34 34.13 3.58
C SER D 29 -42.17 35.40 3.31
N VAL D 30 -42.48 35.63 2.03
CA VAL D 30 -43.24 36.82 1.63
C VAL D 30 -44.74 36.61 1.83
N ASP D 31 -45.44 37.68 2.16
CA ASP D 31 -46.87 37.62 2.46
C ASP D 31 -47.65 37.17 1.23
N ILE D 32 -48.80 36.54 1.46
CA ILE D 32 -49.66 36.08 0.37
C ILE D 32 -49.98 37.22 -0.57
N LYS D 33 -49.98 38.44 -0.02
CA LYS D 33 -50.46 39.61 -0.73
C LYS D 33 -49.55 40.07 -1.87
N PHE D 34 -48.27 39.71 -1.80
CA PHE D 34 -47.30 40.13 -2.83
C PHE D 34 -47.03 39.08 -3.91
N LYS D 35 -47.65 37.91 -3.81
CA LYS D 35 -47.28 36.77 -4.66
C LYS D 35 -48.23 36.47 -5.81
N THR D 36 -47.68 36.40 -7.02
CA THR D 36 -48.45 36.01 -8.20
C THR D 36 -47.69 34.98 -9.06
N GLU D 37 -48.30 33.83 -9.27
CA GLU D 37 -47.79 32.81 -10.20
C GLU D 37 -46.29 32.54 -10.06
N GLY D 38 -45.85 32.23 -8.85
CA GLY D 38 -44.46 31.94 -8.59
C GLY D 38 -43.59 33.19 -8.52
N LEU D 39 -44.20 34.35 -8.73
CA LEU D 39 -43.46 35.60 -8.69
C LEU D 39 -43.94 36.51 -7.55
N CYS D 40 -43.28 37.65 -7.40
CA CYS D 40 -43.64 38.62 -6.39
C CYS D 40 -43.64 40.03 -6.98
N VAL D 41 -44.54 40.87 -6.49
CA VAL D 41 -44.69 42.22 -7.05
C VAL D 41 -44.62 43.28 -5.95
N ASP D 42 -44.04 44.43 -6.28
CA ASP D 42 -43.95 45.54 -5.34
C ASP D 42 -45.23 46.37 -5.39
N ILE D 43 -45.95 46.40 -4.28
CA ILE D 43 -47.13 47.22 -4.16
C ILE D 43 -46.95 48.27 -3.07
N PRO D 44 -46.79 49.54 -3.46
CA PRO D 44 -46.92 50.62 -2.48
C PRO D 44 -48.37 50.63 -2.03
N GLY D 45 -48.66 51.17 -0.85
CA GLY D 45 -50.00 51.10 -0.31
C GLY D 45 -50.18 49.89 0.61
N ILE D 46 -49.31 48.90 0.45
CA ILE D 46 -49.10 47.87 1.47
C ILE D 46 -47.60 47.85 1.76
N PRO D 47 -47.15 48.86 2.51
CA PRO D 47 -45.74 49.22 2.73
C PRO D 47 -45.00 48.24 3.62
N LYS D 48 -43.68 48.22 3.47
CA LYS D 48 -42.81 47.34 4.25
C LYS D 48 -42.81 47.73 5.73
N ASP D 49 -42.70 46.73 6.60
CA ASP D 49 -42.64 46.97 8.04
C ASP D 49 -41.47 47.89 8.40
N MET D 50 -41.76 48.87 9.25
CA MET D 50 -40.73 49.81 9.71
C MET D 50 -39.65 49.08 10.50
N THR D 51 -40.07 48.34 11.54
CA THR D 51 -39.17 47.48 12.29
C THR D 51 -39.86 46.15 12.56
N TYR D 52 -39.08 45.07 12.67
CA TYR D 52 -39.63 43.77 13.03
C TYR D 52 -38.58 42.87 13.69
N ARG D 53 -39.04 41.95 14.52
CA ARG D 53 -38.16 40.96 15.13
C ARG D 53 -38.75 39.57 15.02
N ARG D 54 -38.05 38.69 14.32
CA ARG D 54 -38.54 37.35 14.09
C ARG D 54 -37.52 36.27 14.44
N LEU D 55 -37.91 35.40 15.37
CA LEU D 55 -37.05 34.30 15.81
C LEU D 55 -36.92 33.27 14.69
N ILE D 56 -35.68 32.88 14.40
CA ILE D 56 -35.40 31.97 13.30
C ILE D 56 -34.82 30.65 13.80
N SER D 57 -35.55 29.56 13.57
CA SER D 57 -35.14 28.24 14.06
C SER D 57 -33.78 27.79 13.51
N MET D 58 -32.95 27.24 14.40
CA MET D 58 -31.60 26.76 14.03
C MET D 58 -31.53 25.25 13.78
N MET D 59 -32.69 24.60 13.82
CA MET D 59 -32.78 23.14 13.87
C MET D 59 -32.70 22.40 12.53
N GLY D 60 -31.98 21.28 12.54
CA GLY D 60 -31.88 20.40 11.37
C GLY D 60 -30.92 20.82 10.27
N PHE D 61 -29.70 21.20 10.64
CA PHE D 61 -28.72 21.70 9.67
C PHE D 61 -28.37 20.75 8.51
N LYS D 62 -28.38 19.45 8.79
CA LYS D 62 -28.31 18.45 7.72
C LYS D 62 -27.26 18.77 6.65
N MET D 63 -25.99 18.66 6.99
CA MET D 63 -24.91 19.07 6.07
C MET D 63 -24.18 17.88 5.40
N ASN D 64 -24.41 17.72 4.11
CA ASN D 64 -23.78 16.68 3.30
C ASN D 64 -22.58 17.18 2.52
N TYR D 65 -22.19 18.44 2.74
CA TYR D 65 -21.33 19.13 1.79
C TYR D 65 -20.10 18.32 1.39
N GLN D 66 -19.93 18.19 0.07
CA GLN D 66 -18.86 17.40 -0.52
C GLN D 66 -17.67 18.28 -0.94
N VAL D 67 -17.75 19.56 -0.63
CA VAL D 67 -16.81 20.55 -1.14
C VAL D 67 -15.35 20.16 -0.95
N ASN D 68 -14.58 20.26 -2.02
CA ASN D 68 -13.16 19.92 -2.02
C ASN D 68 -12.37 20.75 -1.02
N GLY D 69 -11.40 20.11 -0.36
CA GLY D 69 -10.52 20.80 0.57
C GLY D 69 -11.09 20.94 1.97
N TYR D 70 -12.40 20.72 2.10
CA TYR D 70 -13.06 20.84 3.40
C TYR D 70 -13.29 19.49 4.05
N PRO D 71 -12.80 19.32 5.29
CA PRO D 71 -13.02 18.09 6.07
C PRO D 71 -14.49 17.95 6.46
N ASN D 72 -15.05 16.76 6.26
CA ASN D 72 -16.43 16.52 6.64
C ASN D 72 -16.54 16.06 8.09
N MET D 73 -17.31 16.79 8.89
CA MET D 73 -17.42 16.54 10.32
C MET D 73 -17.86 15.11 10.67
N PHE D 74 -18.93 14.64 10.03
CA PHE D 74 -19.37 13.26 10.23
C PHE D 74 -18.48 12.27 9.48
N ILE D 75 -17.98 11.27 10.20
CA ILE D 75 -17.02 10.33 9.64
C ILE D 75 -17.52 8.89 9.76
N THR D 76 -16.88 8.00 9.02
CA THR D 76 -17.22 6.58 9.02
C THR D 76 -16.98 5.97 10.40
N ARG D 77 -17.70 4.88 10.69
CA ARG D 77 -17.48 4.14 11.93
C ARG D 77 -16.03 3.66 11.98
N GLU D 78 -15.55 3.19 10.84
CA GLU D 78 -14.18 2.69 10.74
C GLU D 78 -13.16 3.76 11.09
N GLU D 79 -13.40 4.98 10.60
CA GLU D 79 -12.47 6.07 10.86
C GLU D 79 -12.49 6.50 12.32
N ALA D 80 -13.65 6.37 12.94
CA ALA D 80 -13.83 6.75 14.35
C ALA D 80 -13.05 5.83 15.29
N ILE D 81 -12.77 4.62 14.82
CA ILE D 81 -12.03 3.64 15.62
C ILE D 81 -10.57 4.06 15.80
N ARG D 82 -9.94 4.48 14.71
CA ARG D 82 -8.57 4.95 14.77
C ARG D 82 -8.48 6.12 15.76
N HIS D 83 -9.55 6.91 15.81
CA HIS D 83 -9.59 8.14 16.59
C HIS D 83 -10.21 8.06 18.00
N VAL D 84 -10.48 6.85 18.48
CA VAL D 84 -11.13 6.62 19.76
C VAL D 84 -10.51 7.44 20.89
N ARG D 85 -9.24 7.76 20.77
CA ARG D 85 -8.59 8.65 21.73
C ARG D 85 -9.34 9.99 21.77
N ALA D 86 -9.95 10.35 20.65
CA ALA D 86 -10.62 11.64 20.51
C ALA D 86 -12.04 11.71 21.06
N TRP D 87 -12.67 10.56 21.25
CA TRP D 87 -14.11 10.50 21.56
C TRP D 87 -14.52 11.33 22.78
N ILE D 88 -15.54 12.16 22.59
CA ILE D 88 -16.21 12.84 23.68
C ILE D 88 -17.73 12.77 23.49
N GLY D 89 -18.42 12.19 24.48
CA GLY D 89 -19.87 12.10 24.43
C GLY D 89 -20.50 13.48 24.54
N PHE D 90 -21.52 13.73 23.72
CA PHE D 90 -22.19 15.03 23.73
C PHE D 90 -23.71 14.90 23.61
N ASP D 91 -24.42 15.45 24.59
CA ASP D 91 -25.88 15.54 24.52
C ASP D 91 -26.37 16.84 25.15
N VAL D 92 -27.36 17.46 24.49
CA VAL D 92 -27.87 18.74 24.95
C VAL D 92 -29.35 18.67 25.31
N GLU D 93 -29.68 19.11 26.51
CA GLU D 93 -31.06 19.33 26.90
C GLU D 93 -31.33 20.81 26.65
N GLY D 94 -32.55 21.12 26.21
CA GLY D 94 -32.84 22.47 25.76
C GLY D 94 -34.24 22.92 26.10
N CYS D 95 -34.52 24.19 25.85
CA CYS D 95 -35.77 24.81 26.27
C CYS D 95 -36.53 25.40 25.09
N HIS D 96 -37.82 25.65 25.28
CA HIS D 96 -38.67 26.18 24.23
C HIS D 96 -38.85 27.69 24.33
N ALA D 97 -38.90 28.35 23.18
CA ALA D 97 -39.25 29.77 23.10
C ALA D 97 -40.74 29.91 23.39
N THR D 98 -41.12 30.96 24.11
CA THR D 98 -42.48 31.04 24.65
C THR D 98 -43.32 32.22 24.15
N ARG D 99 -43.02 33.42 24.65
CA ARG D 99 -43.90 34.58 24.44
C ARG D 99 -43.80 35.22 23.05
N ASP D 100 -42.67 35.86 22.76
CA ASP D 100 -42.51 36.54 21.49
C ASP D 100 -42.59 35.59 20.31
N ALA D 101 -42.21 34.33 20.53
CA ALA D 101 -42.10 33.35 19.45
C ALA D 101 -42.34 31.90 19.89
N VAL D 102 -42.61 31.03 18.93
CA VAL D 102 -42.88 29.61 19.20
C VAL D 102 -42.31 28.70 18.10
N GLY D 103 -41.97 27.46 18.45
CA GLY D 103 -41.62 26.47 17.45
C GLY D 103 -40.16 26.05 17.31
N THR D 104 -39.29 26.57 18.16
CA THR D 104 -37.88 26.16 18.13
C THR D 104 -37.30 26.06 19.55
N ASN D 105 -36.22 25.31 19.71
CA ASN D 105 -35.61 25.15 21.02
C ASN D 105 -34.19 25.72 21.11
N LEU D 106 -33.94 26.53 22.14
CA LEU D 106 -32.60 26.99 22.45
C LEU D 106 -31.92 26.07 23.48
N PRO D 107 -30.61 25.80 23.31
CA PRO D 107 -29.96 24.89 24.26
C PRO D 107 -29.80 25.49 25.66
N LEU D 108 -30.30 24.78 26.67
CA LEU D 108 -30.07 25.15 28.07
C LEU D 108 -28.82 24.55 28.71
N GLN D 109 -28.63 23.25 28.52
CA GLN D 109 -27.56 22.52 29.22
C GLN D 109 -26.80 21.59 28.28
N LEU D 110 -25.48 21.75 28.25
CA LEU D 110 -24.64 20.90 27.43
C LEU D 110 -23.79 20.01 28.31
N GLY D 111 -23.55 18.77 27.87
CA GLY D 111 -22.83 17.83 28.70
C GLY D 111 -21.98 16.87 27.91
N PHE D 112 -20.97 16.34 28.56
CA PHE D 112 -19.90 15.62 27.87
C PHE D 112 -19.48 14.35 28.61
N SER D 113 -18.65 13.56 27.97
CA SER D 113 -18.04 12.40 28.62
C SER D 113 -17.38 12.87 29.90
N THR D 114 -16.84 14.08 29.84
CA THR D 114 -16.31 14.73 31.03
C THR D 114 -17.49 14.97 31.97
N GLY D 115 -17.22 15.08 33.26
CA GLY D 115 -18.28 15.32 34.22
C GLY D 115 -19.04 16.58 33.92
N VAL D 116 -18.40 17.52 33.23
CA VAL D 116 -18.90 18.88 33.09
C VAL D 116 -20.24 19.08 32.37
N ASN D 117 -21.09 19.89 32.99
CA ASN D 117 -22.30 20.42 32.36
C ASN D 117 -22.27 21.94 32.39
N LEU D 118 -22.53 22.57 31.26
CA LEU D 118 -22.60 24.02 31.19
C LEU D 118 -24.04 24.45 30.94
N VAL D 119 -24.43 25.56 31.55
CA VAL D 119 -25.77 26.10 31.33
C VAL D 119 -25.71 27.53 30.84
N ALA D 120 -26.48 27.84 29.79
CA ALA D 120 -26.41 29.14 29.16
C ALA D 120 -27.75 29.87 29.17
N VAL D 121 -27.69 31.20 29.18
CA VAL D 121 -28.89 32.00 28.97
C VAL D 121 -29.44 31.60 27.61
N PRO D 122 -30.75 31.30 27.56
CA PRO D 122 -31.29 30.87 26.26
C PRO D 122 -31.06 31.98 25.24
N THR D 123 -30.45 31.64 24.13
CA THR D 123 -30.17 32.62 23.10
C THR D 123 -30.59 32.07 21.75
N GLY D 124 -30.91 32.97 20.83
CA GLY D 124 -31.36 32.56 19.52
C GLY D 124 -31.02 33.59 18.48
N TYR D 125 -31.40 33.32 17.24
CA TYR D 125 -31.13 34.23 16.13
C TYR D 125 -32.42 34.92 15.72
N VAL D 126 -32.40 36.24 15.77
CA VAL D 126 -33.61 37.03 15.60
C VAL D 126 -33.45 38.05 14.46
N ASP D 127 -34.26 37.89 13.42
CA ASP D 127 -34.16 38.74 12.25
C ASP D 127 -34.78 40.10 12.47
N THR D 128 -34.25 41.12 11.80
CA THR D 128 -34.76 42.48 11.88
C THR D 128 -34.61 43.17 10.54
N GLU D 129 -34.85 44.48 10.52
CA GLU D 129 -34.83 45.27 9.29
C GLU D 129 -33.45 45.35 8.65
N ASN D 130 -32.40 45.29 9.48
CA ASN D 130 -31.03 45.44 9.00
C ASN D 130 -30.21 44.16 9.06
N ASN D 131 -30.00 43.64 10.26
CA ASN D 131 -29.15 42.49 10.50
C ASN D 131 -29.87 41.40 11.28
N THR D 132 -29.30 40.20 11.30
CA THR D 132 -29.71 39.18 12.24
C THR D 132 -29.01 39.41 13.57
N GLU D 133 -29.78 39.48 14.64
CA GLU D 133 -29.22 39.67 15.97
C GLU D 133 -29.11 38.35 16.72
N PHE D 134 -27.93 38.09 17.24
CA PHE D 134 -27.72 36.95 18.12
C PHE D 134 -27.91 37.47 19.53
N THR D 135 -29.00 37.06 20.16
CA THR D 135 -29.38 37.68 21.43
C THR D 135 -30.16 36.79 22.38
N ARG D 136 -30.45 37.35 23.55
CA ARG D 136 -31.23 36.68 24.57
C ARG D 136 -32.69 36.72 24.15
N VAL D 137 -33.32 35.56 24.15
CA VAL D 137 -34.73 35.47 23.79
C VAL D 137 -35.46 34.77 24.92
N ASN D 138 -36.75 35.05 25.04
CA ASN D 138 -37.53 34.45 26.12
C ASN D 138 -37.90 33.01 25.81
N ALA D 139 -37.70 32.15 26.81
CA ALA D 139 -37.96 30.73 26.64
C ALA D 139 -38.61 30.10 27.86
N LYS D 140 -38.92 28.81 27.78
CA LYS D 140 -39.53 28.09 28.88
C LYS D 140 -39.01 26.66 28.93
N PRO D 141 -39.04 26.04 30.11
CA PRO D 141 -38.70 24.62 30.20
C PRO D 141 -39.73 23.79 29.43
N PRO D 142 -39.31 22.64 28.88
CA PRO D 142 -40.27 21.72 28.27
C PRO D 142 -41.36 21.34 29.27
N PRO D 143 -42.52 20.90 28.79
CA PRO D 143 -43.77 20.91 29.56
C PRO D 143 -43.76 20.15 30.90
N GLY D 144 -43.23 18.94 30.93
CA GLY D 144 -43.44 18.09 32.09
C GLY D 144 -42.45 16.98 32.37
N ASP D 145 -42.82 16.15 33.34
CA ASP D 145 -41.99 15.02 33.80
C ASP D 145 -40.55 15.41 34.09
N GLN D 146 -39.61 14.65 33.53
CA GLN D 146 -38.19 14.88 33.79
C GLN D 146 -37.79 16.30 33.42
N PHE D 147 -38.48 16.88 32.44
CA PHE D 147 -38.13 18.21 31.95
C PHE D 147 -38.40 19.29 32.98
N LYS D 148 -39.20 18.95 34.00
CA LYS D 148 -39.56 19.90 35.04
C LYS D 148 -38.42 20.19 36.00
N HIS D 149 -37.36 19.39 35.95
CA HIS D 149 -36.23 19.58 36.84
C HIS D 149 -35.28 20.65 36.30
N LEU D 150 -35.50 21.06 35.06
CA LEU D 150 -34.63 22.04 34.41
C LEU D 150 -34.98 23.47 34.76
N ILE D 151 -36.18 23.69 35.32
CA ILE D 151 -36.67 25.04 35.56
C ILE D 151 -35.73 25.95 36.37
N PRO D 152 -35.06 25.41 37.41
CA PRO D 152 -34.21 26.29 38.22
C PRO D 152 -32.98 26.79 37.46
N LEU D 153 -32.51 26.01 36.49
CA LEU D 153 -31.35 26.37 35.71
C LEU D 153 -31.56 27.67 34.92
N MET D 154 -32.77 27.85 34.41
CA MET D 154 -33.07 28.98 33.54
C MET D 154 -32.61 30.31 34.11
N TYR D 155 -32.79 30.50 35.41
CA TYR D 155 -32.45 31.75 36.07
C TYR D 155 -30.94 31.97 36.19
N LYS D 156 -30.19 30.88 36.32
CA LYS D 156 -28.74 30.96 36.33
C LYS D 156 -28.13 30.26 35.12
N GLY D 157 -27.54 31.06 34.23
CA GLY D 157 -26.88 30.57 33.03
C GLY D 157 -25.81 31.52 32.56
N LEU D 158 -24.88 31.01 31.76
CA LEU D 158 -23.75 31.79 31.28
C LEU D 158 -23.99 32.46 29.93
N PRO D 159 -23.51 33.71 29.78
CA PRO D 159 -23.47 34.39 28.49
C PRO D 159 -22.74 33.49 27.49
N TRP D 160 -23.28 33.37 26.29
CA TRP D 160 -22.81 32.33 25.36
C TRP D 160 -21.35 32.48 24.95
N ASN D 161 -20.81 33.70 25.03
CA ASN D 161 -19.39 33.92 24.80
C ASN D 161 -18.55 33.24 25.86
N VAL D 162 -19.06 33.23 27.09
CA VAL D 162 -18.40 32.56 28.21
C VAL D 162 -18.58 31.05 28.10
N VAL D 163 -19.75 30.62 27.63
CA VAL D 163 -20.02 29.21 27.43
C VAL D 163 -19.05 28.62 26.41
N ARG D 164 -18.70 29.41 25.40
CA ARG D 164 -17.80 28.96 24.35
C ARG D 164 -16.40 28.62 24.87
N ILE D 165 -15.79 29.57 25.56
CA ILE D 165 -14.44 29.39 26.10
C ILE D 165 -14.34 28.15 26.98
N LYS D 166 -15.25 28.04 27.94
CA LYS D 166 -15.27 26.88 28.85
C LYS D 166 -15.34 25.56 28.10
N ILE D 167 -16.04 25.55 26.96
CA ILE D 167 -16.08 24.36 26.11
C ILE D 167 -14.71 24.06 25.49
N VAL D 168 -14.08 25.10 24.93
CA VAL D 168 -12.78 24.98 24.30
C VAL D 168 -11.69 24.66 25.32
N GLN D 169 -11.73 25.35 26.45
CA GLN D 169 -10.78 25.12 27.54
C GLN D 169 -10.84 23.66 27.98
N MET D 170 -12.04 23.23 28.38
CA MET D 170 -12.28 21.83 28.75
C MET D 170 -11.81 20.88 27.66
N LEU D 171 -12.29 21.10 26.44
CA LEU D 171 -11.90 20.28 25.31
C LEU D 171 -10.38 20.26 25.17
N SER D 172 -9.76 21.41 25.43
CA SER D 172 -8.31 21.50 25.32
C SER D 172 -7.61 20.69 26.42
N ASP D 173 -7.96 20.95 27.67
CA ASP D 173 -7.35 20.26 28.79
C ASP D 173 -7.39 18.76 28.61
N THR D 174 -8.55 18.26 28.19
CA THR D 174 -8.79 16.83 28.09
C THR D 174 -8.02 16.15 26.95
N LEU D 175 -8.14 16.69 25.74
CA LEU D 175 -7.59 16.05 24.55
C LEU D 175 -6.14 16.39 24.20
N LYS D 176 -5.58 17.44 24.78
CA LYS D 176 -4.26 17.91 24.36
C LYS D 176 -3.21 16.79 24.39
N GLY D 177 -3.35 15.87 25.32
CA GLY D 177 -2.46 14.71 25.38
C GLY D 177 -2.78 13.65 24.35
N LEU D 178 -4.05 13.32 24.24
CA LEU D 178 -4.50 12.13 23.52
C LEU D 178 -4.55 12.24 21.99
N SER D 179 -5.14 13.31 21.47
CA SER D 179 -5.39 13.37 20.03
C SER D 179 -5.22 14.77 19.45
N ASP D 180 -5.16 14.83 18.12
CA ASP D 180 -5.06 16.11 17.41
C ASP D 180 -6.44 16.61 17.01
N ARG D 181 -7.47 15.84 17.37
CA ARG D 181 -8.82 16.17 16.92
C ARG D 181 -9.88 15.70 17.91
N VAL D 182 -11.07 16.29 17.81
CA VAL D 182 -12.23 15.85 18.57
C VAL D 182 -13.10 14.95 17.71
N VAL D 183 -13.69 13.93 18.32
CA VAL D 183 -14.81 13.23 17.72
C VAL D 183 -15.97 13.22 18.71
N PHE D 184 -17.03 13.94 18.36
CA PHE D 184 -18.22 13.96 19.18
C PHE D 184 -19.08 12.71 18.94
N VAL D 185 -19.41 12.02 20.02
CA VAL D 185 -20.34 10.90 19.97
C VAL D 185 -21.69 11.37 20.50
N LEU D 186 -22.73 11.18 19.69
CA LEU D 186 -24.08 11.62 20.04
C LEU D 186 -25.15 10.66 19.51
N TRP D 187 -26.23 10.52 20.28
CA TRP D 187 -27.29 9.58 19.94
C TRP D 187 -28.21 10.09 18.83
N ALA D 188 -28.72 11.31 19.00
CA ALA D 188 -29.46 11.99 17.95
C ALA D 188 -28.89 13.40 17.79
N HIS D 189 -28.27 13.65 16.65
CA HIS D 189 -27.45 14.85 16.46
C HIS D 189 -28.26 16.09 16.13
N GLY D 190 -29.57 15.91 15.95
CA GLY D 190 -30.41 16.99 15.48
C GLY D 190 -30.32 18.25 16.32
N PHE D 191 -30.59 18.13 17.61
CA PHE D 191 -30.47 19.27 18.51
C PHE D 191 -29.03 19.46 18.97
N GLU D 192 -28.24 18.40 18.88
CA GLU D 192 -26.82 18.50 19.24
C GLU D 192 -26.05 19.29 18.18
N LEU D 193 -26.26 18.96 16.91
CA LEU D 193 -25.61 19.70 15.83
C LEU D 193 -26.07 21.14 15.85
N THR D 194 -27.37 21.34 16.11
CA THR D 194 -27.94 22.68 16.21
C THR D 194 -27.24 23.55 17.27
N SER D 195 -26.96 22.95 18.42
CA SER D 195 -26.24 23.66 19.47
C SER D 195 -24.80 23.96 19.05
N MET D 196 -24.24 23.08 18.24
CA MET D 196 -22.87 23.25 17.75
C MET D 196 -22.69 24.59 17.02
N LYS D 197 -23.76 25.05 16.38
CA LYS D 197 -23.75 26.34 15.69
C LYS D 197 -23.25 27.43 16.61
N TYR D 198 -23.55 27.29 17.89
CA TYR D 198 -23.18 28.28 18.88
C TYR D 198 -21.66 28.33 19.14
N PHE D 199 -21.06 27.19 19.47
CA PHE D 199 -19.63 27.16 19.80
C PHE D 199 -18.66 26.73 18.70
N VAL D 200 -19.14 26.33 17.53
CA VAL D 200 -18.21 25.82 16.51
C VAL D 200 -18.22 26.56 15.16
N LYS D 201 -17.05 26.66 14.55
CA LYS D 201 -16.88 27.26 13.22
C LYS D 201 -16.33 26.17 12.30
N ILE D 202 -16.45 26.36 10.98
CA ILE D 202 -16.00 25.35 10.03
C ILE D 202 -15.14 25.96 8.92
N GLY D 203 -14.43 25.10 8.18
CA GLY D 203 -13.56 25.55 7.10
C GLY D 203 -12.52 24.51 6.72
N PRO D 204 -11.56 24.91 5.86
CA PRO D 204 -10.53 23.98 5.39
C PRO D 204 -9.47 23.70 6.45
N GLU D 205 -8.84 22.54 6.36
CA GLU D 205 -7.81 22.15 7.31
C GLU D 205 -6.67 23.16 7.36
N ARG D 206 -6.21 23.49 8.56
CA ARG D 206 -5.15 24.46 8.76
C ARG D 206 -4.23 24.07 9.90
N THR D 207 -3.00 24.55 9.86
CA THR D 207 -2.05 24.33 10.95
C THR D 207 -2.29 25.32 12.09
N CYS D 208 -1.88 24.96 13.30
CA CYS D 208 -1.78 25.92 14.40
C CYS D 208 -0.88 27.05 13.93
N CYS D 209 -1.20 28.27 14.30
CA CYS D 209 -0.37 29.41 13.96
C CYS D 209 1.02 29.27 14.59
N LEU D 210 1.05 28.86 15.85
CA LEU D 210 2.30 28.81 16.62
C LEU D 210 3.15 27.56 16.36
N CYS D 211 2.49 26.42 16.18
CA CYS D 211 3.17 25.14 15.94
C CYS D 211 2.65 24.54 14.65
N ASP D 212 3.11 23.33 14.32
CA ASP D 212 2.52 22.61 13.20
C ASP D 212 1.74 21.42 13.73
N LYS D 213 0.42 21.57 13.72
CA LYS D 213 -0.50 20.50 14.08
C LYS D 213 -1.87 20.87 13.51
N ARG D 214 -2.73 19.86 13.37
CA ARG D 214 -4.09 20.12 12.94
C ARG D 214 -4.68 21.11 13.94
N ALA D 215 -5.19 22.23 13.43
CA ALA D 215 -5.69 23.29 14.28
C ALA D 215 -7.10 22.97 14.76
N THR D 216 -7.26 22.83 16.07
CA THR D 216 -8.57 22.51 16.64
C THR D 216 -9.43 23.72 16.96
N CYS D 217 -8.81 24.88 17.09
CA CYS D 217 -9.50 26.00 17.70
C CYS D 217 -9.31 27.34 16.99
N PHE D 218 -10.34 28.19 17.06
CA PHE D 218 -10.32 29.47 16.38
C PHE D 218 -10.64 30.60 17.36
N SER D 219 -10.02 31.75 17.14
CA SER D 219 -10.29 32.94 17.95
C SER D 219 -10.84 34.06 17.08
N THR D 220 -11.98 34.61 17.48
CA THR D 220 -12.58 35.74 16.79
C THR D 220 -11.93 37.05 17.22
N SER D 221 -11.48 37.11 18.46
CA SER D 221 -10.96 38.35 19.04
C SER D 221 -9.85 38.90 18.16
N SER D 222 -8.79 38.11 17.99
CA SER D 222 -7.76 38.38 17.00
C SER D 222 -7.69 37.14 16.12
N ASP D 223 -8.05 37.30 14.85
CA ASP D 223 -8.27 36.14 13.98
C ASP D 223 -7.03 35.27 13.98
N THR D 224 -7.20 34.01 14.40
CA THR D 224 -6.09 33.07 14.56
C THR D 224 -6.57 31.63 14.62
N TYR D 225 -5.66 30.68 14.43
CA TYR D 225 -5.95 29.25 14.59
C TYR D 225 -4.95 28.58 15.53
N ALA D 226 -5.44 27.71 16.42
CA ALA D 226 -4.56 27.01 17.34
C ALA D 226 -4.89 25.52 17.48
N CYS D 227 -3.89 24.78 17.97
CA CYS D 227 -4.07 23.41 18.42
C CYS D 227 -4.55 23.47 19.86
N TRP D 228 -4.60 22.32 20.53
CA TRP D 228 -5.07 22.28 21.91
C TRP D 228 -4.02 22.75 22.92
N ASN D 229 -2.76 22.80 22.50
CA ASN D 229 -1.71 23.34 23.36
C ASN D 229 -1.69 24.87 23.37
N HIS D 230 -1.99 25.48 22.23
CA HIS D 230 -1.94 26.93 22.08
C HIS D 230 -3.27 27.65 22.23
N SER D 231 -4.33 26.92 22.57
CA SER D 231 -5.62 27.57 22.65
C SER D 231 -5.90 28.00 24.09
N VAL D 232 -5.85 29.30 24.31
CA VAL D 232 -6.22 29.92 25.58
C VAL D 232 -6.98 31.19 25.29
N GLY D 233 -8.21 31.28 25.82
CA GLY D 233 -9.09 32.37 25.48
C GLY D 233 -9.67 32.17 24.09
N PHE D 234 -9.55 30.93 23.59
CA PHE D 234 -10.11 30.57 22.29
C PHE D 234 -11.59 30.20 22.43
N ASP D 235 -12.42 30.87 21.64
CA ASP D 235 -13.87 30.81 21.80
C ASP D 235 -14.59 29.82 20.89
N TYR D 236 -13.86 29.19 19.97
CA TYR D 236 -14.51 28.35 18.96
C TYR D 236 -13.72 27.06 18.68
N VAL D 237 -14.45 26.02 18.25
CA VAL D 237 -13.86 24.73 17.87
C VAL D 237 -13.82 24.64 16.33
N TYR D 238 -12.62 24.71 15.78
CA TYR D 238 -12.46 24.96 14.34
C TYR D 238 -12.96 23.87 13.39
N ASN D 239 -12.47 22.64 13.57
CA ASN D 239 -12.92 21.53 12.72
C ASN D 239 -13.23 20.24 13.49
N PRO D 240 -14.30 20.25 14.27
CA PRO D 240 -14.71 19.10 15.06
C PRO D 240 -15.19 17.97 14.17
N PHE D 241 -15.11 16.75 14.66
CA PHE D 241 -15.60 15.58 13.95
C PHE D 241 -16.71 14.98 14.80
N MET D 242 -17.58 14.21 14.18
CA MET D 242 -18.69 13.62 14.92
C MET D 242 -19.17 12.32 14.31
N ILE D 243 -19.81 11.49 15.12
CA ILE D 243 -20.36 10.24 14.67
C ILE D 243 -21.69 9.99 15.36
N ASP D 244 -22.71 9.65 14.59
CA ASP D 244 -24.00 9.30 15.17
C ASP D 244 -24.05 7.80 15.41
N VAL D 245 -24.18 7.41 16.67
CA VAL D 245 -24.13 5.99 17.04
C VAL D 245 -25.42 5.26 16.70
N GLN D 246 -26.48 6.02 16.40
CA GLN D 246 -27.76 5.41 16.03
C GLN D 246 -27.81 5.15 14.53
N GLN D 247 -26.85 5.72 13.81
CA GLN D 247 -26.80 5.58 12.34
C GLN D 247 -26.28 4.21 11.93
N TRP D 248 -25.63 3.52 12.87
CA TRP D 248 -25.27 2.12 12.66
C TRP D 248 -26.55 1.33 12.89
N GLY D 249 -27.48 1.95 13.60
CA GLY D 249 -28.82 1.45 13.79
C GLY D 249 -29.01 0.65 15.06
N PHE D 250 -30.18 0.81 15.67
CA PHE D 250 -30.54 0.10 16.90
C PHE D 250 -32.06 0.11 17.07
N THR D 251 -32.57 -0.84 17.84
CA THR D 251 -34.00 -0.93 18.09
C THR D 251 -34.53 0.14 19.05
N GLY D 252 -33.94 0.23 20.23
CA GLY D 252 -34.51 1.03 21.30
C GLY D 252 -34.05 2.48 21.34
N ASN D 253 -34.43 3.16 22.41
CA ASN D 253 -33.83 4.45 22.74
C ASN D 253 -32.49 4.18 23.41
N LEU D 254 -31.57 5.13 23.32
CA LEU D 254 -30.22 4.93 23.83
C LEU D 254 -30.19 4.48 25.30
N GLN D 255 -31.12 4.98 26.09
CA GLN D 255 -31.24 4.56 27.49
C GLN D 255 -31.31 3.04 27.60
N SER D 256 -32.12 2.43 26.73
CA SER D 256 -32.36 1.00 26.79
C SER D 256 -31.14 0.19 26.36
N ASN D 257 -30.41 0.70 25.37
CA ASN D 257 -29.31 -0.05 24.78
C ASN D 257 -28.06 -0.06 25.64
N HIS D 258 -27.88 0.98 26.44
CA HIS D 258 -26.69 1.07 27.25
C HIS D 258 -26.76 0.24 28.54
N ASP D 259 -27.69 0.60 29.41
CA ASP D 259 -27.76 0.03 30.76
C ASP D 259 -27.95 -1.49 30.80
N GLN D 260 -28.28 -2.08 29.66
CA GLN D 260 -28.30 -3.53 29.52
C GLN D 260 -26.87 -4.05 29.49
N HIS D 261 -25.99 -3.34 28.79
CA HIS D 261 -24.58 -3.68 28.72
C HIS D 261 -23.81 -3.21 29.97
N CYS D 262 -24.18 -2.04 30.48
CA CYS D 262 -23.49 -1.41 31.61
C CYS D 262 -24.43 -0.95 32.74
N GLN D 263 -24.22 -1.48 33.93
CA GLN D 263 -24.94 -1.01 35.12
C GLN D 263 -24.19 0.08 35.89
N VAL D 264 -22.91 0.28 35.54
CA VAL D 264 -22.03 1.14 36.34
C VAL D 264 -22.49 2.59 36.42
N HIS D 265 -22.71 3.22 35.27
CA HIS D 265 -23.26 4.57 35.26
C HIS D 265 -24.76 4.59 34.88
N GLY D 266 -25.60 4.87 35.87
CA GLY D 266 -27.02 4.98 35.65
C GLY D 266 -27.41 6.42 35.38
N ASN D 267 -28.65 6.63 34.94
CA ASN D 267 -29.08 7.96 34.57
C ASN D 267 -29.34 8.86 35.78
N ALA D 268 -28.74 10.04 35.77
CA ALA D 268 -29.04 11.06 36.76
C ALA D 268 -30.11 11.98 36.20
N HIS D 269 -30.57 11.65 34.99
CA HIS D 269 -31.53 12.47 34.28
C HIS D 269 -30.92 13.82 34.01
N VAL D 270 -29.60 13.83 33.86
CA VAL D 270 -28.84 15.04 33.59
C VAL D 270 -28.05 14.84 32.29
N ALA D 271 -27.83 15.94 31.58
CA ALA D 271 -27.20 15.88 30.26
C ALA D 271 -25.91 15.08 30.24
N SER D 272 -24.96 15.40 31.13
CA SER D 272 -23.67 14.72 31.16
C SER D 272 -23.78 13.20 31.13
N CYS D 273 -24.66 12.66 31.98
CA CYS D 273 -24.86 11.22 32.07
C CYS D 273 -25.30 10.64 30.72
N ASP D 274 -26.09 11.41 29.98
CA ASP D 274 -26.54 11.00 28.65
C ASP D 274 -25.35 10.91 27.69
N ALA D 275 -24.42 11.85 27.81
CA ALA D 275 -23.21 11.82 26.99
C ALA D 275 -22.32 10.64 27.37
N ILE D 276 -22.03 10.52 28.66
CA ILE D 276 -21.27 9.39 29.19
C ILE D 276 -21.86 8.09 28.67
N MET D 277 -23.17 7.97 28.82
CA MET D 277 -23.90 6.79 28.38
C MET D 277 -23.66 6.52 26.91
N THR D 278 -23.73 7.57 26.10
CA THR D 278 -23.54 7.45 24.66
C THR D 278 -22.16 6.88 24.35
N ARG D 279 -21.14 7.40 25.02
CA ARG D 279 -19.77 6.93 24.78
C ARG D 279 -19.66 5.46 25.16
N CYS D 280 -20.23 5.14 26.31
CA CYS D 280 -20.26 3.79 26.86
C CYS D 280 -20.79 2.79 25.83
N LEU D 281 -21.98 3.07 25.31
CA LEU D 281 -22.56 2.28 24.25
C LEU D 281 -21.63 2.28 23.04
N ALA D 282 -21.10 3.46 22.72
CA ALA D 282 -20.24 3.64 21.55
C ALA D 282 -19.01 2.73 21.59
N VAL D 283 -18.23 2.81 22.66
CA VAL D 283 -17.03 1.97 22.80
C VAL D 283 -17.33 0.47 22.67
N HIS D 284 -18.39 0.02 23.35
CA HIS D 284 -18.71 -1.40 23.40
C HIS D 284 -18.83 -2.06 22.02
N GLU D 285 -19.68 -1.49 21.18
CA GLU D 285 -20.04 -2.12 19.91
C GLU D 285 -18.87 -2.39 18.97
N CYS D 286 -17.91 -1.48 18.90
CA CYS D 286 -16.76 -1.63 18.02
C CYS D 286 -15.51 -2.20 18.69
N PHE D 287 -15.63 -2.54 19.97
CA PHE D 287 -14.45 -2.89 20.77
C PHE D 287 -14.51 -4.23 21.52
N VAL D 288 -15.45 -4.37 22.44
CA VAL D 288 -15.54 -5.57 23.26
C VAL D 288 -15.42 -6.86 22.44
N LYS D 289 -16.09 -6.91 21.29
CA LYS D 289 -15.90 -8.02 20.38
C LYS D 289 -14.41 -8.05 20.00
N ARG D 290 -13.82 -9.24 19.97
CA ARG D 290 -12.36 -9.34 20.08
C ARG D 290 -11.60 -8.42 19.12
N VAL D 291 -10.61 -7.73 19.68
CA VAL D 291 -9.96 -6.57 19.07
C VAL D 291 -9.34 -6.79 17.69
N ASP D 292 -9.49 -5.78 16.84
CA ASP D 292 -8.86 -5.75 15.52
C ASP D 292 -7.37 -5.43 15.64
N TRP D 293 -6.54 -6.32 15.09
CA TRP D 293 -5.09 -6.13 15.17
C TRP D 293 -4.55 -5.34 13.98
N SER D 294 -5.43 -4.95 13.07
CA SER D 294 -5.04 -4.18 11.90
C SER D 294 -5.18 -2.68 12.15
N VAL D 295 -5.70 -2.32 13.31
CA VAL D 295 -5.75 -0.92 13.71
C VAL D 295 -4.65 -0.65 14.74
N GLU D 296 -3.82 0.35 14.47
CA GLU D 296 -2.63 0.60 15.29
C GLU D 296 -2.53 2.04 15.75
N TYR D 297 -2.46 2.23 17.06
CA TYR D 297 -2.45 3.56 17.65
C TYR D 297 -1.05 4.10 17.93
N PRO D 298 -0.84 5.39 17.64
CA PRO D 298 0.39 6.14 17.88
C PRO D 298 0.77 6.18 19.35
N ILE D 299 2.01 6.56 19.65
CA ILE D 299 2.52 6.59 21.02
C ILE D 299 2.31 7.97 21.65
N ILE D 300 1.40 8.05 22.61
CA ILE D 300 1.10 9.30 23.32
C ILE D 300 2.13 9.63 24.39
N GLY D 301 2.41 8.63 25.22
CA GLY D 301 3.32 8.73 26.34
C GLY D 301 3.89 7.35 26.50
N ASP D 302 5.06 7.22 27.12
CA ASP D 302 5.86 6.05 26.81
C ASP D 302 5.04 4.78 26.98
N GLU D 303 4.83 4.09 25.86
CA GLU D 303 4.39 2.71 25.89
C GLU D 303 5.61 1.80 25.68
N LEU D 304 6.72 2.43 25.31
CA LEU D 304 7.90 1.69 24.85
C LEU D 304 8.64 0.98 25.99
N ARG D 305 8.76 1.66 27.12
CA ARG D 305 9.39 1.08 28.29
C ARG D 305 8.48 0.03 28.92
N VAL D 306 7.17 0.30 28.91
CA VAL D 306 6.19 -0.61 29.49
C VAL D 306 6.09 -1.93 28.72
N ASN D 307 5.96 -1.84 27.40
CA ASN D 307 5.98 -3.02 26.54
C ASN D 307 7.27 -3.80 26.70
N SER D 308 8.38 -3.08 26.83
CA SER D 308 9.67 -3.71 27.04
C SER D 308 9.70 -4.40 28.40
N ALA D 309 9.26 -3.69 29.43
CA ALA D 309 9.31 -4.21 30.79
C ALA D 309 8.41 -5.43 30.93
N CYS D 310 7.25 -5.38 30.28
CA CYS D 310 6.32 -6.50 30.27
C CYS D 310 6.99 -7.76 29.73
N ARG D 311 7.38 -7.73 28.46
CA ARG D 311 8.02 -8.86 27.82
C ARG D 311 9.24 -9.35 28.61
N LYS D 312 9.87 -8.44 29.35
CA LYS D 312 11.00 -8.83 30.18
C LYS D 312 10.56 -9.64 31.39
N VAL D 313 9.61 -9.08 32.16
CA VAL D 313 9.04 -9.77 33.30
C VAL D 313 8.38 -11.07 32.85
N GLN D 314 7.75 -11.01 31.67
CA GLN D 314 7.12 -12.18 31.06
C GLN D 314 8.08 -13.36 31.01
N HIS D 315 9.13 -13.23 30.21
CA HIS D 315 10.12 -14.29 30.05
C HIS D 315 10.68 -14.76 31.39
N MET D 316 10.84 -13.83 32.34
CA MET D 316 11.40 -14.14 33.66
C MET D 316 10.55 -15.08 34.50
N VAL D 317 9.31 -14.70 34.76
CA VAL D 317 8.46 -15.42 35.70
C VAL D 317 8.05 -16.80 35.18
N VAL D 318 7.87 -16.92 33.86
CA VAL D 318 7.46 -18.18 33.27
C VAL D 318 8.62 -19.19 33.17
N LYS D 319 9.78 -18.71 32.71
CA LYS D 319 10.96 -19.56 32.71
C LYS D 319 11.26 -20.02 34.13
N SER D 320 11.01 -19.13 35.10
CA SER D 320 11.22 -19.47 36.50
C SER D 320 10.25 -20.55 36.96
N ALA D 321 8.97 -20.29 36.77
CA ALA D 321 7.92 -21.23 37.17
C ALA D 321 8.13 -22.58 36.51
N LEU D 322 8.52 -22.56 35.23
CA LEU D 322 8.82 -23.77 34.51
C LEU D 322 9.97 -24.54 35.17
N LEU D 323 10.94 -23.81 35.68
CA LEU D 323 12.13 -24.41 36.28
C LEU D 323 11.86 -25.01 37.64
N ALA D 324 11.13 -24.28 38.48
CA ALA D 324 10.84 -24.75 39.83
C ALA D 324 10.03 -26.04 39.81
N ASP D 325 8.86 -26.00 39.19
CA ASP D 325 7.93 -27.12 39.24
C ASP D 325 7.98 -28.03 38.01
N LYS D 326 8.90 -27.72 37.09
CA LYS D 326 9.22 -28.61 35.98
C LYS D 326 8.00 -29.15 35.21
N PHE D 327 7.07 -28.26 34.90
CA PHE D 327 5.85 -28.64 34.20
C PHE D 327 6.11 -29.34 32.87
N PRO D 328 5.36 -30.42 32.59
CA PRO D 328 5.48 -31.21 31.35
C PRO D 328 5.04 -30.44 30.12
N VAL D 329 3.98 -29.64 30.26
CA VAL D 329 3.35 -28.99 29.12
C VAL D 329 2.86 -27.57 29.45
N LEU D 330 2.84 -26.71 28.44
CA LEU D 330 2.38 -25.34 28.62
C LEU D 330 1.16 -25.06 27.75
N HIS D 331 0.08 -24.62 28.39
CA HIS D 331 -1.08 -24.15 27.65
C HIS D 331 -1.10 -22.63 27.67
N ASP D 332 -0.83 -22.04 26.52
CA ASP D 332 -0.84 -20.59 26.41
C ASP D 332 -2.23 -20.15 25.98
N ILE D 333 -2.92 -19.44 26.87
CA ILE D 333 -4.29 -19.02 26.60
C ILE D 333 -4.29 -17.56 26.17
N GLY D 334 -4.85 -17.30 24.99
CA GLY D 334 -4.86 -15.95 24.43
C GLY D 334 -3.54 -15.56 23.78
N ASN D 335 -2.96 -16.47 23.01
CA ASN D 335 -1.75 -16.17 22.25
C ASN D 335 -1.92 -16.46 20.76
N PRO D 336 -2.42 -15.46 20.01
CA PRO D 336 -2.74 -15.59 18.58
C PRO D 336 -1.53 -15.98 17.74
N LYS D 337 -0.41 -15.32 17.98
CA LYS D 337 0.82 -15.59 17.25
C LYS D 337 1.45 -16.90 17.71
N ALA D 338 2.32 -17.45 16.88
CA ALA D 338 3.01 -18.68 17.18
C ALA D 338 4.13 -18.49 18.21
N ILE D 339 4.37 -17.24 18.60
CA ILE D 339 5.56 -16.92 19.40
C ILE D 339 5.46 -17.38 20.85
N LYS D 340 6.42 -18.20 21.27
CA LYS D 340 6.53 -18.63 22.65
C LYS D 340 7.50 -17.72 23.38
N CYS D 341 7.17 -17.37 24.62
CA CYS D 341 7.95 -16.38 25.36
C CYS D 341 9.19 -16.95 26.03
N VAL D 342 9.29 -18.27 26.05
CA VAL D 342 10.53 -18.94 26.46
C VAL D 342 10.88 -19.98 25.40
N PRO D 343 11.41 -19.52 24.27
CA PRO D 343 11.72 -20.39 23.12
C PRO D 343 12.60 -21.57 23.51
N GLN D 344 13.56 -21.34 24.41
CA GLN D 344 14.53 -22.37 24.76
C GLN D 344 13.99 -23.48 25.66
N ALA D 345 12.85 -23.21 26.30
CA ALA D 345 12.26 -24.18 27.21
C ALA D 345 12.06 -25.53 26.54
N GLU D 346 12.32 -26.60 27.27
CA GLU D 346 12.16 -27.95 26.75
C GLU D 346 10.69 -28.36 26.73
N VAL D 347 9.87 -27.56 27.39
CA VAL D 347 8.47 -27.90 27.62
C VAL D 347 7.67 -28.00 26.32
N GLU D 348 6.57 -28.76 26.35
CA GLU D 348 5.66 -28.82 25.22
C GLU D 348 4.76 -27.60 25.23
N TRP D 349 4.80 -26.83 24.15
CA TRP D 349 4.09 -25.56 24.09
C TRP D 349 2.85 -25.66 23.22
N LYS D 350 1.69 -25.46 23.84
CA LYS D 350 0.42 -25.37 23.11
C LYS D 350 -0.20 -24.01 23.35
N PHE D 351 -0.48 -23.28 22.27
CA PHE D 351 -1.24 -22.04 22.41
C PHE D 351 -2.65 -22.20 21.87
N TYR D 352 -3.64 -21.75 22.63
CA TYR D 352 -4.98 -21.60 22.08
C TYR D 352 -5.47 -20.19 22.31
N ASP D 353 -6.01 -19.59 21.26
CA ASP D 353 -6.62 -18.30 21.39
C ASP D 353 -7.95 -18.25 20.67
N ALA D 354 -8.88 -17.49 21.22
CA ALA D 354 -10.20 -17.39 20.65
C ALA D 354 -10.14 -16.78 19.24
N GLN D 355 -9.04 -16.07 18.95
CA GLN D 355 -8.88 -15.36 17.69
C GLN D 355 -7.48 -15.55 17.10
N PRO D 356 -7.18 -16.78 16.65
CA PRO D 356 -5.89 -17.06 16.01
C PRO D 356 -5.60 -16.08 14.88
N CYS D 357 -4.38 -15.57 14.80
CA CYS D 357 -3.95 -14.79 13.65
C CYS D 357 -4.13 -15.64 12.41
N SER D 358 -4.74 -15.08 11.37
CA SER D 358 -5.19 -15.89 10.24
C SER D 358 -4.07 -16.73 9.63
N ASP D 359 -2.98 -16.09 9.22
CA ASP D 359 -1.78 -16.84 8.85
C ASP D 359 -1.29 -17.54 10.10
N LYS D 360 -0.78 -18.75 9.94
CA LYS D 360 -0.42 -19.58 11.08
C LYS D 360 -1.59 -19.73 12.04
N ALA D 361 -2.76 -20.05 11.51
CA ALA D 361 -3.92 -20.32 12.34
C ALA D 361 -3.91 -21.78 12.78
N TYR D 362 -3.12 -22.59 12.10
CA TYR D 362 -3.17 -24.04 12.29
C TYR D 362 -2.59 -24.50 13.62
N LYS D 363 -1.58 -23.80 14.11
CA LYS D 363 -0.94 -24.17 15.36
C LYS D 363 -1.84 -23.91 16.57
N ILE D 364 -2.89 -23.12 16.36
CA ILE D 364 -3.70 -22.65 17.47
C ILE D 364 -5.14 -23.16 17.44
N GLU D 365 -5.62 -23.62 18.59
CA GLU D 365 -7.00 -24.03 18.75
C GLU D 365 -7.92 -22.82 18.87
N GLU D 366 -9.19 -23.00 18.57
CA GLU D 366 -10.15 -21.90 18.53
C GLU D 366 -10.73 -21.60 19.91
N LEU D 367 -10.22 -22.31 20.91
CA LEU D 367 -10.81 -22.34 22.26
C LEU D 367 -11.07 -20.97 22.88
N PHE D 368 -12.24 -20.85 23.48
CA PHE D 368 -12.59 -19.67 24.26
C PHE D 368 -12.82 -20.09 25.71
N TYR D 369 -11.98 -19.58 26.61
CA TYR D 369 -11.96 -20.06 28.00
C TYR D 369 -12.92 -19.32 28.92
N SER D 370 -13.65 -20.10 29.71
CA SER D 370 -14.37 -19.60 30.87
C SER D 370 -14.39 -20.71 31.92
N TYR D 371 -14.43 -20.33 33.18
CA TYR D 371 -14.33 -21.30 34.28
C TYR D 371 -15.48 -22.30 34.29
N ALA D 372 -16.71 -21.80 34.16
CA ALA D 372 -17.88 -22.66 34.19
C ALA D 372 -17.73 -23.86 33.26
N THR D 373 -17.25 -23.60 32.05
CA THR D 373 -17.05 -24.66 31.07
C THR D 373 -15.81 -25.51 31.34
N HIS D 374 -14.66 -24.85 31.49
CA HIS D 374 -13.37 -25.52 31.40
C HIS D 374 -12.69 -25.92 32.71
N HIS D 375 -13.38 -25.69 33.82
CA HIS D 375 -12.73 -25.89 35.12
C HIS D 375 -12.12 -27.28 35.29
N ASP D 376 -12.74 -28.29 34.69
CA ASP D 376 -12.22 -29.66 34.76
C ASP D 376 -11.33 -30.01 33.56
N LYS D 377 -11.26 -29.11 32.58
CA LYS D 377 -10.65 -29.43 31.30
C LYS D 377 -9.12 -29.58 31.29
N PHE D 378 -8.40 -28.63 31.89
CA PHE D 378 -6.95 -28.74 31.95
C PHE D 378 -6.47 -29.19 33.32
N THR D 379 -6.04 -30.44 33.41
CA THR D 379 -5.42 -30.95 34.63
C THR D 379 -3.90 -30.95 34.53
N ASP D 380 -3.40 -30.58 33.35
CA ASP D 380 -2.06 -30.97 32.94
C ASP D 380 -1.12 -29.79 32.80
N GLY D 381 0.07 -29.92 33.37
CA GLY D 381 1.09 -28.88 33.27
C GLY D 381 0.63 -27.57 33.85
N VAL D 382 0.90 -26.49 33.14
CA VAL D 382 0.49 -25.16 33.59
C VAL D 382 -0.02 -24.32 32.43
N CYS D 383 -0.99 -23.46 32.71
CA CYS D 383 -1.55 -22.55 31.72
C CYS D 383 -1.32 -21.12 32.16
N LEU D 384 -0.83 -20.28 31.26
CA LEU D 384 -0.63 -18.87 31.58
C LEU D 384 -1.61 -18.00 30.80
N PHE D 385 -2.20 -17.03 31.50
CA PHE D 385 -2.98 -16.01 30.83
C PHE D 385 -2.21 -14.70 30.97
N TRP D 386 -1.66 -14.23 29.86
CA TRP D 386 -0.94 -12.96 29.88
C TRP D 386 -1.86 -11.90 29.32
N ASN D 387 -2.31 -11.00 30.19
CA ASN D 387 -3.31 -10.04 29.77
C ASN D 387 -4.46 -10.74 29.03
N CYS D 388 -4.88 -11.89 29.55
CA CYS D 388 -5.97 -12.68 28.95
C CYS D 388 -7.19 -12.80 29.89
N ASN D 389 -8.32 -12.24 29.49
CA ASN D 389 -9.47 -12.00 30.37
C ASN D 389 -10.48 -13.15 30.49
N VAL D 390 -10.64 -13.68 31.70
CA VAL D 390 -11.61 -14.73 31.92
C VAL D 390 -12.52 -14.50 33.13
N ASP D 391 -13.59 -15.26 33.17
CA ASP D 391 -14.52 -15.26 34.30
C ASP D 391 -13.80 -15.53 35.61
N ARG D 392 -13.06 -16.64 35.66
CA ARG D 392 -12.32 -17.02 36.85
C ARG D 392 -11.06 -17.79 36.46
N TYR D 393 -10.00 -17.61 37.23
CA TYR D 393 -8.70 -18.23 36.93
C TYR D 393 -8.47 -19.54 37.66
N PRO D 394 -7.97 -20.55 36.93
CA PRO D 394 -7.59 -21.82 37.53
C PRO D 394 -6.54 -21.62 38.62
N ALA D 395 -6.50 -22.53 39.59
CA ALA D 395 -5.43 -22.52 40.59
C ALA D 395 -4.15 -22.98 39.92
N ASN D 396 -4.29 -23.40 38.66
CA ASN D 396 -3.17 -23.92 37.88
C ASN D 396 -2.46 -22.83 37.06
N ALA D 397 -2.86 -21.59 37.28
CA ALA D 397 -2.52 -20.49 36.37
C ALA D 397 -1.35 -19.59 36.75
N ILE D 398 -0.61 -19.15 35.73
CA ILE D 398 0.22 -17.95 35.83
C ILE D 398 -0.59 -16.87 35.12
N VAL D 399 -0.80 -15.71 35.76
CA VAL D 399 -1.60 -14.68 35.12
C VAL D 399 -1.13 -13.25 35.32
N CYS D 400 -1.30 -12.45 34.29
CA CYS D 400 -1.07 -11.01 34.35
C CYS D 400 -2.34 -10.27 33.94
N ARG D 401 -2.78 -9.38 34.82
CA ARG D 401 -4.03 -8.64 34.63
C ARG D 401 -3.78 -7.14 34.76
N PHE D 402 -4.23 -6.35 33.79
CA PHE D 402 -4.18 -4.89 33.93
C PHE D 402 -5.25 -4.45 34.92
N ASP D 403 -4.88 -3.56 35.83
CA ASP D 403 -5.84 -3.03 36.80
C ASP D 403 -6.46 -1.77 36.25
N THR D 404 -7.74 -1.83 35.92
CA THR D 404 -8.42 -0.75 35.20
C THR D 404 -8.56 0.51 36.05
N ARG D 405 -8.36 0.37 37.35
CA ARG D 405 -8.47 1.50 38.26
C ARG D 405 -7.33 2.51 38.09
N VAL D 406 -6.22 2.04 37.53
CA VAL D 406 -5.04 2.87 37.33
C VAL D 406 -5.29 3.97 36.29
N LEU D 407 -4.98 5.22 36.66
CA LEU D 407 -5.21 6.38 35.80
C LEU D 407 -3.97 6.73 34.97
N SER D 408 -4.10 6.67 33.64
CA SER D 408 -2.99 7.00 32.74
C SER D 408 -3.47 7.43 31.35
N ASN D 409 -2.58 8.05 30.58
CA ASN D 409 -2.85 8.42 29.19
C ASN D 409 -3.42 7.27 28.38
N LEU D 410 -2.88 6.07 28.56
CA LEU D 410 -3.28 4.90 27.78
C LEU D 410 -4.63 4.35 28.24
N ASN D 411 -5.14 4.88 29.34
CA ASN D 411 -6.36 4.36 29.93
C ASN D 411 -7.55 5.26 29.62
N LEU D 412 -8.43 4.77 28.76
CA LEU D 412 -9.68 5.44 28.42
C LEU D 412 -10.83 4.64 29.01
N PRO D 413 -11.66 5.26 29.86
CA PRO D 413 -12.72 4.49 30.53
C PRO D 413 -13.72 3.88 29.56
N GLY D 414 -13.92 2.57 29.69
CA GLY D 414 -14.86 1.84 28.86
C GLY D 414 -16.11 1.44 29.63
N CYS D 415 -16.71 0.33 29.25
CA CYS D 415 -17.82 -0.22 30.01
C CYS D 415 -17.44 -1.60 30.55
N ASP D 416 -18.30 -2.15 31.41
CA ASP D 416 -19.29 -1.34 32.12
C ASP D 416 -18.58 -0.53 33.20
N GLY D 417 -17.79 -1.22 34.01
CA GLY D 417 -16.91 -0.57 34.96
C GLY D 417 -15.47 -0.66 34.49
N GLY D 418 -15.26 -1.38 33.39
CA GLY D 418 -13.93 -1.62 32.86
C GLY D 418 -13.33 -0.43 32.15
N SER D 419 -12.25 -0.68 31.40
CA SER D 419 -11.51 0.39 30.74
C SER D 419 -10.96 -0.03 29.39
N LEU D 420 -10.88 0.92 28.45
CA LEU D 420 -10.24 0.66 27.17
C LEU D 420 -8.76 1.04 27.28
N TYR D 421 -7.89 0.04 27.22
CA TYR D 421 -6.46 0.29 27.34
C TYR D 421 -5.87 0.38 25.94
N VAL D 422 -5.44 1.59 25.56
CA VAL D 422 -4.80 1.78 24.26
C VAL D 422 -3.30 1.98 24.46
N ASN D 423 -2.53 0.95 24.08
CA ASN D 423 -1.08 0.99 24.08
C ASN D 423 -0.65 0.85 22.63
N LYS D 424 -0.97 -0.31 22.07
CA LYS D 424 -1.11 -0.53 20.65
C LYS D 424 -2.35 -1.39 20.57
N HIS D 425 -2.99 -1.50 19.41
CA HIS D 425 -4.12 -2.43 19.25
C HIS D 425 -5.07 -2.35 20.45
N ALA D 426 -5.85 -1.27 20.52
CA ALA D 426 -6.55 -0.94 21.76
C ALA D 426 -7.28 -2.13 22.37
N PHE D 427 -7.05 -2.37 23.65
CA PHE D 427 -7.60 -3.52 24.35
C PHE D 427 -8.64 -3.11 25.39
N HIS D 428 -9.87 -3.54 25.22
CA HIS D 428 -10.87 -3.37 26.27
C HIS D 428 -10.69 -4.45 27.33
N THR D 429 -10.67 -4.04 28.59
CA THR D 429 -10.58 -5.00 29.69
C THR D 429 -11.73 -4.81 30.67
N PRO D 430 -12.25 -5.92 31.20
CA PRO D 430 -13.28 -5.89 32.24
C PRO D 430 -12.71 -5.34 33.54
N ALA D 431 -13.58 -4.85 34.41
CA ALA D 431 -13.15 -4.26 35.68
C ALA D 431 -12.47 -5.28 36.57
N PHE D 432 -11.62 -4.79 37.48
CA PHE D 432 -10.88 -5.67 38.38
C PHE D 432 -11.81 -6.30 39.40
N ASP D 433 -11.79 -7.63 39.48
CA ASP D 433 -12.61 -8.35 40.44
C ASP D 433 -11.79 -9.37 41.19
N LYS D 434 -11.71 -9.19 42.50
CA LYS D 434 -10.96 -10.08 43.37
C LYS D 434 -11.41 -11.54 43.18
N SER D 435 -12.71 -11.70 42.91
CA SER D 435 -13.34 -13.02 42.86
C SER D 435 -12.72 -14.00 41.86
N ALA D 436 -12.21 -13.47 40.75
CA ALA D 436 -11.58 -14.30 39.73
C ALA D 436 -10.20 -14.78 40.17
N PHE D 437 -9.62 -14.09 41.16
CA PHE D 437 -8.29 -14.44 41.66
C PHE D 437 -8.27 -15.29 42.94
N THR D 438 -9.44 -15.62 43.47
CA THR D 438 -9.53 -16.24 44.78
C THR D 438 -8.71 -17.53 44.94
N ASN D 439 -8.65 -18.34 43.89
CA ASN D 439 -8.04 -19.66 43.99
C ASN D 439 -6.54 -19.71 43.68
N LEU D 440 -5.95 -18.55 43.41
CA LEU D 440 -4.50 -18.48 43.20
C LEU D 440 -3.85 -17.36 44.01
N LYS D 441 -2.54 -17.23 43.88
CA LYS D 441 -1.76 -16.39 44.79
C LYS D 441 -1.19 -15.14 44.13
N GLN D 442 -1.15 -14.04 44.88
CA GLN D 442 -0.50 -12.81 44.42
C GLN D 442 1.02 -12.94 44.56
N LEU D 443 1.72 -12.72 43.46
CA LEU D 443 3.15 -13.01 43.39
C LEU D 443 4.03 -11.87 43.90
N PRO D 444 4.97 -12.22 44.81
CA PRO D 444 5.98 -11.31 45.35
C PRO D 444 7.12 -11.11 44.36
N PHE D 445 7.87 -10.01 44.50
CA PHE D 445 8.99 -9.75 43.61
C PHE D 445 10.18 -10.69 43.84
N PHE D 446 10.70 -11.23 42.75
CA PHE D 446 11.95 -12.00 42.78
C PHE D 446 12.67 -11.94 41.44
N TYR D 447 14.00 -12.02 41.47
CA TYR D 447 14.81 -12.16 40.26
C TYR D 447 15.65 -13.42 40.30
N TYR D 448 15.66 -14.15 39.19
CA TYR D 448 16.40 -15.39 39.09
C TYR D 448 17.26 -15.41 37.84
N SER D 449 18.54 -15.76 37.97
CA SER D 449 19.42 -15.86 36.82
C SER D 449 20.21 -17.17 36.81
N ASP D 450 20.19 -17.85 35.68
CA ASP D 450 20.97 -19.07 35.50
C ASP D 450 22.29 -18.75 34.82
N SER D 451 22.47 -17.47 34.48
CA SER D 451 23.64 -17.05 33.69
C SER D 451 24.93 -17.17 34.48
N PRO D 452 26.01 -17.57 33.80
CA PRO D 452 27.35 -17.62 34.41
C PRO D 452 27.76 -16.24 34.90
N CYS D 453 28.27 -16.17 36.12
CA CYS D 453 28.70 -14.91 36.68
C CYS D 453 30.02 -14.39 36.14
N GLU D 454 30.25 -13.09 36.33
CA GLU D 454 31.46 -12.45 35.88
C GLU D 454 32.36 -12.08 37.06
N TYR D 466 27.06 0.69 46.82
CA TYR D 466 27.65 0.90 45.51
C TYR D 466 27.41 -0.30 44.61
N VAL D 467 28.48 -0.81 44.01
CA VAL D 467 28.41 -2.06 43.26
C VAL D 467 27.85 -3.18 44.14
N PRO D 468 28.18 -3.17 45.44
CA PRO D 468 27.57 -4.12 46.38
C PRO D 468 26.07 -3.89 46.55
N LEU D 469 25.31 -4.98 46.51
CA LEU D 469 23.87 -4.96 46.76
C LEU D 469 23.44 -6.18 47.55
N LYS D 470 22.72 -5.95 48.66
CA LYS D 470 22.22 -7.04 49.48
C LYS D 470 20.72 -7.25 49.24
N SER D 471 20.37 -8.39 48.67
CA SER D 471 18.97 -8.73 48.44
C SER D 471 18.68 -10.19 48.69
N ALA D 472 17.66 -10.45 49.50
CA ALA D 472 17.23 -11.82 49.74
C ALA D 472 16.46 -12.34 48.53
N THR D 473 16.04 -11.43 47.66
CA THR D 473 15.18 -11.78 46.53
C THR D 473 15.97 -12.02 45.25
N CYS D 474 17.28 -11.91 45.33
CA CYS D 474 18.14 -12.16 44.17
C CYS D 474 18.61 -13.61 44.20
N ILE D 475 18.11 -14.41 43.25
CA ILE D 475 18.40 -15.82 43.20
C ILE D 475 19.54 -16.11 42.22
N THR D 476 20.71 -16.48 42.74
CA THR D 476 21.83 -16.80 41.88
C THR D 476 22.82 -17.72 42.59
N ARG D 477 23.62 -18.44 41.82
CA ARG D 477 24.63 -19.34 42.39
C ARG D 477 25.48 -18.55 43.35
N CYS D 478 25.65 -17.28 43.02
CA CYS D 478 26.66 -16.43 43.61
C CYS D 478 26.21 -15.75 44.92
N ASN D 479 24.96 -15.96 45.33
CA ASN D 479 24.38 -15.28 46.50
C ASN D 479 24.48 -16.07 47.81
N LEU D 480 25.33 -15.60 48.72
CA LEU D 480 25.51 -16.26 50.01
C LEU D 480 24.72 -15.57 51.12
N GLY D 481 23.98 -14.54 50.74
CA GLY D 481 23.17 -13.76 51.66
C GLY D 481 23.85 -12.49 52.15
N GLY D 482 25.18 -12.50 52.11
CA GLY D 482 25.97 -11.30 52.39
C GLY D 482 26.12 -10.30 51.25
N ALA D 483 26.50 -10.78 50.07
CA ALA D 483 26.90 -9.89 48.98
C ALA D 483 26.58 -10.39 47.57
N VAL D 484 26.63 -9.46 46.61
CA VAL D 484 26.12 -9.73 45.26
C VAL D 484 27.21 -9.69 44.19
N CYS D 485 26.95 -10.37 43.08
CA CYS D 485 27.98 -10.68 42.12
C CYS D 485 27.87 -9.87 40.83
N ARG D 486 28.72 -8.86 40.69
CA ARG D 486 29.14 -8.38 39.37
C ARG D 486 27.98 -8.30 38.38
N HIS D 487 28.13 -9.09 37.32
CA HIS D 487 27.15 -9.23 36.26
C HIS D 487 25.73 -9.40 36.81
N HIS D 488 25.61 -10.33 37.74
CA HIS D 488 24.34 -10.70 38.36
C HIS D 488 23.65 -9.53 39.07
N ALA D 489 24.45 -8.73 39.76
CA ALA D 489 24.01 -7.54 40.46
C ALA D 489 23.47 -6.46 39.52
N ASN D 490 24.16 -6.28 38.40
CA ASN D 490 23.70 -5.36 37.36
C ASN D 490 22.35 -5.82 36.81
N GLU D 491 22.28 -7.11 36.48
CA GLU D 491 21.08 -7.71 35.90
C GLU D 491 19.89 -7.58 36.84
N TYR D 492 20.11 -7.88 38.12
CA TYR D 492 19.09 -7.69 39.15
C TYR D 492 18.57 -6.26 39.11
N ARG D 493 19.45 -5.31 39.41
CA ARG D 493 19.12 -3.90 39.45
C ARG D 493 18.36 -3.45 38.20
N GLN D 494 18.77 -3.93 37.03
CA GLN D 494 18.04 -3.61 35.81
C GLN D 494 16.62 -4.14 35.90
N TYR D 495 16.48 -5.40 36.26
CA TYR D 495 15.18 -6.07 36.30
C TYR D 495 14.23 -5.39 37.28
N LEU D 496 14.74 -5.07 38.46
CA LEU D 496 13.94 -4.42 39.50
C LEU D 496 13.32 -3.12 38.98
N ASP D 497 14.10 -2.35 38.25
CA ASP D 497 13.60 -1.12 37.65
C ASP D 497 12.53 -1.45 36.63
N ALA D 498 12.76 -2.49 35.85
CA ALA D 498 11.78 -2.92 34.85
C ALA D 498 10.50 -3.35 35.52
N TYR D 499 10.64 -4.19 36.54
CA TYR D 499 9.51 -4.65 37.34
C TYR D 499 8.68 -3.47 37.82
N ASN D 500 9.34 -2.50 38.45
CA ASN D 500 8.67 -1.32 38.97
C ASN D 500 7.91 -0.52 37.92
N MET D 501 8.46 -0.45 36.71
CA MET D 501 7.79 0.22 35.60
C MET D 501 6.44 -0.41 35.35
N MET D 502 6.44 -1.72 35.15
CA MET D 502 5.22 -2.48 34.90
C MET D 502 4.24 -2.41 36.06
N ILE D 503 4.77 -2.40 37.28
CA ILE D 503 3.93 -2.30 38.47
C ILE D 503 3.23 -0.94 38.53
N SER D 504 4.01 0.13 38.39
CA SER D 504 3.47 1.48 38.37
C SER D 504 2.59 1.68 37.14
N ALA D 505 2.77 0.83 36.14
CA ALA D 505 1.97 0.91 34.92
C ALA D 505 0.55 0.38 35.15
N GLY D 506 0.37 -0.31 36.27
CA GLY D 506 -0.94 -0.76 36.69
C GLY D 506 -1.24 -2.23 36.45
N PHE D 507 -0.22 -3.00 36.12
CA PHE D 507 -0.37 -4.45 35.97
C PHE D 507 -0.12 -5.18 37.30
N SER D 508 -0.91 -6.23 37.54
CA SER D 508 -0.69 -7.10 38.70
C SER D 508 -0.53 -8.53 38.19
N LEU D 509 0.40 -9.27 38.80
CA LEU D 509 0.62 -10.66 38.42
C LEU D 509 0.26 -11.63 39.54
N TRP D 510 -0.38 -12.73 39.17
CA TRP D 510 -0.82 -13.73 40.14
C TRP D 510 -0.32 -15.11 39.74
N ILE D 511 0.07 -15.91 40.74
CA ILE D 511 0.69 -17.20 40.49
C ILE D 511 0.01 -18.29 41.32
N TYR D 512 0.21 -19.55 40.93
CA TYR D 512 -0.38 -20.66 41.68
C TYR D 512 0.19 -20.74 43.10
N LYS D 513 -0.66 -21.11 44.05
CA LYS D 513 -0.29 -21.09 45.46
C LYS D 513 0.97 -21.92 45.75
N GLN D 514 1.19 -22.96 44.97
CA GLN D 514 2.29 -23.89 45.21
C GLN D 514 3.66 -23.25 44.99
N PHE D 515 3.69 -22.11 44.31
CA PHE D 515 4.95 -21.49 43.92
C PHE D 515 5.71 -20.88 45.09
N ASP D 516 6.96 -21.29 45.22
CA ASP D 516 7.84 -20.82 46.29
C ASP D 516 9.27 -20.60 45.80
N THR D 517 9.84 -19.47 46.18
CA THR D 517 11.18 -19.10 45.74
C THR D 517 12.26 -20.15 46.02
N TYR D 518 12.09 -20.91 47.09
CA TYR D 518 13.11 -21.91 47.46
C TYR D 518 13.23 -23.03 46.43
N ASN D 519 12.10 -23.37 45.81
CA ASN D 519 12.09 -24.36 44.73
C ASN D 519 13.02 -23.96 43.59
N LEU D 520 13.25 -22.64 43.46
CA LEU D 520 14.19 -22.11 42.50
C LEU D 520 15.62 -22.25 42.99
N TRP D 521 15.80 -22.02 44.29
CA TRP D 521 17.13 -22.00 44.90
C TRP D 521 17.96 -23.24 44.57
N ASN D 522 17.32 -24.40 44.65
CA ASN D 522 18.02 -25.67 44.45
C ASN D 522 18.78 -25.78 43.13
N THR D 523 18.30 -25.11 42.10
CA THR D 523 18.72 -25.37 40.73
C THR D 523 20.23 -25.49 40.55
N PHE D 524 21.00 -24.63 41.21
CA PHE D 524 22.46 -24.73 41.13
C PHE D 524 22.97 -25.84 42.06
N THR D 525 22.41 -25.91 43.27
CA THR D 525 22.81 -26.94 44.22
C THR D 525 22.02 -28.21 43.94
N ARG D 526 21.19 -28.15 42.90
CA ARG D 526 20.36 -29.29 42.51
C ARG D 526 21.18 -30.32 41.74
#